data_5WPY
#
_entry.id   5WPY
#
loop_
_entity.id
_entity.type
_entity.pdbx_description
1 polymer 'Peptidyl carrier protein'
2 non-polymer N~3~-[(2S)-2-hydroxy-3,3-dimethyl-4-(phosphonooxy)butanoyl]-N-(2-sulfanylethyl)-beta-alaninamide
#
_entity_poly.entity_id   1
_entity_poly.type   'polypeptide(L)'
_entity_poly.pdbx_seq_one_letter_code
;MQHASVIAQFVVEEFLPDVAPADVDVDLDLVDNGVIDSLGLLKVIAWLEDRFGIAADDVELSPEHFRSIRSIDAFVVGAT
TPPVEAKLQ
;
_entity_poly.pdbx_strand_id   A
#
# COMPACT_ATOMS: atom_id res chain seq x y z
N MET A 1 10.86 -3.54 9.71
CA MET A 1 9.74 -4.02 8.84
C MET A 1 8.41 -3.55 9.42
N GLN A 2 8.16 -3.83 10.68
CA GLN A 2 6.88 -3.40 11.30
C GLN A 2 5.71 -3.95 10.47
N HIS A 3 5.70 -5.23 10.23
CA HIS A 3 4.61 -5.86 9.43
C HIS A 3 4.84 -5.58 7.95
N ALA A 4 6.07 -5.66 7.51
CA ALA A 4 6.35 -5.40 6.07
C ALA A 4 5.61 -6.41 5.20
N SER A 5 5.44 -7.61 5.68
CA SER A 5 4.72 -8.64 4.87
C SER A 5 3.29 -8.18 4.62
N VAL A 6 2.68 -7.52 5.58
CA VAL A 6 1.28 -7.06 5.38
C VAL A 6 1.26 -6.00 4.28
N ILE A 7 2.24 -5.14 4.26
CA ILE A 7 2.28 -4.08 3.22
C ILE A 7 2.32 -4.74 1.84
N ALA A 8 3.19 -5.68 1.64
CA ALA A 8 3.27 -6.36 0.32
C ALA A 8 1.95 -7.10 0.09
N GLN A 9 1.45 -7.74 1.10
CA GLN A 9 0.16 -8.46 0.97
C GLN A 9 -0.96 -7.46 0.71
N PHE A 10 -0.89 -6.33 1.32
CA PHE A 10 -1.95 -5.29 1.15
C PHE A 10 -2.04 -4.89 -0.33
N VAL A 11 -0.95 -4.51 -0.91
CA VAL A 11 -0.98 -4.11 -2.35
C VAL A 11 -1.13 -5.35 -3.24
N VAL A 12 -0.43 -6.41 -2.92
CA VAL A 12 -0.52 -7.65 -3.75
C VAL A 12 -1.93 -8.24 -3.67
N GLU A 13 -2.56 -8.18 -2.53
CA GLU A 13 -3.93 -8.76 -2.41
C GLU A 13 -4.85 -8.11 -3.43
N GLU A 14 -4.56 -6.91 -3.84
CA GLU A 14 -5.43 -6.24 -4.85
C GLU A 14 -5.37 -7.03 -6.16
N PHE A 15 -4.25 -7.65 -6.44
CA PHE A 15 -4.13 -8.42 -7.70
C PHE A 15 -3.09 -9.53 -7.52
N LEU A 16 -3.23 -10.34 -6.49
CA LEU A 16 -2.24 -11.42 -6.27
C LEU A 16 -2.55 -12.61 -7.17
N PRO A 17 -1.55 -13.20 -7.78
CA PRO A 17 -1.74 -14.37 -8.67
C PRO A 17 -2.04 -15.63 -7.85
N ASP A 18 -1.73 -16.78 -8.35
CA ASP A 18 -1.99 -18.02 -7.59
C ASP A 18 -0.84 -18.25 -6.61
N VAL A 19 -0.06 -17.24 -6.35
CA VAL A 19 1.10 -17.37 -5.43
C VAL A 19 0.86 -16.55 -4.17
N ALA A 20 1.18 -17.08 -3.02
CA ALA A 20 0.98 -16.31 -1.76
C ALA A 20 1.93 -15.11 -1.77
N PRO A 21 1.47 -13.93 -1.37
CA PRO A 21 2.34 -12.72 -1.35
C PRO A 21 3.69 -12.98 -0.68
N ALA A 22 3.72 -13.89 0.26
CA ALA A 22 5.01 -14.20 0.94
C ALA A 22 5.98 -14.84 -0.05
N ASP A 23 5.46 -15.44 -1.09
CA ASP A 23 6.35 -16.09 -2.09
C ASP A 23 6.48 -15.17 -3.31
N VAL A 24 5.98 -13.98 -3.23
CA VAL A 24 6.09 -13.04 -4.38
C VAL A 24 7.23 -12.05 -4.11
N ASP A 25 8.03 -11.77 -5.10
CA ASP A 25 9.16 -10.83 -4.89
C ASP A 25 8.60 -9.43 -4.59
N VAL A 26 8.39 -9.12 -3.35
CA VAL A 26 7.86 -7.78 -2.98
C VAL A 26 8.84 -6.69 -3.44
N ASP A 27 9.87 -7.08 -4.15
CA ASP A 27 10.86 -6.07 -4.63
C ASP A 27 10.45 -5.59 -6.02
N LEU A 28 9.25 -5.91 -6.44
CA LEU A 28 8.79 -5.48 -7.79
C LEU A 28 8.23 -4.06 -7.71
N ASP A 29 8.59 -3.22 -8.63
CA ASP A 29 8.07 -1.82 -8.61
C ASP A 29 6.56 -1.86 -8.82
N LEU A 30 5.81 -1.34 -7.89
CA LEU A 30 4.33 -1.34 -8.04
C LEU A 30 3.93 -0.52 -9.26
N VAL A 31 4.87 0.19 -9.85
CA VAL A 31 4.50 1.02 -11.03
C VAL A 31 3.73 0.17 -12.02
N ASP A 32 4.14 -1.05 -12.22
CA ASP A 32 3.39 -1.95 -13.14
C ASP A 32 1.97 -2.05 -12.61
N ASN A 33 1.84 -2.05 -11.32
CA ASN A 33 0.50 -2.13 -10.68
C ASN A 33 -0.08 -0.72 -10.59
N GLY A 34 0.46 0.20 -11.34
CA GLY A 34 -0.04 1.60 -11.31
C GLY A 34 -1.56 1.60 -11.25
N VAL A 35 -2.19 0.49 -11.54
CA VAL A 35 -3.68 0.45 -11.46
C VAL A 35 -4.10 0.98 -10.09
N ILE A 36 -3.37 0.63 -9.07
CA ILE A 36 -3.70 1.10 -7.70
C ILE A 36 -3.41 2.60 -7.56
N ASP A 37 -2.50 3.10 -8.36
CA ASP A 37 -2.13 4.54 -8.24
C ASP A 37 -3.33 5.45 -8.50
N SER A 38 -4.25 5.05 -9.34
CA SER A 38 -5.41 5.94 -9.64
C SER A 38 -6.68 5.44 -8.94
N LEU A 39 -7.17 4.30 -9.32
CA LEU A 39 -8.42 3.79 -8.70
C LEU A 39 -8.18 3.29 -7.27
N GLY A 40 -7.23 2.44 -7.10
CA GLY A 40 -6.95 1.92 -5.73
C GLY A 40 -6.46 3.03 -4.82
N LEU A 41 -5.70 3.95 -5.36
CA LEU A 41 -5.16 5.06 -4.51
C LEU A 41 -6.34 5.82 -3.90
N LEU A 42 -7.36 6.07 -4.66
CA LEU A 42 -8.53 6.79 -4.09
C LEU A 42 -9.15 5.95 -2.98
N LYS A 43 -9.30 4.68 -3.22
CA LYS A 43 -9.89 3.80 -2.17
C LYS A 43 -8.93 3.67 -0.99
N VAL A 44 -7.66 3.54 -1.26
CA VAL A 44 -6.66 3.40 -0.17
C VAL A 44 -6.56 4.71 0.62
N ILE A 45 -6.46 5.82 -0.06
CA ILE A 45 -6.35 7.12 0.66
C ILE A 45 -7.62 7.34 1.51
N ALA A 46 -8.76 7.09 0.95
CA ALA A 46 -10.02 7.29 1.71
C ALA A 46 -10.03 6.38 2.95
N TRP A 47 -9.61 5.17 2.81
CA TRP A 47 -9.60 4.24 3.96
C TRP A 47 -8.43 4.56 4.89
N LEU A 48 -7.25 4.68 4.34
CA LEU A 48 -6.05 4.96 5.18
C LEU A 48 -6.22 6.32 5.89
N GLU A 49 -6.73 7.30 5.20
CA GLU A 49 -6.89 8.63 5.84
C GLU A 49 -8.01 8.57 6.88
N ASP A 50 -9.03 7.81 6.63
CA ASP A 50 -10.15 7.72 7.60
C ASP A 50 -9.65 7.16 8.94
N ARG A 51 -8.81 6.16 8.88
CA ARG A 51 -8.29 5.56 10.14
C ARG A 51 -7.44 6.57 10.93
N PHE A 52 -6.66 7.37 10.25
CA PHE A 52 -5.81 8.35 10.98
C PHE A 52 -6.41 9.75 10.90
N GLY A 53 -7.47 9.90 10.16
CA GLY A 53 -8.11 11.25 10.04
C GLY A 53 -7.12 12.23 9.42
N ILE A 54 -6.32 11.78 8.50
CA ILE A 54 -5.32 12.69 7.86
C ILE A 54 -5.93 13.34 6.63
N ALA A 55 -5.66 14.60 6.40
CA ALA A 55 -6.23 15.28 5.21
C ALA A 55 -5.56 14.71 3.95
N ALA A 56 -6.33 14.43 2.93
CA ALA A 56 -5.73 13.88 1.69
C ALA A 56 -4.77 14.90 1.08
N ASP A 57 -5.09 16.16 1.19
CA ASP A 57 -4.20 17.20 0.62
C ASP A 57 -2.87 17.23 1.37
N ASP A 58 -2.86 16.79 2.61
CA ASP A 58 -1.59 16.80 3.39
C ASP A 58 -0.51 16.04 2.62
N VAL A 59 -0.88 15.00 1.93
CA VAL A 59 0.13 14.21 1.15
C VAL A 59 -0.10 14.40 -0.35
N GLU A 60 0.94 14.58 -1.10
CA GLU A 60 0.77 14.77 -2.57
C GLU A 60 0.79 13.40 -3.26
N LEU A 61 -0.03 13.22 -4.26
CA LEU A 61 -0.06 11.90 -4.97
C LEU A 61 0.90 11.92 -6.16
N SER A 62 1.67 10.89 -6.33
CA SER A 62 2.62 10.85 -7.48
C SER A 62 3.07 9.40 -7.71
N PRO A 63 3.39 9.05 -8.94
CA PRO A 63 3.84 7.67 -9.29
C PRO A 63 5.15 7.30 -8.58
N GLU A 64 5.95 8.27 -8.25
CA GLU A 64 7.24 7.98 -7.57
C GLU A 64 6.97 7.37 -6.20
N HIS A 65 5.87 7.72 -5.58
CA HIS A 65 5.56 7.15 -4.24
C HIS A 65 5.27 5.66 -4.37
N PHE A 66 4.81 5.22 -5.51
CA PHE A 66 4.49 3.77 -5.69
C PHE A 66 5.61 3.10 -6.50
N ARG A 67 6.69 3.79 -6.72
CA ARG A 67 7.80 3.20 -7.50
C ARG A 67 8.20 1.85 -6.88
N SER A 68 8.21 1.75 -5.58
CA SER A 68 8.59 0.46 -4.94
C SER A 68 7.82 0.29 -3.62
N ILE A 69 7.58 -0.93 -3.23
CA ILE A 69 6.84 -1.17 -1.95
C ILE A 69 7.68 -0.69 -0.77
N ARG A 70 8.97 -0.88 -0.83
CA ARG A 70 9.84 -0.45 0.31
C ARG A 70 9.73 1.07 0.51
N SER A 71 9.65 1.82 -0.55
CA SER A 71 9.55 3.29 -0.39
C SER A 71 8.26 3.65 0.35
N ILE A 72 7.18 2.97 0.04
CA ILE A 72 5.90 3.25 0.73
C ILE A 72 5.99 2.82 2.20
N ASP A 73 6.59 1.70 2.46
CA ASP A 73 6.71 1.21 3.86
C ASP A 73 7.47 2.23 4.71
N ALA A 74 8.51 2.82 4.18
CA ALA A 74 9.28 3.81 4.97
C ALA A 74 8.41 5.04 5.25
N PHE A 75 7.69 5.51 4.28
CA PHE A 75 6.84 6.71 4.51
C PHE A 75 5.79 6.39 5.57
N VAL A 76 5.09 5.30 5.41
CA VAL A 76 4.06 4.93 6.42
C VAL A 76 4.74 4.62 7.76
N VAL A 77 5.80 3.87 7.74
CA VAL A 77 6.51 3.55 9.01
C VAL A 77 6.98 4.84 9.68
N GLY A 78 7.45 5.78 8.90
CA GLY A 78 7.92 7.05 9.49
C GLY A 78 6.80 7.72 10.29
N ALA A 79 5.57 7.56 9.88
CA ALA A 79 4.46 8.22 10.62
C ALA A 79 3.68 7.18 11.45
N THR A 80 3.31 6.09 10.86
CA THR A 80 2.56 5.05 11.62
C THR A 80 2.65 3.70 10.90
N THR A 81 2.56 2.63 11.63
CA THR A 81 2.63 1.28 10.99
C THR A 81 1.47 0.42 11.51
N PRO A 82 0.35 0.45 10.84
CA PRO A 82 -0.86 -0.33 11.23
C PRO A 82 -0.94 -1.71 10.56
N PRO A 83 -0.85 -2.78 11.31
CA PRO A 83 -0.92 -4.16 10.74
C PRO A 83 -2.36 -4.57 10.44
N VAL A 84 -2.59 -5.12 9.28
CA VAL A 84 -3.98 -5.54 8.91
C VAL A 84 -3.98 -7.02 8.50
N GLU A 85 -4.91 -7.79 9.01
CA GLU A 85 -4.96 -9.23 8.64
C GLU A 85 -5.28 -9.37 7.15
N ALA A 86 -6.10 -8.50 6.63
CA ALA A 86 -6.45 -8.57 5.19
C ALA A 86 -6.77 -7.16 4.67
N LYS A 87 -6.54 -6.92 3.41
CA LYS A 87 -6.83 -5.57 2.85
C LYS A 87 -8.32 -5.25 3.04
N LEU A 88 -9.18 -6.22 2.90
CA LEU A 88 -10.63 -5.96 3.07
C LEU A 88 -10.88 -5.36 4.46
N GLN A 89 -10.16 -5.82 5.46
CA GLN A 89 -10.36 -5.28 6.83
C GLN A 89 -9.39 -4.13 7.06
N MET A 1 9.49 -1.29 6.85
CA MET A 1 8.86 -2.52 6.30
C MET A 1 8.03 -3.20 7.38
N GLN A 2 7.78 -2.52 8.46
CA GLN A 2 6.97 -3.14 9.56
C GLN A 2 5.60 -3.52 9.01
N HIS A 3 5.04 -2.70 8.16
CA HIS A 3 3.70 -3.00 7.59
C HIS A 3 3.84 -3.25 6.09
N ALA A 4 5.04 -3.39 5.60
CA ALA A 4 5.23 -3.62 4.14
C ALA A 4 4.45 -4.86 3.69
N SER A 5 4.43 -5.89 4.50
CA SER A 5 3.68 -7.12 4.10
C SER A 5 2.19 -6.79 3.99
N VAL A 6 1.70 -5.94 4.85
CA VAL A 6 0.27 -5.57 4.80
C VAL A 6 -0.02 -4.76 3.54
N ILE A 7 0.90 -3.92 3.15
CA ILE A 7 0.68 -3.09 1.93
C ILE A 7 0.43 -3.99 0.72
N ALA A 8 1.28 -4.96 0.50
CA ALA A 8 1.06 -5.86 -0.68
C ALA A 8 -0.24 -6.63 -0.47
N GLN A 9 -0.42 -7.19 0.69
CA GLN A 9 -1.66 -7.96 0.97
C GLN A 9 -2.89 -7.03 0.91
N PHE A 10 -2.76 -5.85 1.44
CA PHE A 10 -3.91 -4.90 1.44
C PHE A 10 -4.28 -4.47 0.02
N VAL A 11 -3.32 -4.02 -0.73
CA VAL A 11 -3.62 -3.55 -2.12
C VAL A 11 -3.93 -4.74 -3.04
N VAL A 12 -3.17 -5.79 -2.95
CA VAL A 12 -3.41 -6.98 -3.83
C VAL A 12 -4.78 -7.57 -3.54
N GLU A 13 -5.18 -7.57 -2.28
CA GLU A 13 -6.50 -8.14 -1.93
C GLU A 13 -7.60 -7.43 -2.72
N GLU A 14 -7.47 -6.15 -2.91
CA GLU A 14 -8.50 -5.40 -3.67
C GLU A 14 -8.49 -5.82 -5.15
N PHE A 15 -7.34 -6.09 -5.70
CA PHE A 15 -7.27 -6.46 -7.13
C PHE A 15 -7.34 -7.98 -7.29
N LEU A 16 -6.44 -8.70 -6.69
CA LEU A 16 -6.46 -10.19 -6.83
C LEU A 16 -6.37 -10.86 -5.45
N PRO A 17 -7.50 -11.07 -4.83
CA PRO A 17 -7.59 -11.72 -3.50
C PRO A 17 -7.77 -13.24 -3.61
N ASP A 18 -8.20 -13.72 -4.76
CA ASP A 18 -8.40 -15.19 -4.91
C ASP A 18 -7.03 -15.84 -5.09
N VAL A 19 -6.01 -15.05 -5.18
CA VAL A 19 -4.64 -15.58 -5.32
C VAL A 19 -3.86 -15.23 -4.05
N ALA A 20 -3.04 -16.11 -3.56
CA ALA A 20 -2.29 -15.78 -2.31
C ALA A 20 -1.43 -14.53 -2.58
N PRO A 21 -1.68 -13.43 -1.90
CA PRO A 21 -0.89 -12.20 -2.11
C PRO A 21 0.57 -12.40 -1.69
N ALA A 22 0.82 -13.34 -0.83
CA ALA A 22 2.21 -13.62 -0.38
C ALA A 22 2.99 -14.33 -1.49
N ASP A 23 2.31 -14.83 -2.49
CA ASP A 23 3.03 -15.54 -3.59
C ASP A 23 3.56 -14.52 -4.59
N VAL A 24 3.46 -13.26 -4.26
CA VAL A 24 3.96 -12.22 -5.18
C VAL A 24 5.32 -11.74 -4.67
N ASP A 25 6.28 -11.59 -5.53
CA ASP A 25 7.62 -11.15 -5.08
C ASP A 25 7.52 -9.72 -4.52
N VAL A 26 7.20 -9.59 -3.26
CA VAL A 26 7.09 -8.23 -2.67
C VAL A 26 8.44 -7.53 -2.74
N ASP A 27 9.41 -8.15 -3.38
CA ASP A 27 10.75 -7.52 -3.51
C ASP A 27 10.85 -6.90 -4.91
N LEU A 28 9.77 -6.93 -5.65
CA LEU A 28 9.77 -6.36 -7.02
C LEU A 28 9.21 -4.95 -6.99
N ASP A 29 9.77 -4.05 -7.74
CA ASP A 29 9.23 -2.67 -7.76
C ASP A 29 7.77 -2.73 -8.20
N LEU A 30 6.87 -2.27 -7.39
CA LEU A 30 5.44 -2.33 -7.78
C LEU A 30 5.17 -1.37 -8.94
N VAL A 31 6.20 -0.80 -9.51
CA VAL A 31 5.99 0.14 -10.65
C VAL A 31 5.09 -0.53 -11.69
N ASP A 32 5.28 -1.79 -11.92
CA ASP A 32 4.41 -2.49 -12.90
C ASP A 32 2.96 -2.35 -12.43
N ASN A 33 2.78 -2.37 -11.14
CA ASN A 33 1.42 -2.20 -10.57
C ASN A 33 1.11 -0.72 -10.43
N GLY A 34 1.88 0.11 -11.09
CA GLY A 34 1.66 1.58 -11.00
C GLY A 34 0.16 1.87 -11.11
N VAL A 35 -0.61 0.90 -11.53
CA VAL A 35 -2.08 1.12 -11.64
C VAL A 35 -2.60 1.66 -10.30
N ILE A 36 -2.04 1.20 -9.22
CA ILE A 36 -2.49 1.68 -7.88
C ILE A 36 -2.06 3.12 -7.66
N ASP A 37 -1.02 3.55 -8.32
CA ASP A 37 -0.52 4.94 -8.12
C ASP A 37 -1.60 5.97 -8.48
N SER A 38 -2.43 5.69 -9.45
CA SER A 38 -3.48 6.68 -9.83
C SER A 38 -4.86 6.25 -9.34
N LEU A 39 -5.37 5.16 -9.85
CA LEU A 39 -6.74 4.73 -9.42
C LEU A 39 -6.75 4.22 -7.99
N GLY A 40 -5.88 3.31 -7.67
CA GLY A 40 -5.85 2.76 -6.28
C GLY A 40 -5.41 3.86 -5.32
N LEU A 41 -4.49 4.69 -5.72
CA LEU A 41 -4.02 5.78 -4.82
C LEU A 41 -5.21 6.65 -4.44
N LEU A 42 -6.09 6.93 -5.36
CA LEU A 42 -7.27 7.77 -5.03
C LEU A 42 -8.14 7.02 -4.02
N LYS A 43 -8.34 5.75 -4.24
CA LYS A 43 -9.17 4.95 -3.29
C LYS A 43 -8.48 4.90 -1.93
N VAL A 44 -7.18 4.83 -1.91
CA VAL A 44 -6.45 4.77 -0.62
C VAL A 44 -6.73 6.03 0.20
N ILE A 45 -6.72 7.17 -0.42
CA ILE A 45 -7.00 8.43 0.31
C ILE A 45 -8.40 8.36 0.93
N ALA A 46 -9.38 8.00 0.15
CA ALA A 46 -10.78 7.92 0.68
C ALA A 46 -10.86 6.83 1.75
N TRP A 47 -10.24 5.72 1.52
CA TRP A 47 -10.29 4.61 2.52
C TRP A 47 -9.45 4.99 3.74
N LEU A 48 -8.30 5.58 3.53
CA LEU A 48 -7.45 5.96 4.67
C LEU A 48 -8.21 6.90 5.61
N GLU A 49 -8.86 7.89 5.05
CA GLU A 49 -9.65 8.82 5.91
C GLU A 49 -10.80 8.06 6.56
N ASP A 50 -11.41 7.18 5.83
CA ASP A 50 -12.55 6.40 6.40
C ASP A 50 -12.05 5.45 7.49
N ARG A 51 -10.88 4.89 7.33
CA ARG A 51 -10.35 3.93 8.35
C ARG A 51 -9.62 4.65 9.49
N PHE A 52 -8.67 5.49 9.19
CA PHE A 52 -7.91 6.16 10.28
C PHE A 52 -8.53 7.52 10.64
N GLY A 53 -9.52 7.95 9.92
CA GLY A 53 -10.14 9.27 10.25
C GLY A 53 -9.14 10.38 9.92
N ILE A 54 -8.23 10.13 9.03
CA ILE A 54 -7.23 11.17 8.66
C ILE A 54 -7.74 11.96 7.46
N ALA A 55 -7.46 13.23 7.42
CA ALA A 55 -7.94 14.06 6.27
C ALA A 55 -7.34 13.51 4.98
N ALA A 56 -8.08 13.60 3.90
CA ALA A 56 -7.55 13.08 2.61
C ALA A 56 -6.23 13.77 2.27
N ASP A 57 -6.09 15.02 2.63
CA ASP A 57 -4.83 15.75 2.33
C ASP A 57 -4.55 15.67 0.83
N ASP A 58 -5.54 15.95 0.02
CA ASP A 58 -5.34 15.88 -1.45
C ASP A 58 -4.00 16.52 -1.82
N VAL A 59 -2.95 15.73 -1.86
CA VAL A 59 -1.61 16.27 -2.22
C VAL A 59 -1.04 15.45 -3.38
N GLU A 60 -0.42 16.09 -4.33
CA GLU A 60 0.15 15.34 -5.48
C GLU A 60 1.40 14.59 -5.03
N LEU A 61 1.48 13.33 -5.34
CA LEU A 61 2.68 12.52 -4.94
C LEU A 61 3.45 12.10 -6.19
N SER A 62 4.76 12.08 -6.12
CA SER A 62 5.56 11.69 -7.30
C SER A 62 5.60 10.16 -7.41
N PRO A 63 5.69 9.63 -8.61
CA PRO A 63 5.74 8.16 -8.84
C PRO A 63 6.98 7.52 -8.21
N GLU A 64 8.00 8.29 -7.95
CA GLU A 64 9.24 7.72 -7.35
C GLU A 64 8.95 7.15 -5.98
N HIS A 65 8.03 7.72 -5.25
CA HIS A 65 7.71 7.20 -3.89
C HIS A 65 7.05 5.83 -4.00
N PHE A 66 6.39 5.56 -5.09
CA PHE A 66 5.71 4.24 -5.27
C PHE A 66 6.61 3.30 -6.07
N ARG A 67 7.80 3.71 -6.37
CA ARG A 67 8.72 2.83 -7.15
C ARG A 67 8.87 1.49 -6.44
N SER A 68 8.99 1.48 -5.14
CA SER A 68 9.14 0.20 -4.40
C SER A 68 8.11 0.12 -3.27
N ILE A 69 7.64 -1.05 -2.95
CA ILE A 69 6.64 -1.19 -1.86
C ILE A 69 7.24 -0.71 -0.54
N ARG A 70 8.51 -0.96 -0.34
CA ARG A 70 9.16 -0.54 0.94
C ARG A 70 9.08 0.98 1.09
N SER A 71 9.21 1.71 0.03
CA SER A 71 9.14 3.20 0.13
C SER A 71 7.79 3.62 0.72
N ILE A 72 6.73 3.02 0.26
CA ILE A 72 5.38 3.37 0.79
C ILE A 72 5.30 3.03 2.27
N ASP A 73 5.87 1.92 2.66
CA ASP A 73 5.84 1.52 4.09
C ASP A 73 6.43 2.63 4.96
N ALA A 74 7.48 3.26 4.50
CA ALA A 74 8.10 4.35 5.31
C ALA A 74 7.13 5.50 5.47
N PHE A 75 6.46 5.89 4.41
CA PHE A 75 5.49 7.01 4.52
C PHE A 75 4.35 6.61 5.46
N VAL A 76 3.83 5.41 5.30
CA VAL A 76 2.72 4.96 6.17
C VAL A 76 3.20 4.87 7.63
N VAL A 77 4.36 4.32 7.85
CA VAL A 77 4.88 4.20 9.24
C VAL A 77 5.07 5.59 9.85
N GLY A 78 5.60 6.50 9.09
CA GLY A 78 5.84 7.88 9.62
C GLY A 78 4.52 8.51 10.05
N ALA A 79 3.43 8.17 9.41
CA ALA A 79 2.12 8.78 9.78
C ALA A 79 1.33 7.84 10.68
N THR A 80 1.22 6.59 10.31
CA THR A 80 0.45 5.64 11.16
C THR A 80 1.17 4.28 11.20
N THR A 81 0.96 3.53 12.24
CA THR A 81 1.63 2.20 12.34
C THR A 81 0.65 1.18 12.94
N PRO A 82 -0.10 0.50 12.11
CA PRO A 82 -1.09 -0.51 12.57
C PRO A 82 -0.43 -1.85 12.91
N PRO A 83 -1.15 -2.77 13.54
CA PRO A 83 -0.58 -4.10 13.91
C PRO A 83 -0.06 -4.85 12.68
N VAL A 84 0.93 -5.68 12.86
CA VAL A 84 1.49 -6.43 11.70
C VAL A 84 0.99 -7.88 11.74
N GLU A 85 0.50 -8.38 10.64
CA GLU A 85 0.01 -9.78 10.60
C GLU A 85 0.62 -10.51 9.40
N ALA A 86 0.82 -11.79 9.51
CA ALA A 86 1.42 -12.54 8.37
C ALA A 86 0.45 -12.53 7.19
N LYS A 87 0.95 -12.50 5.99
CA LYS A 87 0.06 -12.48 4.80
C LYS A 87 -0.84 -13.71 4.83
N LEU A 88 -0.34 -14.81 5.32
CA LEU A 88 -1.17 -16.05 5.38
C LEU A 88 -2.43 -15.78 6.21
N GLN A 89 -2.31 -14.98 7.23
CA GLN A 89 -3.49 -14.68 8.09
C GLN A 89 -4.20 -13.44 7.55
N MET A 1 10.17 -2.13 6.74
CA MET A 1 9.16 -3.12 6.27
C MET A 1 8.30 -3.57 7.46
N GLN A 2 8.11 -2.71 8.41
CA GLN A 2 7.28 -3.08 9.58
C GLN A 2 5.86 -3.44 9.12
N HIS A 3 5.35 -2.72 8.16
CA HIS A 3 3.97 -3.01 7.66
C HIS A 3 4.01 -3.21 6.15
N ALA A 4 5.18 -3.33 5.58
CA ALA A 4 5.28 -3.52 4.10
C ALA A 4 4.54 -4.79 3.70
N SER A 5 4.58 -5.81 4.50
CA SER A 5 3.88 -7.07 4.14
C SER A 5 2.37 -6.80 4.03
N VAL A 6 1.87 -5.92 4.86
CA VAL A 6 0.42 -5.61 4.81
C VAL A 6 0.10 -4.92 3.48
N ILE A 7 0.99 -4.09 3.01
CA ILE A 7 0.75 -3.38 1.73
C ILE A 7 0.68 -4.38 0.57
N ALA A 8 1.54 -5.36 0.55
CA ALA A 8 1.52 -6.35 -0.57
C ALA A 8 0.21 -7.13 -0.57
N GLN A 9 -0.17 -7.68 0.54
CA GLN A 9 -1.44 -8.46 0.58
C GLN A 9 -2.62 -7.50 0.44
N PHE A 10 -2.58 -6.40 1.13
CA PHE A 10 -3.72 -5.44 1.03
C PHE A 10 -3.88 -4.99 -0.43
N VAL A 11 -2.78 -4.71 -1.08
CA VAL A 11 -2.86 -4.26 -2.50
C VAL A 11 -3.24 -5.43 -3.41
N VAL A 12 -2.56 -6.54 -3.28
CA VAL A 12 -2.88 -7.72 -4.15
C VAL A 12 -4.29 -8.22 -3.85
N GLU A 13 -4.70 -8.18 -2.62
CA GLU A 13 -6.08 -8.64 -2.28
C GLU A 13 -7.11 -7.80 -3.02
N GLU A 14 -6.81 -6.56 -3.27
CA GLU A 14 -7.77 -5.69 -3.98
C GLU A 14 -7.96 -6.21 -5.41
N PHE A 15 -6.93 -6.80 -5.98
CA PHE A 15 -7.05 -7.31 -7.37
C PHE A 15 -7.22 -8.84 -7.37
N LEU A 16 -6.28 -9.56 -6.81
CA LEU A 16 -6.38 -11.05 -6.82
C LEU A 16 -6.14 -11.63 -5.41
N PRO A 17 -7.18 -11.77 -4.63
CA PRO A 17 -7.09 -12.36 -3.27
C PRO A 17 -7.21 -13.88 -3.29
N ASP A 18 -7.63 -14.44 -4.40
CA ASP A 18 -7.78 -15.91 -4.49
C ASP A 18 -6.39 -16.53 -4.66
N VAL A 19 -5.39 -15.72 -4.78
CA VAL A 19 -4.00 -16.23 -4.93
C VAL A 19 -3.22 -15.84 -3.69
N ALA A 20 -2.35 -16.68 -3.20
CA ALA A 20 -1.60 -16.32 -1.98
C ALA A 20 -0.78 -15.05 -2.27
N PRO A 21 -1.06 -13.95 -1.61
CA PRO A 21 -0.31 -12.69 -1.84
C PRO A 21 1.17 -12.83 -1.43
N ALA A 22 1.45 -13.72 -0.52
CA ALA A 22 2.86 -13.93 -0.09
C ALA A 22 3.63 -14.64 -1.20
N ASP A 23 2.93 -15.19 -2.15
CA ASP A 23 3.61 -15.91 -3.27
C ASP A 23 4.07 -14.89 -4.31
N VAL A 24 3.86 -13.64 -4.05
CA VAL A 24 4.28 -12.59 -5.02
C VAL A 24 5.61 -12.00 -4.55
N ASP A 25 6.54 -11.81 -5.44
CA ASP A 25 7.85 -11.24 -5.03
C ASP A 25 7.67 -9.79 -4.60
N VAL A 26 7.33 -9.57 -3.35
CA VAL A 26 7.15 -8.17 -2.87
C VAL A 26 8.48 -7.43 -2.98
N ASP A 27 9.48 -8.04 -3.55
CA ASP A 27 10.79 -7.36 -3.70
C ASP A 27 10.84 -6.70 -5.08
N LEU A 28 9.77 -6.78 -5.81
CA LEU A 28 9.73 -6.17 -7.17
C LEU A 28 9.08 -4.80 -7.10
N ASP A 29 9.61 -3.84 -7.80
CA ASP A 29 8.99 -2.49 -7.75
C ASP A 29 7.56 -2.60 -8.26
N LEU A 30 6.61 -2.21 -7.46
CA LEU A 30 5.19 -2.32 -7.89
C LEU A 30 4.94 -1.36 -9.06
N VAL A 31 5.96 -0.72 -9.56
CA VAL A 31 5.76 0.22 -10.69
C VAL A 31 4.97 -0.48 -11.80
N ASP A 32 5.22 -1.74 -12.01
CA ASP A 32 4.46 -2.48 -13.05
C ASP A 32 2.97 -2.37 -12.71
N ASN A 33 2.67 -2.42 -11.44
CA ASN A 33 1.25 -2.32 -11.00
C ASN A 33 0.89 -0.85 -10.88
N GLY A 34 1.70 0.01 -11.43
CA GLY A 34 1.44 1.48 -11.35
C GLY A 34 -0.04 1.75 -11.58
N VAL A 35 -0.77 0.81 -12.11
CA VAL A 35 -2.21 1.04 -12.33
C VAL A 35 -2.84 1.56 -11.03
N ILE A 36 -2.34 1.08 -9.92
CA ILE A 36 -2.88 1.53 -8.60
C ILE A 36 -2.46 2.98 -8.33
N ASP A 37 -1.39 3.40 -8.93
CA ASP A 37 -0.89 4.78 -8.69
C ASP A 37 -1.95 5.84 -9.04
N SER A 38 -2.77 5.59 -10.01
CA SER A 38 -3.79 6.62 -10.39
C SER A 38 -5.19 6.21 -9.92
N LEU A 39 -5.72 5.15 -10.45
CA LEU A 39 -7.10 4.73 -10.05
C LEU A 39 -7.11 4.17 -8.63
N GLY A 40 -6.27 3.22 -8.37
CA GLY A 40 -6.24 2.62 -6.99
C GLY A 40 -5.78 3.66 -5.98
N LEU A 41 -4.87 4.51 -6.37
CA LEU A 41 -4.36 5.55 -5.43
C LEU A 41 -5.53 6.42 -4.98
N LEU A 42 -6.42 6.76 -5.87
CA LEU A 42 -7.57 7.61 -5.45
C LEU A 42 -8.45 6.83 -4.48
N LYS A 43 -8.67 5.57 -4.75
CA LYS A 43 -9.55 4.75 -3.85
C LYS A 43 -8.87 4.49 -2.50
N VAL A 44 -7.61 4.13 -2.49
CA VAL A 44 -6.92 3.84 -1.20
C VAL A 44 -6.66 5.10 -0.39
N ILE A 45 -6.24 6.16 -1.01
CA ILE A 45 -5.95 7.41 -0.25
C ILE A 45 -7.21 7.88 0.47
N ALA A 46 -8.33 7.94 -0.21
CA ALA A 46 -9.58 8.40 0.45
C ALA A 46 -9.95 7.48 1.61
N TRP A 47 -9.79 6.19 1.44
CA TRP A 47 -10.13 5.25 2.53
C TRP A 47 -9.06 5.27 3.62
N LEU A 48 -7.82 5.13 3.25
CA LEU A 48 -6.73 5.12 4.25
C LEU A 48 -6.72 6.43 5.05
N GLU A 49 -6.82 7.54 4.38
CA GLU A 49 -6.82 8.84 5.10
C GLU A 49 -8.09 8.94 5.96
N ASP A 50 -9.20 8.48 5.45
CA ASP A 50 -10.46 8.54 6.24
C ASP A 50 -10.32 7.71 7.51
N ARG A 51 -9.68 6.59 7.42
CA ARG A 51 -9.50 5.72 8.61
C ARG A 51 -8.76 6.48 9.71
N PHE A 52 -7.78 7.26 9.35
CA PHE A 52 -7.03 8.03 10.38
C PHE A 52 -7.60 9.43 10.53
N GLY A 53 -8.62 9.75 9.78
CA GLY A 53 -9.20 11.12 9.88
C GLY A 53 -8.23 12.12 9.26
N ILE A 54 -7.58 11.75 8.19
CA ILE A 54 -6.62 12.67 7.54
C ILE A 54 -7.23 13.27 6.28
N ALA A 55 -6.86 14.48 5.93
CA ALA A 55 -7.42 15.09 4.70
C ALA A 55 -6.49 14.76 3.52
N ALA A 56 -6.99 14.14 2.50
CA ALA A 56 -6.12 13.79 1.34
C ALA A 56 -5.58 15.07 0.69
N ASP A 57 -6.40 16.08 0.60
CA ASP A 57 -5.94 17.36 -0.03
C ASP A 57 -4.79 17.95 0.77
N ASP A 58 -4.83 17.83 2.07
CA ASP A 58 -3.74 18.42 2.92
C ASP A 58 -2.39 17.84 2.50
N VAL A 59 -2.35 16.57 2.16
CA VAL A 59 -1.05 15.94 1.76
C VAL A 59 -1.14 15.44 0.32
N GLU A 60 -0.14 15.71 -0.48
CA GLU A 60 -0.16 15.23 -1.90
C GLU A 60 0.86 14.11 -2.07
N LEU A 61 0.50 13.07 -2.77
CA LEU A 61 1.44 11.94 -2.97
C LEU A 61 1.99 11.96 -4.40
N SER A 62 3.21 11.54 -4.59
CA SER A 62 3.80 11.52 -5.96
C SER A 62 4.02 10.07 -6.40
N PRO A 63 4.15 9.86 -7.68
CA PRO A 63 4.35 8.51 -8.26
C PRO A 63 5.67 7.87 -7.78
N GLU A 64 6.66 8.68 -7.55
CA GLU A 64 7.97 8.13 -7.08
C GLU A 64 7.78 7.44 -5.72
N HIS A 65 6.84 7.89 -4.95
CA HIS A 65 6.60 7.28 -3.62
C HIS A 65 6.08 5.85 -3.77
N PHE A 66 5.44 5.57 -4.86
CA PHE A 66 4.89 4.19 -5.06
C PHE A 66 5.84 3.36 -5.93
N ARG A 67 7.00 3.89 -6.21
CA ARG A 67 7.97 3.13 -7.05
C ARG A 67 8.23 1.75 -6.41
N SER A 68 8.36 1.70 -5.11
CA SER A 68 8.62 0.40 -4.43
C SER A 68 7.61 0.21 -3.29
N ILE A 69 7.20 -1.00 -3.04
CA ILE A 69 6.24 -1.26 -1.95
C ILE A 69 6.86 -0.87 -0.61
N ARG A 70 8.12 -1.16 -0.42
CA ARG A 70 8.78 -0.82 0.88
C ARG A 70 8.76 0.69 1.09
N SER A 71 8.92 1.46 0.05
CA SER A 71 8.92 2.94 0.22
C SER A 71 7.60 3.38 0.86
N ILE A 72 6.51 2.77 0.47
CA ILE A 72 5.19 3.15 1.05
C ILE A 72 5.19 2.85 2.55
N ASP A 73 5.71 1.72 2.94
CA ASP A 73 5.73 1.36 4.38
C ASP A 73 6.49 2.43 5.18
N ALA A 74 7.57 2.94 4.64
CA ALA A 74 8.35 3.97 5.39
C ALA A 74 7.51 5.24 5.56
N PHE A 75 6.87 5.69 4.52
CA PHE A 75 6.05 6.93 4.64
C PHE A 75 4.90 6.68 5.62
N VAL A 76 4.22 5.58 5.48
CA VAL A 76 3.10 5.27 6.39
C VAL A 76 3.62 5.08 7.82
N VAL A 77 4.72 4.39 7.97
CA VAL A 77 5.28 4.16 9.33
C VAL A 77 5.60 5.51 9.98
N GLY A 78 6.16 6.42 9.23
CA GLY A 78 6.51 7.75 9.81
C GLY A 78 5.26 8.47 10.34
N ALA A 79 4.12 8.25 9.73
CA ALA A 79 2.89 8.95 10.21
C ALA A 79 1.99 7.99 11.00
N THR A 80 1.73 6.83 10.46
CA THR A 80 0.87 5.85 11.19
C THR A 80 1.55 4.49 11.25
N THR A 81 1.19 3.68 12.19
CA THR A 81 1.81 2.34 12.30
C THR A 81 0.76 1.30 12.67
N PRO A 82 0.11 0.71 11.69
CA PRO A 82 -0.94 -0.32 11.92
C PRO A 82 -0.38 -1.59 12.58
N PRO A 83 -1.23 -2.36 13.20
CA PRO A 83 -0.81 -3.62 13.88
C PRO A 83 -0.16 -4.60 12.90
N VAL A 84 0.74 -5.43 13.37
CA VAL A 84 1.41 -6.39 12.46
C VAL A 84 0.70 -7.74 12.51
N GLU A 85 0.35 -8.28 11.38
CA GLU A 85 -0.34 -9.60 11.35
C GLU A 85 0.29 -10.47 10.26
N ALA A 86 0.01 -11.74 10.25
CA ALA A 86 0.61 -12.61 9.20
C ALA A 86 0.28 -12.03 7.83
N LYS A 87 1.22 -12.06 6.93
CA LYS A 87 0.98 -11.50 5.56
C LYS A 87 -0.21 -12.24 4.91
N LEU A 88 -0.33 -13.51 5.16
CA LEU A 88 -1.45 -14.28 4.57
C LEU A 88 -2.79 -13.66 5.01
N GLN A 89 -2.85 -13.16 6.21
CA GLN A 89 -4.12 -12.55 6.69
C GLN A 89 -4.01 -11.03 6.60
N MET A 1 8.64 -4.60 5.28
CA MET A 1 9.34 -3.95 6.43
C MET A 1 8.50 -4.12 7.69
N GLN A 2 8.44 -3.10 8.51
CA GLN A 2 7.64 -3.21 9.77
C GLN A 2 6.17 -3.49 9.43
N HIS A 3 5.66 -2.89 8.39
CA HIS A 3 4.24 -3.12 8.01
C HIS A 3 4.11 -3.19 6.48
N ALA A 4 5.21 -3.34 5.80
CA ALA A 4 5.15 -3.40 4.31
C ALA A 4 4.29 -4.58 3.87
N SER A 5 4.31 -5.66 4.60
CA SER A 5 3.50 -6.85 4.20
C SER A 5 2.01 -6.46 4.18
N VAL A 6 1.59 -5.64 5.09
CA VAL A 6 0.15 -5.22 5.09
C VAL A 6 -0.12 -4.39 3.85
N ILE A 7 0.79 -3.55 3.48
CA ILE A 7 0.59 -2.71 2.27
C ILE A 7 0.45 -3.62 1.05
N ALA A 8 1.36 -4.53 0.89
CA ALA A 8 1.27 -5.46 -0.27
C ALA A 8 0.02 -6.33 -0.13
N GLN A 9 -0.17 -6.90 1.02
CA GLN A 9 -1.38 -7.75 1.24
C GLN A 9 -2.64 -6.91 1.09
N PHE A 10 -2.64 -5.75 1.68
CA PHE A 10 -3.83 -4.86 1.59
C PHE A 10 -3.98 -4.33 0.17
N VAL A 11 -2.90 -3.85 -0.39
CA VAL A 11 -2.96 -3.31 -1.77
C VAL A 11 -3.24 -4.44 -2.77
N VAL A 12 -2.55 -5.54 -2.62
CA VAL A 12 -2.75 -6.68 -3.55
C VAL A 12 -4.19 -7.20 -3.40
N GLU A 13 -4.69 -7.23 -2.20
CA GLU A 13 -6.08 -7.73 -1.99
C GLU A 13 -7.06 -6.97 -2.87
N GLU A 14 -6.78 -5.72 -3.15
CA GLU A 14 -7.71 -4.94 -4.02
C GLU A 14 -7.74 -5.55 -5.42
N PHE A 15 -6.66 -6.14 -5.84
CA PHE A 15 -6.62 -6.76 -7.19
C PHE A 15 -5.68 -7.97 -7.18
N LEU A 16 -5.84 -8.86 -6.23
CA LEU A 16 -4.94 -10.04 -6.17
C LEU A 16 -5.40 -11.10 -7.18
N PRO A 17 -4.48 -11.71 -7.89
CA PRO A 17 -4.82 -12.76 -8.87
C PRO A 17 -5.22 -14.06 -8.16
N ASP A 18 -5.03 -15.18 -8.79
CA ASP A 18 -5.38 -16.47 -8.12
C ASP A 18 -4.23 -16.85 -7.18
N VAL A 19 -3.34 -15.93 -6.91
CA VAL A 19 -2.19 -16.23 -6.02
C VAL A 19 -2.30 -15.41 -4.73
N ALA A 20 -2.04 -16.03 -3.60
CA ALA A 20 -2.11 -15.28 -2.32
C ALA A 20 -0.89 -14.35 -2.20
N PRO A 21 -1.05 -13.15 -1.69
CA PRO A 21 0.08 -12.19 -1.54
C PRO A 21 1.29 -12.85 -0.87
N ALA A 22 1.05 -13.80 -0.02
CA ALA A 22 2.17 -14.51 0.67
C ALA A 22 2.98 -15.30 -0.35
N ASP A 23 2.37 -15.65 -1.45
CA ASP A 23 3.09 -16.43 -2.49
C ASP A 23 3.62 -15.48 -3.56
N VAL A 24 3.43 -14.21 -3.36
CA VAL A 24 3.92 -13.20 -4.35
C VAL A 24 5.14 -12.51 -3.75
N ASP A 25 6.17 -12.32 -4.53
CA ASP A 25 7.38 -11.65 -4.00
C ASP A 25 7.09 -10.18 -3.75
N VAL A 26 6.75 -9.83 -2.53
CA VAL A 26 6.46 -8.40 -2.23
C VAL A 26 7.70 -7.55 -2.49
N ASP A 27 8.73 -8.14 -3.03
CA ASP A 27 9.96 -7.35 -3.33
C ASP A 27 9.91 -6.86 -4.77
N LEU A 28 8.79 -7.05 -5.41
CA LEU A 28 8.65 -6.59 -6.84
C LEU A 28 8.06 -5.19 -6.86
N ASP A 29 8.61 -4.33 -7.66
CA ASP A 29 8.05 -2.95 -7.74
C ASP A 29 6.61 -3.03 -8.24
N LEU A 30 5.69 -2.53 -7.46
CA LEU A 30 4.27 -2.60 -7.89
C LEU A 30 4.04 -1.64 -9.07
N VAL A 31 5.09 -1.10 -9.62
CA VAL A 31 4.94 -0.15 -10.76
C VAL A 31 4.09 -0.80 -11.84
N ASP A 32 4.25 -2.08 -12.06
CA ASP A 32 3.42 -2.76 -13.09
C ASP A 32 1.95 -2.55 -12.74
N ASN A 33 1.65 -2.56 -11.47
CA ASN A 33 0.24 -2.34 -11.02
C ASN A 33 0.00 -0.85 -10.89
N GLY A 34 0.87 -0.05 -11.46
CA GLY A 34 0.72 1.42 -11.36
C GLY A 34 -0.75 1.80 -11.59
N VAL A 35 -1.53 0.90 -12.11
CA VAL A 35 -2.97 1.22 -12.32
C VAL A 35 -3.56 1.73 -11.01
N ILE A 36 -3.09 1.22 -9.92
CA ILE A 36 -3.60 1.65 -8.58
C ILE A 36 -3.10 3.06 -8.27
N ASP A 37 -2.01 3.45 -8.86
CA ASP A 37 -1.44 4.80 -8.58
C ASP A 37 -2.44 5.91 -8.89
N SER A 38 -3.27 5.75 -9.89
CA SER A 38 -4.24 6.84 -10.22
C SER A 38 -5.65 6.48 -9.77
N LEU A 39 -6.23 5.46 -10.34
CA LEU A 39 -7.62 5.09 -9.96
C LEU A 39 -7.65 4.52 -8.55
N GLY A 40 -6.77 3.62 -8.25
CA GLY A 40 -6.76 3.00 -6.88
C GLY A 40 -6.30 4.02 -5.84
N LEU A 41 -5.31 4.82 -6.18
CA LEU A 41 -4.81 5.83 -5.21
C LEU A 41 -5.97 6.74 -4.82
N LEU A 42 -6.79 7.11 -5.76
CA LEU A 42 -7.92 8.00 -5.43
C LEU A 42 -8.84 7.29 -4.42
N LYS A 43 -9.11 6.04 -4.66
CA LYS A 43 -9.98 5.28 -3.72
C LYS A 43 -9.24 5.04 -2.40
N VAL A 44 -7.97 4.76 -2.46
CA VAL A 44 -7.20 4.51 -1.21
C VAL A 44 -7.13 5.77 -0.38
N ILE A 45 -6.83 6.89 -0.99
CA ILE A 45 -6.75 8.16 -0.21
C ILE A 45 -8.11 8.47 0.41
N ALA A 46 -9.16 8.35 -0.35
CA ALA A 46 -10.51 8.64 0.20
C ALA A 46 -10.85 7.65 1.32
N TRP A 47 -10.53 6.40 1.13
CA TRP A 47 -10.83 5.38 2.17
C TRP A 47 -9.85 5.52 3.34
N LEU A 48 -8.60 5.76 3.06
CA LEU A 48 -7.60 5.89 4.15
C LEU A 48 -8.02 7.02 5.09
N GLU A 49 -8.45 8.13 4.55
CA GLU A 49 -8.88 9.26 5.43
C GLU A 49 -10.10 8.82 6.25
N ASP A 50 -11.01 8.10 5.64
CA ASP A 50 -12.22 7.66 6.37
C ASP A 50 -11.86 6.66 7.48
N ARG A 51 -11.03 5.70 7.17
CA ARG A 51 -10.66 4.66 8.17
C ARG A 51 -9.78 5.23 9.30
N PHE A 52 -8.78 6.02 8.97
CA PHE A 52 -7.89 6.55 10.04
C PHE A 52 -8.19 8.02 10.35
N GLY A 53 -9.07 8.63 9.61
CA GLY A 53 -9.37 10.07 9.89
C GLY A 53 -8.15 10.91 9.52
N ILE A 54 -7.36 10.46 8.59
CA ILE A 54 -6.15 11.23 8.19
C ILE A 54 -6.45 12.04 6.93
N ALA A 55 -5.91 13.22 6.83
CA ALA A 55 -6.17 14.06 5.63
C ALA A 55 -5.69 13.33 4.38
N ALA A 56 -6.33 13.56 3.27
CA ALA A 56 -5.93 12.88 2.01
C ALA A 56 -4.44 13.15 1.73
N ASP A 57 -3.97 14.30 2.12
CA ASP A 57 -2.53 14.63 1.88
C ASP A 57 -2.20 14.47 0.39
N ASP A 58 -3.07 14.94 -0.46
CA ASP A 58 -2.81 14.82 -1.93
C ASP A 58 -2.12 16.08 -2.43
N VAL A 59 -1.66 16.92 -1.54
CA VAL A 59 -0.97 18.17 -1.96
C VAL A 59 0.26 17.84 -2.79
N GLU A 60 1.00 16.83 -2.40
CA GLU A 60 2.22 16.46 -3.18
C GLU A 60 2.06 15.05 -3.75
N LEU A 61 2.32 14.90 -5.02
CA LEU A 61 2.16 13.57 -5.66
C LEU A 61 3.50 13.15 -6.28
N SER A 62 3.86 11.90 -6.20
CA SER A 62 5.16 11.45 -6.77
C SER A 62 5.11 9.94 -7.05
N PRO A 63 4.99 9.53 -8.30
CA PRO A 63 4.95 8.08 -8.64
C PRO A 63 6.17 7.34 -8.09
N GLU A 64 7.22 8.07 -7.83
CA GLU A 64 8.45 7.43 -7.29
C GLU A 64 8.15 6.79 -5.94
N HIS A 65 7.23 7.36 -5.20
CA HIS A 65 6.88 6.81 -3.85
C HIS A 65 6.17 5.46 -3.98
N PHE A 66 5.51 5.21 -5.08
CA PHE A 66 4.77 3.93 -5.22
C PHE A 66 5.59 2.89 -6.02
N ARG A 67 6.81 3.21 -6.36
CA ARG A 67 7.63 2.23 -7.13
C ARG A 67 7.80 0.92 -6.35
N SER A 68 7.95 1.01 -5.05
CA SER A 68 8.13 -0.24 -4.23
C SER A 68 7.21 -0.21 -3.02
N ILE A 69 6.64 -1.33 -2.67
CA ILE A 69 5.73 -1.39 -1.50
C ILE A 69 6.50 -1.03 -0.23
N ARG A 70 7.72 -1.45 -0.12
CA ARG A 70 8.52 -1.15 1.10
C ARG A 70 8.69 0.37 1.26
N SER A 71 8.85 1.07 0.18
CA SER A 71 9.03 2.55 0.27
C SER A 71 7.80 3.16 0.97
N ILE A 72 6.64 2.68 0.66
CA ILE A 72 5.41 3.23 1.30
C ILE A 72 5.44 2.92 2.80
N ASP A 73 5.91 1.75 3.16
CA ASP A 73 5.96 1.39 4.60
C ASP A 73 6.79 2.42 5.36
N ALA A 74 7.87 2.88 4.80
CA ALA A 74 8.70 3.89 5.51
C ALA A 74 7.89 5.17 5.72
N PHE A 75 7.19 5.61 4.71
CA PHE A 75 6.38 6.85 4.87
C PHE A 75 5.28 6.60 5.90
N VAL A 76 4.60 5.49 5.79
CA VAL A 76 3.51 5.19 6.76
C VAL A 76 4.09 5.04 8.16
N VAL A 77 5.20 4.34 8.29
CA VAL A 77 5.80 4.17 9.63
C VAL A 77 6.17 5.53 10.22
N GLY A 78 6.69 6.41 9.41
CA GLY A 78 7.08 7.76 9.91
C GLY A 78 5.86 8.46 10.53
N ALA A 79 4.68 8.22 10.02
CA ALA A 79 3.49 8.91 10.58
C ALA A 79 2.67 7.96 11.45
N THR A 80 2.38 6.77 10.97
CA THR A 80 1.58 5.81 11.78
C THR A 80 2.21 4.42 11.71
N THR A 81 1.98 3.60 12.69
CA THR A 81 2.55 2.23 12.68
C THR A 81 1.50 1.25 13.23
N PRO A 82 0.66 0.72 12.38
CA PRO A 82 -0.41 -0.24 12.79
C PRO A 82 0.08 -1.69 12.85
N PRO A 83 -0.64 -2.53 13.56
CA PRO A 83 -0.30 -3.97 13.70
C PRO A 83 -0.30 -4.69 12.35
N VAL A 84 0.49 -5.72 12.21
CA VAL A 84 0.53 -6.45 10.92
C VAL A 84 -0.32 -7.71 11.00
N GLU A 85 -1.22 -7.90 10.07
CA GLU A 85 -2.08 -9.11 10.08
C GLU A 85 -1.22 -10.33 9.79
N ALA A 86 -0.17 -10.16 9.01
CA ALA A 86 0.71 -11.32 8.67
C ALA A 86 0.10 -12.10 7.51
N LYS A 87 0.76 -12.13 6.38
CA LYS A 87 0.21 -12.88 5.21
C LYS A 87 -0.02 -14.35 5.60
N LEU A 88 0.80 -14.88 6.47
CA LEU A 88 0.62 -16.29 6.88
C LEU A 88 -0.33 -16.36 8.09
N GLN A 89 -1.17 -17.36 8.14
CA GLN A 89 -2.12 -17.48 9.28
C GLN A 89 -1.49 -18.34 10.38
N MET A 1 9.43 -3.94 7.39
CA MET A 1 8.97 -2.74 8.14
C MET A 1 7.89 -3.15 9.13
N GLN A 2 6.88 -2.33 9.31
CA GLN A 2 5.79 -2.68 10.27
C GLN A 2 4.55 -3.09 9.48
N HIS A 3 3.95 -4.20 9.84
CA HIS A 3 2.72 -4.66 9.11
C HIS A 3 2.91 -4.42 7.61
N ALA A 4 4.13 -4.50 7.13
CA ALA A 4 4.37 -4.28 5.67
C ALA A 4 3.59 -5.30 4.86
N SER A 5 3.52 -6.53 5.31
CA SER A 5 2.78 -7.57 4.55
C SER A 5 1.29 -7.22 4.53
N VAL A 6 0.80 -6.61 5.57
CA VAL A 6 -0.65 -6.22 5.60
C VAL A 6 -0.92 -5.16 4.54
N ILE A 7 -0.01 -4.24 4.37
CA ILE A 7 -0.22 -3.17 3.36
C ILE A 7 -0.33 -3.81 1.98
N ALA A 8 0.58 -4.66 1.62
CA ALA A 8 0.50 -5.32 0.28
C ALA A 8 -0.76 -6.19 0.23
N GLN A 9 -0.98 -6.97 1.25
CA GLN A 9 -2.19 -7.83 1.27
C GLN A 9 -3.45 -6.95 1.28
N PHE A 10 -3.43 -5.92 2.07
CA PHE A 10 -4.60 -5.00 2.15
C PHE A 10 -4.74 -4.24 0.83
N VAL A 11 -3.68 -3.67 0.37
CA VAL A 11 -3.73 -2.89 -0.91
C VAL A 11 -3.99 -3.84 -2.09
N VAL A 12 -3.29 -4.95 -2.12
CA VAL A 12 -3.49 -5.91 -3.24
C VAL A 12 -4.91 -6.45 -3.20
N GLU A 13 -5.46 -6.64 -2.03
CA GLU A 13 -6.85 -7.17 -1.92
C GLU A 13 -7.80 -6.28 -2.72
N GLU A 14 -7.51 -5.00 -2.78
CA GLU A 14 -8.40 -4.08 -3.53
C GLU A 14 -8.37 -4.42 -5.01
N PHE A 15 -7.25 -4.89 -5.50
CA PHE A 15 -7.16 -5.24 -6.95
C PHE A 15 -6.33 -6.52 -7.12
N LEU A 16 -6.62 -7.53 -6.34
CA LEU A 16 -5.84 -8.79 -6.45
C LEU A 16 -6.38 -9.64 -7.63
N PRO A 17 -5.50 -10.20 -8.44
CA PRO A 17 -5.91 -11.05 -9.58
C PRO A 17 -6.37 -12.43 -9.09
N ASP A 18 -6.22 -13.44 -9.88
CA ASP A 18 -6.63 -14.79 -9.43
C ASP A 18 -5.56 -15.34 -8.48
N VAL A 19 -4.63 -14.50 -8.09
CA VAL A 19 -3.55 -14.95 -7.16
C VAL A 19 -3.69 -14.25 -5.81
N ALA A 20 -3.55 -14.97 -4.73
CA ALA A 20 -3.67 -14.32 -3.40
C ALA A 20 -2.41 -13.48 -3.15
N PRO A 21 -2.55 -12.31 -2.55
CA PRO A 21 -1.38 -11.44 -2.27
C PRO A 21 -0.23 -12.22 -1.60
N ALA A 22 -0.57 -13.19 -0.80
CA ALA A 22 0.47 -14.01 -0.14
C ALA A 22 1.20 -14.86 -1.18
N ASP A 23 0.57 -15.07 -2.31
CA ASP A 23 1.20 -15.89 -3.37
C ASP A 23 1.86 -14.97 -4.41
N VAL A 24 1.84 -13.69 -4.16
CA VAL A 24 2.45 -12.74 -5.12
C VAL A 24 3.78 -12.26 -4.53
N ASP A 25 4.81 -12.20 -5.33
CA ASP A 25 6.12 -11.76 -4.81
C ASP A 25 6.04 -10.28 -4.43
N VAL A 26 5.79 -9.99 -3.18
CA VAL A 26 5.70 -8.56 -2.75
C VAL A 26 7.03 -7.86 -3.02
N ASP A 27 7.95 -8.53 -3.67
CA ASP A 27 9.26 -7.91 -3.98
C ASP A 27 9.19 -7.28 -5.37
N LEU A 28 8.02 -7.28 -5.96
CA LEU A 28 7.86 -6.69 -7.32
C LEU A 28 7.45 -5.23 -7.19
N ASP A 29 8.03 -4.36 -7.97
CA ASP A 29 7.66 -2.94 -7.88
C ASP A 29 6.18 -2.79 -8.26
N LEU A 30 5.40 -2.26 -7.37
CA LEU A 30 3.95 -2.10 -7.67
C LEU A 30 3.77 -1.06 -8.77
N VAL A 31 4.83 -0.43 -9.19
CA VAL A 31 4.70 0.60 -10.26
C VAL A 31 3.94 0.00 -11.43
N ASP A 32 4.24 -1.23 -11.77
CA ASP A 32 3.51 -1.87 -12.89
C ASP A 32 2.02 -1.81 -12.57
N ASN A 33 1.70 -1.94 -11.31
CA ASN A 33 0.28 -1.87 -10.87
C ASN A 33 -0.10 -0.40 -10.72
N GLY A 34 0.71 0.48 -11.27
CA GLY A 34 0.43 1.94 -11.16
C GLY A 34 -1.06 2.20 -11.39
N VAL A 35 -1.77 1.26 -11.93
CA VAL A 35 -3.22 1.48 -12.16
C VAL A 35 -3.84 1.95 -10.84
N ILE A 36 -3.41 1.38 -9.74
CA ILE A 36 -3.95 1.79 -8.42
C ILE A 36 -3.46 3.19 -8.05
N ASP A 37 -2.33 3.58 -8.59
CA ASP A 37 -1.78 4.93 -8.25
C ASP A 37 -2.74 6.04 -8.70
N SER A 38 -3.49 5.83 -9.75
CA SER A 38 -4.39 6.90 -10.24
C SER A 38 -5.86 6.59 -9.89
N LEU A 39 -6.40 5.54 -10.45
CA LEU A 39 -7.83 5.20 -10.16
C LEU A 39 -7.98 4.64 -8.75
N GLY A 40 -7.22 3.65 -8.40
CA GLY A 40 -7.34 3.07 -7.04
C GLY A 40 -6.90 4.08 -5.98
N LEU A 41 -5.90 4.86 -6.29
CA LEU A 41 -5.41 5.86 -5.30
C LEU A 41 -6.55 6.81 -4.94
N LEU A 42 -7.32 7.21 -5.90
CA LEU A 42 -8.46 8.13 -5.61
C LEU A 42 -9.47 7.40 -4.73
N LYS A 43 -9.77 6.18 -5.05
CA LYS A 43 -10.74 5.40 -4.23
C LYS A 43 -10.14 5.09 -2.86
N VAL A 44 -8.91 4.69 -2.82
CA VAL A 44 -8.26 4.34 -1.52
C VAL A 44 -8.16 5.58 -0.63
N ILE A 45 -7.74 6.68 -1.17
CA ILE A 45 -7.63 7.91 -0.34
C ILE A 45 -9.00 8.28 0.22
N ALA A 46 -10.00 8.28 -0.61
CA ALA A 46 -11.37 8.63 -0.13
C ALA A 46 -11.89 7.56 0.84
N TRP A 47 -11.71 6.32 0.52
CA TRP A 47 -12.20 5.24 1.42
C TRP A 47 -11.25 5.06 2.61
N LEU A 48 -9.97 4.95 2.34
CA LEU A 48 -8.98 4.75 3.44
C LEU A 48 -9.01 5.92 4.41
N GLU A 49 -9.09 7.13 3.92
CA GLU A 49 -9.12 8.29 4.84
C GLU A 49 -10.41 8.25 5.67
N ASP A 50 -11.48 7.86 5.07
CA ASP A 50 -12.78 7.77 5.80
C ASP A 50 -12.71 6.63 6.82
N ARG A 51 -12.09 5.55 6.45
CA ARG A 51 -12.00 4.39 7.39
C ARG A 51 -11.29 4.79 8.69
N PHE A 52 -10.24 5.56 8.60
CA PHE A 52 -9.51 5.96 9.84
C PHE A 52 -9.88 7.40 10.20
N GLY A 53 -10.62 8.08 9.37
CA GLY A 53 -11.02 9.48 9.69
C GLY A 53 -9.77 10.36 9.72
N ILE A 54 -8.77 10.04 8.94
CA ILE A 54 -7.53 10.86 8.93
C ILE A 54 -7.38 11.57 7.59
N ALA A 55 -6.78 12.73 7.58
CA ALA A 55 -6.59 13.47 6.29
C ALA A 55 -5.58 12.72 5.42
N ALA A 56 -5.77 12.72 4.14
CA ALA A 56 -4.81 12.02 3.24
C ALA A 56 -3.41 12.65 3.40
N ASP A 57 -3.36 13.94 3.59
CA ASP A 57 -2.04 14.61 3.76
C ASP A 57 -1.13 14.25 2.58
N ASP A 58 -1.66 14.25 1.39
CA ASP A 58 -0.81 13.91 0.21
C ASP A 58 -0.02 15.14 -0.23
N VAL A 59 1.19 15.28 0.24
CA VAL A 59 2.00 16.46 -0.15
C VAL A 59 2.26 16.43 -1.66
N GLU A 60 2.61 15.28 -2.18
CA GLU A 60 2.86 15.16 -3.63
C GLU A 60 2.71 13.71 -4.08
N LEU A 61 2.13 13.49 -5.23
CA LEU A 61 1.95 12.10 -5.72
C LEU A 61 2.99 11.80 -6.80
N SER A 62 3.59 10.64 -6.75
CA SER A 62 4.62 10.29 -7.79
C SER A 62 4.78 8.77 -7.85
N PRO A 63 5.07 8.24 -9.00
CA PRO A 63 5.27 6.77 -9.19
C PRO A 63 6.46 6.25 -8.38
N GLU A 64 7.38 7.11 -8.04
CA GLU A 64 8.58 6.69 -7.26
C GLU A 64 8.16 6.08 -5.93
N HIS A 65 7.06 6.54 -5.37
CA HIS A 65 6.61 6.01 -4.06
C HIS A 65 6.13 4.56 -4.20
N PHE A 66 5.69 4.17 -5.36
CA PHE A 66 5.19 2.76 -5.54
C PHE A 66 6.32 1.86 -6.06
N ARG A 67 7.53 2.35 -6.09
CA ARG A 67 8.65 1.50 -6.58
C ARG A 67 8.78 0.23 -5.75
N SER A 68 8.50 0.31 -4.48
CA SER A 68 8.61 -0.89 -3.61
C SER A 68 7.62 -0.82 -2.45
N ILE A 69 7.29 -1.94 -1.88
CA ILE A 69 6.35 -1.96 -0.73
C ILE A 69 6.94 -1.19 0.44
N ARG A 70 8.23 -1.26 0.63
CA ARG A 70 8.86 -0.55 1.77
C ARG A 70 8.60 0.96 1.65
N SER A 71 8.60 1.48 0.46
CA SER A 71 8.33 2.94 0.30
C SER A 71 6.96 3.26 0.88
N ILE A 72 5.98 2.44 0.60
CA ILE A 72 4.62 2.68 1.12
C ILE A 72 4.66 2.64 2.65
N ASP A 73 5.43 1.75 3.21
CA ASP A 73 5.51 1.64 4.68
C ASP A 73 5.92 3.00 5.26
N ALA A 74 6.80 3.70 4.59
CA ALA A 74 7.25 5.02 5.10
C ALA A 74 6.05 5.99 5.13
N PHE A 75 5.21 5.96 4.14
CA PHE A 75 4.04 6.88 4.14
C PHE A 75 3.15 6.58 5.34
N VAL A 76 2.78 5.35 5.52
CA VAL A 76 1.91 5.00 6.67
C VAL A 76 2.66 5.24 7.97
N VAL A 77 3.93 4.88 8.01
CA VAL A 77 4.72 5.09 9.25
C VAL A 77 4.71 6.59 9.62
N GLY A 78 4.83 7.44 8.64
CA GLY A 78 4.83 8.91 8.92
C GLY A 78 3.51 9.33 9.58
N ALA A 79 2.42 8.71 9.23
CA ALA A 79 1.12 9.12 9.84
C ALA A 79 0.71 8.16 10.95
N THR A 80 0.75 6.88 10.70
CA THR A 80 0.38 5.89 11.74
C THR A 80 1.48 4.84 11.86
N THR A 81 1.61 4.21 12.99
CA THR A 81 2.68 3.18 13.12
C THR A 81 2.13 1.97 13.90
N PRO A 82 1.57 1.02 13.20
CA PRO A 82 1.02 -0.22 13.81
C PRO A 82 2.12 -1.09 14.44
N PRO A 83 1.78 -2.23 14.96
CA PRO A 83 2.76 -3.17 15.59
C PRO A 83 3.85 -3.57 14.60
N VAL A 84 5.03 -3.85 15.08
CA VAL A 84 6.13 -4.24 14.15
C VAL A 84 6.16 -5.76 13.99
N GLU A 85 6.16 -6.23 12.77
CA GLU A 85 6.19 -7.70 12.53
C GLU A 85 7.13 -8.01 11.36
N ALA A 86 7.70 -9.17 11.32
CA ALA A 86 8.61 -9.52 10.20
C ALA A 86 7.82 -9.59 8.90
N LYS A 87 8.38 -9.13 7.82
CA LYS A 87 7.65 -9.18 6.51
C LYS A 87 7.84 -10.56 5.88
N LEU A 88 6.79 -11.14 5.37
CA LEU A 88 6.92 -12.50 4.74
C LEU A 88 7.29 -12.34 3.26
N GLN A 89 8.14 -13.20 2.77
CA GLN A 89 8.54 -13.10 1.33
C GLN A 89 8.94 -11.66 1.01
N MET A 1 10.34 -2.16 8.47
CA MET A 1 9.02 -2.53 7.88
C MET A 1 8.04 -2.88 9.00
N GLN A 2 7.28 -1.92 9.44
CA GLN A 2 6.29 -2.19 10.52
C GLN A 2 4.90 -2.23 9.89
N HIS A 3 4.06 -3.12 10.33
CA HIS A 3 2.70 -3.19 9.72
C HIS A 3 2.83 -3.21 8.20
N ALA A 4 4.04 -3.39 7.72
CA ALA A 4 4.28 -3.42 6.25
C ALA A 4 3.51 -4.58 5.61
N SER A 5 3.41 -5.69 6.29
CA SER A 5 2.69 -6.86 5.71
C SER A 5 1.25 -6.46 5.40
N VAL A 6 0.62 -5.74 6.28
CA VAL A 6 -0.78 -5.30 6.04
C VAL A 6 -0.81 -4.31 4.88
N ILE A 7 0.18 -3.48 4.78
CA ILE A 7 0.21 -2.49 3.67
C ILE A 7 0.20 -3.21 2.32
N ALA A 8 1.04 -4.19 2.13
CA ALA A 8 1.06 -4.93 0.84
C ALA A 8 -0.28 -5.65 0.68
N GLN A 9 -0.74 -6.29 1.71
CA GLN A 9 -2.03 -7.01 1.63
C GLN A 9 -3.15 -5.99 1.43
N PHE A 10 -3.10 -4.91 2.15
CA PHE A 10 -4.15 -3.86 2.02
C PHE A 10 -4.09 -3.23 0.64
N VAL A 11 -2.93 -2.82 0.22
CA VAL A 11 -2.79 -2.18 -1.12
C VAL A 11 -3.07 -3.22 -2.21
N VAL A 12 -2.52 -4.39 -2.08
CA VAL A 12 -2.74 -5.44 -3.10
C VAL A 12 -4.23 -5.82 -3.12
N GLU A 13 -4.86 -5.82 -1.99
CA GLU A 13 -6.31 -6.20 -1.94
C GLU A 13 -7.11 -5.30 -2.88
N GLU A 14 -6.68 -4.09 -3.06
CA GLU A 14 -7.40 -3.16 -3.96
C GLU A 14 -7.34 -3.67 -5.40
N PHE A 15 -6.27 -4.32 -5.77
CA PHE A 15 -6.14 -4.84 -7.16
C PHE A 15 -5.47 -6.22 -7.13
N LEU A 16 -5.87 -7.08 -6.25
CA LEU A 16 -5.23 -8.43 -6.19
C LEU A 16 -5.82 -9.34 -7.27
N PRO A 17 -4.99 -10.08 -7.97
CA PRO A 17 -5.46 -11.03 -9.02
C PRO A 17 -6.02 -12.30 -8.37
N ASP A 18 -5.92 -13.42 -9.03
CA ASP A 18 -6.43 -14.67 -8.42
C ASP A 18 -5.39 -15.20 -7.43
N VAL A 19 -4.42 -14.38 -7.11
CA VAL A 19 -3.35 -14.82 -6.16
C VAL A 19 -3.44 -14.00 -4.87
N ALA A 20 -3.31 -14.63 -3.74
CA ALA A 20 -3.38 -13.88 -2.45
C ALA A 20 -2.09 -13.05 -2.30
N PRO A 21 -2.16 -11.84 -1.79
CA PRO A 21 -0.95 -10.99 -1.60
C PRO A 21 0.17 -11.75 -0.90
N ALA A 22 -0.19 -12.69 -0.07
CA ALA A 22 0.84 -13.50 0.65
C ALA A 22 1.55 -14.43 -0.34
N ASP A 23 0.93 -14.69 -1.46
CA ASP A 23 1.54 -15.61 -2.47
C ASP A 23 2.11 -14.78 -3.63
N VAL A 24 2.12 -13.49 -3.49
CA VAL A 24 2.66 -12.63 -4.59
C VAL A 24 4.08 -12.20 -4.22
N ASP A 25 4.98 -12.26 -5.16
CA ASP A 25 6.37 -11.85 -4.86
C ASP A 25 6.42 -10.35 -4.60
N VAL A 26 6.24 -9.95 -3.38
CA VAL A 26 6.27 -8.49 -3.06
C VAL A 26 7.63 -7.90 -3.44
N ASP A 27 8.48 -8.69 -4.06
CA ASP A 27 9.81 -8.16 -4.47
C ASP A 27 9.70 -7.55 -5.87
N LEU A 28 8.50 -7.52 -6.39
CA LEU A 28 8.30 -6.95 -7.75
C LEU A 28 7.87 -5.49 -7.64
N ASP A 29 8.46 -4.63 -8.41
CA ASP A 29 8.07 -3.19 -8.34
C ASP A 29 6.62 -3.08 -8.84
N LEU A 30 5.75 -2.58 -8.02
CA LEU A 30 4.32 -2.46 -8.44
C LEU A 30 4.16 -1.30 -9.41
N VAL A 31 5.25 -0.72 -9.85
CA VAL A 31 5.13 0.43 -10.81
C VAL A 31 4.28 0.00 -11.99
N ASP A 32 4.43 -1.22 -12.44
CA ASP A 32 3.61 -1.69 -13.57
C ASP A 32 2.14 -1.53 -13.19
N ASN A 33 1.84 -1.74 -11.94
CA ASN A 33 0.44 -1.58 -11.46
C ASN A 33 0.20 -0.10 -11.15
N GLY A 34 1.08 0.75 -11.63
CA GLY A 34 0.92 2.20 -11.37
C GLY A 34 -0.55 2.60 -11.54
N VAL A 35 -1.33 1.76 -12.13
CA VAL A 35 -2.77 2.10 -12.30
C VAL A 35 -3.34 2.51 -10.95
N ILE A 36 -2.92 1.85 -9.90
CA ILE A 36 -3.41 2.18 -8.55
C ILE A 36 -2.85 3.53 -8.09
N ASP A 37 -1.73 3.93 -8.63
CA ASP A 37 -1.11 5.22 -8.22
C ASP A 37 -2.05 6.40 -8.48
N SER A 38 -2.84 6.35 -9.52
CA SER A 38 -3.74 7.49 -9.82
C SER A 38 -5.20 7.19 -9.46
N LEU A 39 -5.81 6.24 -10.12
CA LEU A 39 -7.23 5.93 -9.84
C LEU A 39 -7.37 5.23 -8.48
N GLY A 40 -6.64 4.18 -8.28
CA GLY A 40 -6.75 3.45 -6.98
C GLY A 40 -6.25 4.33 -5.85
N LEU A 41 -5.22 5.08 -6.10
CA LEU A 41 -4.66 5.97 -5.04
C LEU A 41 -5.73 6.94 -4.56
N LEU A 42 -6.51 7.47 -5.45
CA LEU A 42 -7.56 8.43 -5.04
C LEU A 42 -8.61 7.70 -4.20
N LYS A 43 -9.03 6.53 -4.63
CA LYS A 43 -10.05 5.77 -3.86
C LYS A 43 -9.47 5.31 -2.52
N VAL A 44 -8.23 4.91 -2.51
CA VAL A 44 -7.61 4.43 -1.24
C VAL A 44 -7.53 5.57 -0.22
N ILE A 45 -7.12 6.73 -0.63
CA ILE A 45 -7.02 7.86 0.33
C ILE A 45 -8.39 8.15 0.94
N ALA A 46 -9.41 8.22 0.13
CA ALA A 46 -10.77 8.50 0.66
C ALA A 46 -11.27 7.34 1.52
N TRP A 47 -11.08 6.13 1.07
CA TRP A 47 -11.55 4.95 1.85
C TRP A 47 -10.64 4.70 3.04
N LEU A 48 -9.35 4.81 2.84
CA LEU A 48 -8.40 4.58 3.97
C LEU A 48 -8.70 5.56 5.11
N GLU A 49 -9.02 6.79 4.79
CA GLU A 49 -9.33 7.77 5.87
C GLU A 49 -10.55 7.30 6.65
N ASP A 50 -11.55 6.82 5.97
CA ASP A 50 -12.78 6.35 6.68
C ASP A 50 -12.46 5.14 7.56
N ARG A 51 -11.69 4.22 7.06
CA ARG A 51 -11.36 3.00 7.86
C ARG A 51 -10.52 3.35 9.09
N PHE A 52 -9.51 4.18 8.95
CA PHE A 52 -8.66 4.52 10.12
C PHE A 52 -8.96 5.93 10.63
N GLY A 53 -9.80 6.66 9.95
CA GLY A 53 -10.12 8.04 10.42
C GLY A 53 -8.89 8.92 10.22
N ILE A 54 -8.11 8.66 9.21
CA ILE A 54 -6.89 9.49 8.98
C ILE A 54 -7.19 10.57 7.93
N ALA A 55 -6.62 11.73 8.08
CA ALA A 55 -6.89 12.83 7.11
C ALA A 55 -6.44 12.40 5.72
N ALA A 56 -7.15 12.82 4.70
CA ALA A 56 -6.78 12.42 3.31
C ALA A 56 -5.39 12.97 2.98
N ASP A 57 -5.00 14.06 3.58
CA ASP A 57 -3.66 14.64 3.27
C ASP A 57 -3.54 14.85 1.76
N ASP A 58 -4.49 15.49 1.17
CA ASP A 58 -4.44 15.73 -0.30
C ASP A 58 -3.02 16.11 -0.72
N VAL A 59 -2.24 15.13 -1.09
CA VAL A 59 -0.83 15.40 -1.52
C VAL A 59 -0.55 14.63 -2.81
N GLU A 60 0.23 15.20 -3.70
CA GLU A 60 0.53 14.48 -4.97
C GLU A 60 1.78 13.62 -4.79
N LEU A 61 1.73 12.38 -5.21
CA LEU A 61 2.89 11.48 -5.07
C LEU A 61 3.49 11.20 -6.45
N SER A 62 4.80 11.15 -6.54
CA SER A 62 5.44 10.89 -7.86
C SER A 62 5.51 9.37 -8.09
N PRO A 63 5.63 8.97 -9.33
CA PRO A 63 5.71 7.52 -9.70
C PRO A 63 6.92 6.83 -9.06
N GLU A 64 7.96 7.57 -8.79
CA GLU A 64 9.17 6.96 -8.17
C GLU A 64 8.82 6.43 -6.78
N HIS A 65 7.86 7.05 -6.12
CA HIS A 65 7.48 6.58 -4.76
C HIS A 65 6.84 5.19 -4.84
N PHE A 66 6.25 4.86 -5.96
CA PHE A 66 5.60 3.53 -6.09
C PHE A 66 6.60 2.54 -6.72
N ARG A 67 7.83 2.95 -6.89
CA ARG A 67 8.83 2.04 -7.49
C ARG A 67 8.89 0.73 -6.69
N SER A 68 8.78 0.80 -5.39
CA SER A 68 8.83 -0.45 -4.58
C SER A 68 7.79 -0.38 -3.45
N ILE A 69 7.28 -1.50 -3.03
CA ILE A 69 6.28 -1.51 -1.94
C ILE A 69 6.90 -0.96 -0.66
N ARG A 70 8.14 -1.27 -0.41
CA ARG A 70 8.80 -0.78 0.83
C ARG A 70 8.82 0.75 0.86
N SER A 71 9.01 1.38 -0.27
CA SER A 71 9.04 2.87 -0.27
C SER A 71 7.71 3.41 0.28
N ILE A 72 6.62 2.85 -0.13
CA ILE A 72 5.30 3.31 0.37
C ILE A 72 5.18 2.98 1.85
N ASP A 73 5.68 1.84 2.26
CA ASP A 73 5.59 1.46 3.69
C ASP A 73 6.29 2.51 4.56
N ALA A 74 7.38 3.05 4.10
CA ALA A 74 8.10 4.08 4.90
C ALA A 74 7.22 5.31 5.06
N PHE A 75 6.56 5.73 4.02
CA PHE A 75 5.69 6.93 4.12
C PHE A 75 4.58 6.68 5.15
N VAL A 76 3.94 5.55 5.06
CA VAL A 76 2.84 5.25 6.03
C VAL A 76 3.40 5.18 7.45
N VAL A 77 4.53 4.56 7.63
CA VAL A 77 5.12 4.47 8.99
C VAL A 77 5.47 5.86 9.50
N GLY A 78 6.00 6.69 8.65
CA GLY A 78 6.38 8.06 9.08
C GLY A 78 5.17 8.80 9.65
N ALA A 79 4.01 8.58 9.10
CA ALA A 79 2.80 9.28 9.60
C ALA A 79 2.02 8.38 10.57
N THR A 80 1.78 7.16 10.18
CA THR A 80 1.01 6.23 11.06
C THR A 80 1.76 4.89 11.15
N THR A 81 1.90 4.35 12.33
CA THR A 81 2.61 3.04 12.48
C THR A 81 1.74 2.07 13.28
N PRO A 82 0.87 1.35 12.61
CA PRO A 82 -0.01 0.35 13.27
C PRO A 82 0.77 -0.89 13.75
N PRO A 83 0.10 -1.85 14.32
CA PRO A 83 0.75 -3.10 14.82
C PRO A 83 1.48 -3.84 13.70
N VAL A 84 2.53 -4.55 14.02
CA VAL A 84 3.28 -5.28 12.96
C VAL A 84 2.75 -6.71 12.85
N GLU A 85 2.46 -7.15 11.65
CA GLU A 85 1.96 -8.53 11.46
C GLU A 85 2.69 -9.18 10.28
N ALA A 86 2.66 -10.48 10.20
CA ALA A 86 3.35 -11.17 9.07
C ALA A 86 2.32 -11.63 8.03
N LYS A 87 2.66 -11.58 6.77
CA LYS A 87 1.69 -11.99 5.72
C LYS A 87 1.26 -13.44 5.97
N LEU A 88 2.15 -14.26 6.48
CA LEU A 88 1.80 -15.68 6.75
C LEU A 88 1.42 -15.84 8.23
N GLN A 89 0.31 -16.45 8.50
CA GLN A 89 -0.11 -16.65 9.92
C GLN A 89 0.12 -15.34 10.70
N MET A 1 11.39 -1.90 6.70
CA MET A 1 10.14 -2.55 6.22
C MET A 1 9.21 -2.82 7.40
N GLN A 2 8.71 -1.78 8.00
CA GLN A 2 7.77 -1.97 9.15
C GLN A 2 6.36 -2.17 8.60
N HIS A 3 5.71 -3.23 8.98
CA HIS A 3 4.33 -3.48 8.46
C HIS A 3 4.38 -3.47 6.93
N ALA A 4 5.54 -3.64 6.37
CA ALA A 4 5.66 -3.63 4.88
C ALA A 4 4.84 -4.76 4.27
N SER A 5 4.82 -5.91 4.88
CA SER A 5 4.05 -7.04 4.31
C SER A 5 2.55 -6.70 4.32
N VAL A 6 2.10 -5.98 5.32
CA VAL A 6 0.66 -5.62 5.38
C VAL A 6 0.33 -4.67 4.23
N ILE A 7 1.21 -3.76 3.94
CA ILE A 7 0.96 -2.78 2.85
C ILE A 7 0.77 -3.52 1.52
N ALA A 8 1.59 -4.51 1.25
CA ALA A 8 1.45 -5.25 -0.03
C ALA A 8 0.09 -5.95 -0.07
N GLN A 9 -0.26 -6.65 0.97
CA GLN A 9 -1.57 -7.35 1.00
C GLN A 9 -2.69 -6.31 1.11
N PHE A 10 -2.45 -5.24 1.79
CA PHE A 10 -3.51 -4.19 1.94
C PHE A 10 -3.80 -3.55 0.59
N VAL A 11 -2.79 -3.08 -0.09
CA VAL A 11 -3.01 -2.43 -1.41
C VAL A 11 -3.36 -3.49 -2.46
N VAL A 12 -2.71 -4.62 -2.42
CA VAL A 12 -3.01 -5.68 -3.43
C VAL A 12 -4.45 -6.17 -3.26
N GLU A 13 -4.90 -6.31 -2.04
CA GLU A 13 -6.30 -6.79 -1.81
C GLU A 13 -7.28 -5.89 -2.56
N GLU A 14 -6.95 -4.64 -2.72
CA GLU A 14 -7.86 -3.72 -3.46
C GLU A 14 -7.97 -4.18 -4.91
N PHE A 15 -6.95 -4.79 -5.43
CA PHE A 15 -6.98 -5.26 -6.84
C PHE A 15 -6.11 -6.50 -6.98
N LEU A 16 -6.28 -7.48 -6.12
CA LEU A 16 -5.44 -8.70 -6.21
C LEU A 16 -5.99 -9.64 -7.29
N PRO A 17 -5.13 -10.21 -8.10
CA PRO A 17 -5.56 -11.15 -9.16
C PRO A 17 -5.97 -12.50 -8.56
N ASP A 18 -5.87 -13.56 -9.31
CA ASP A 18 -6.26 -14.88 -8.75
C ASP A 18 -5.11 -15.42 -7.90
N VAL A 19 -4.17 -14.56 -7.57
CA VAL A 19 -3.00 -14.99 -6.75
C VAL A 19 -3.04 -14.30 -5.38
N ALA A 20 -2.79 -15.04 -4.34
CA ALA A 20 -2.80 -14.42 -2.98
C ALA A 20 -1.51 -13.59 -2.80
N PRO A 21 -1.58 -12.43 -2.18
CA PRO A 21 -0.37 -11.59 -1.97
C PRO A 21 0.79 -12.39 -1.39
N ALA A 22 0.49 -13.37 -0.58
CA ALA A 22 1.56 -14.21 0.03
C ALA A 22 2.24 -15.02 -1.07
N ASP A 23 1.58 -15.18 -2.18
CA ASP A 23 2.18 -15.97 -3.29
C ASP A 23 2.84 -15.02 -4.28
N VAL A 24 2.78 -13.75 -4.00
CA VAL A 24 3.41 -12.75 -4.90
C VAL A 24 4.67 -12.22 -4.24
N ASP A 25 5.74 -12.12 -4.96
CA ASP A 25 7.00 -11.61 -4.34
C ASP A 25 6.87 -10.12 -4.08
N VAL A 26 6.57 -9.74 -2.86
CA VAL A 26 6.42 -8.29 -2.54
C VAL A 26 7.73 -7.56 -2.85
N ASP A 27 8.68 -8.24 -3.43
CA ASP A 27 9.98 -7.57 -3.77
C ASP A 27 9.90 -7.04 -5.19
N LEU A 28 8.73 -7.08 -5.78
CA LEU A 28 8.57 -6.59 -7.18
C LEU A 28 8.09 -5.14 -7.15
N ASP A 29 8.65 -4.30 -7.98
CA ASP A 29 8.20 -2.89 -8.00
C ASP A 29 6.74 -2.86 -8.42
N LEU A 30 5.88 -2.32 -7.61
CA LEU A 30 4.44 -2.29 -7.97
C LEU A 30 4.21 -1.26 -9.08
N VAL A 31 5.26 -0.71 -9.62
CA VAL A 31 5.08 0.30 -10.71
C VAL A 31 4.22 -0.32 -11.81
N ASP A 32 4.42 -1.56 -12.11
CA ASP A 32 3.59 -2.22 -13.15
C ASP A 32 2.12 -2.09 -12.73
N ASN A 33 1.88 -2.18 -11.46
CA ASN A 33 0.50 -2.05 -10.93
C ASN A 33 0.20 -0.56 -10.73
N GLY A 34 1.00 0.29 -11.30
CA GLY A 34 0.79 1.76 -11.16
C GLY A 34 -0.70 2.06 -11.29
N VAL A 35 -1.47 1.14 -11.79
CA VAL A 35 -2.93 1.40 -11.92
C VAL A 35 -3.46 1.87 -10.57
N ILE A 36 -2.95 1.31 -9.50
CA ILE A 36 -3.42 1.72 -8.14
C ILE A 36 -2.92 3.14 -7.82
N ASP A 37 -1.86 3.56 -8.44
CA ASP A 37 -1.30 4.91 -8.13
C ASP A 37 -2.33 6.00 -8.45
N SER A 38 -3.15 5.82 -9.44
CA SER A 38 -4.14 6.89 -9.80
C SER A 38 -5.55 6.51 -9.36
N LEU A 39 -6.11 5.48 -9.93
CA LEU A 39 -7.51 5.09 -9.56
C LEU A 39 -7.56 4.48 -8.16
N GLY A 40 -6.75 3.50 -7.90
CA GLY A 40 -6.77 2.86 -6.55
C GLY A 40 -6.28 3.86 -5.50
N LEU A 41 -5.32 4.66 -5.85
CA LEU A 41 -4.78 5.65 -4.87
C LEU A 41 -5.91 6.57 -4.41
N LEU A 42 -6.74 7.00 -5.32
CA LEU A 42 -7.86 7.90 -4.92
C LEU A 42 -8.82 7.14 -3.99
N LYS A 43 -9.14 5.92 -4.33
CA LYS A 43 -10.07 5.13 -3.49
C LYS A 43 -9.39 4.81 -2.15
N VAL A 44 -8.11 4.57 -2.17
CA VAL A 44 -7.40 4.23 -0.90
C VAL A 44 -7.48 5.40 0.08
N ILE A 45 -7.26 6.59 -0.38
CA ILE A 45 -7.33 7.77 0.54
C ILE A 45 -8.72 7.83 1.18
N ALA A 46 -9.74 7.72 0.39
CA ALA A 46 -11.14 7.79 0.94
C ALA A 46 -11.43 6.57 1.81
N TRP A 47 -11.05 5.41 1.37
CA TRP A 47 -11.34 4.18 2.17
C TRP A 47 -10.36 4.08 3.35
N LEU A 48 -9.11 4.35 3.12
CA LEU A 48 -8.11 4.27 4.21
C LEU A 48 -8.52 5.22 5.34
N GLU A 49 -9.01 6.39 5.02
CA GLU A 49 -9.43 7.34 6.09
C GLU A 49 -10.56 6.71 6.91
N ASP A 50 -11.50 6.08 6.25
CA ASP A 50 -12.62 5.46 6.99
C ASP A 50 -12.13 4.29 7.85
N ARG A 51 -11.26 3.48 7.30
CA ARG A 51 -10.75 2.30 8.08
C ARG A 51 -9.94 2.74 9.29
N PHE A 52 -9.07 3.72 9.14
CA PHE A 52 -8.25 4.16 10.31
C PHE A 52 -8.76 5.49 10.87
N GLY A 53 -9.66 6.14 10.18
CA GLY A 53 -10.17 7.44 10.69
C GLY A 53 -9.11 8.52 10.51
N ILE A 54 -8.22 8.34 9.57
CA ILE A 54 -7.15 9.36 9.34
C ILE A 54 -7.59 10.32 8.23
N ALA A 55 -7.28 11.58 8.37
CA ALA A 55 -7.68 12.55 7.32
C ALA A 55 -7.04 12.16 5.99
N ALA A 56 -7.69 12.48 4.90
CA ALA A 56 -7.11 12.11 3.58
C ALA A 56 -5.71 12.69 3.44
N ASP A 57 -5.51 13.90 3.90
CA ASP A 57 -4.16 14.52 3.80
C ASP A 57 -3.65 14.39 2.36
N ASP A 58 -4.47 14.73 1.41
CA ASP A 58 -4.04 14.61 -0.02
C ASP A 58 -2.85 15.54 -0.28
N VAL A 59 -1.76 14.98 -0.74
CA VAL A 59 -0.56 15.81 -1.04
C VAL A 59 0.00 15.39 -2.40
N GLU A 60 0.84 16.19 -2.99
CA GLU A 60 1.41 15.82 -4.31
C GLU A 60 2.30 14.58 -4.17
N LEU A 61 2.12 13.62 -5.01
CA LEU A 61 2.93 12.37 -4.91
C LEU A 61 3.63 12.10 -6.25
N SER A 62 4.80 11.53 -6.20
CA SER A 62 5.53 11.22 -7.46
C SER A 62 5.60 9.70 -7.66
N PRO A 63 5.78 9.26 -8.86
CA PRO A 63 5.86 7.80 -9.18
C PRO A 63 7.02 7.11 -8.45
N GLU A 64 8.03 7.85 -8.10
CA GLU A 64 9.18 7.24 -7.38
C GLU A 64 8.72 6.70 -6.03
N HIS A 65 7.75 7.32 -5.43
CA HIS A 65 7.24 6.84 -4.11
C HIS A 65 6.55 5.49 -4.27
N PHE A 66 6.02 5.22 -5.44
CA PHE A 66 5.33 3.93 -5.66
C PHE A 66 6.29 2.96 -6.36
N ARG A 67 7.52 3.34 -6.53
CA ARG A 67 8.50 2.44 -7.21
C ARG A 67 8.54 1.09 -6.48
N SER A 68 8.50 1.09 -5.17
CA SER A 68 8.55 -0.20 -4.43
C SER A 68 7.65 -0.13 -3.21
N ILE A 69 7.21 -1.26 -2.73
CA ILE A 69 6.32 -1.29 -1.53
C ILE A 69 7.07 -0.71 -0.33
N ARG A 70 8.35 -0.98 -0.22
CA ARG A 70 9.13 -0.46 0.93
C ARG A 70 9.09 1.07 0.96
N SER A 71 9.17 1.70 -0.18
CA SER A 71 9.14 3.19 -0.19
C SER A 71 7.84 3.69 0.42
N ILE A 72 6.76 3.02 0.17
CA ILE A 72 5.46 3.44 0.74
C ILE A 72 5.48 3.24 2.26
N ASP A 73 6.07 2.17 2.71
CA ASP A 73 6.14 1.91 4.18
C ASP A 73 6.82 3.07 4.89
N ALA A 74 7.85 3.63 4.30
CA ALA A 74 8.55 4.76 4.96
C ALA A 74 7.61 5.96 5.08
N PHE A 75 6.88 6.26 4.05
CA PHE A 75 5.93 7.42 4.12
C PHE A 75 4.84 7.12 5.16
N VAL A 76 4.27 5.95 5.10
CA VAL A 76 3.20 5.59 6.06
C VAL A 76 3.78 5.53 7.48
N VAL A 77 4.95 4.97 7.64
CA VAL A 77 5.55 4.89 8.99
C VAL A 77 5.85 6.29 9.52
N GLY A 78 6.34 7.16 8.67
CA GLY A 78 6.66 8.54 9.12
C GLY A 78 5.41 9.23 9.68
N ALA A 79 4.26 8.93 9.13
CA ALA A 79 3.02 9.58 9.62
C ALA A 79 2.25 8.66 10.56
N THR A 80 2.06 7.42 10.16
CA THR A 80 1.31 6.47 11.02
C THR A 80 2.10 5.17 11.18
N THR A 81 2.14 4.63 12.37
CA THR A 81 2.89 3.36 12.59
C THR A 81 1.97 2.37 13.31
N PRO A 82 1.23 1.57 12.57
CA PRO A 82 0.31 0.56 13.14
C PRO A 82 1.02 -0.75 13.52
N PRO A 83 0.40 -1.54 14.35
CA PRO A 83 0.96 -2.85 14.80
C PRO A 83 1.21 -3.80 13.63
N VAL A 84 2.17 -4.67 13.76
CA VAL A 84 2.47 -5.61 12.64
C VAL A 84 1.64 -6.88 12.80
N GLU A 85 0.98 -7.30 11.75
CA GLU A 85 0.14 -8.53 11.82
C GLU A 85 0.52 -9.46 10.68
N ALA A 86 0.13 -10.71 10.74
CA ALA A 86 0.48 -11.65 9.63
C ALA A 86 0.03 -11.05 8.30
N LYS A 87 0.79 -11.26 7.27
CA LYS A 87 0.40 -10.69 5.94
C LYS A 87 -0.98 -11.21 5.54
N LEU A 88 -1.27 -12.44 5.86
CA LEU A 88 -2.61 -13.00 5.51
C LEU A 88 -3.56 -12.84 6.69
N GLN A 89 -4.80 -12.55 6.43
CA GLN A 89 -5.78 -12.38 7.55
C GLN A 89 -6.46 -13.71 7.83
N MET A 1 9.91 -2.74 8.79
CA MET A 1 8.63 -3.17 8.15
C MET A 1 7.68 -3.71 9.22
N GLN A 2 6.68 -2.94 9.55
CA GLN A 2 5.69 -3.42 10.57
C GLN A 2 4.38 -3.76 9.87
N HIS A 3 3.74 -4.83 10.25
CA HIS A 3 2.46 -5.20 9.58
C HIS A 3 2.62 -5.04 8.07
N ALA A 4 3.83 -5.17 7.58
CA ALA A 4 4.06 -5.02 6.11
C ALA A 4 3.23 -6.05 5.34
N SER A 5 3.09 -7.23 5.88
CA SER A 5 2.31 -8.27 5.16
C SER A 5 0.88 -7.78 4.94
N VAL A 6 0.32 -7.11 5.92
CA VAL A 6 -1.07 -6.60 5.75
C VAL A 6 -1.08 -5.51 4.68
N ILE A 7 -0.05 -4.71 4.62
CA ILE A 7 -0.01 -3.64 3.59
C ILE A 7 -0.07 -4.27 2.19
N ALA A 8 0.77 -5.24 1.94
CA ALA A 8 0.75 -5.90 0.60
C ALA A 8 -0.60 -6.61 0.41
N GLN A 9 -1.01 -7.36 1.40
CA GLN A 9 -2.30 -8.07 1.30
C GLN A 9 -3.46 -7.06 1.19
N PHE A 10 -3.39 -6.00 1.94
CA PHE A 10 -4.46 -4.98 1.90
C PHE A 10 -4.49 -4.28 0.54
N VAL A 11 -3.37 -3.79 0.09
CA VAL A 11 -3.33 -3.08 -1.22
C VAL A 11 -3.54 -4.10 -2.35
N VAL A 12 -2.93 -5.25 -2.25
CA VAL A 12 -3.09 -6.27 -3.32
C VAL A 12 -4.54 -6.74 -3.38
N GLU A 13 -5.19 -6.82 -2.25
CA GLU A 13 -6.62 -7.27 -2.23
C GLU A 13 -7.45 -6.36 -3.14
N GLU A 14 -7.07 -5.12 -3.26
CA GLU A 14 -7.83 -4.18 -4.11
C GLU A 14 -7.74 -4.62 -5.58
N PHE A 15 -6.64 -5.21 -5.95
CA PHE A 15 -6.48 -5.66 -7.37
C PHE A 15 -5.71 -6.99 -7.42
N LEU A 16 -6.09 -7.93 -6.58
CA LEU A 16 -5.38 -9.23 -6.58
C LEU A 16 -5.88 -10.12 -7.73
N PRO A 17 -5.01 -10.77 -8.44
CA PRO A 17 -5.40 -11.68 -9.55
C PRO A 17 -5.91 -13.01 -8.99
N ASP A 18 -5.74 -14.08 -9.72
CA ASP A 18 -6.20 -15.39 -9.21
C ASP A 18 -5.16 -15.93 -8.21
N VAL A 19 -4.24 -15.09 -7.81
CA VAL A 19 -3.19 -15.53 -6.86
C VAL A 19 -3.36 -14.82 -5.51
N ALA A 20 -3.24 -15.53 -4.43
CA ALA A 20 -3.39 -14.88 -3.10
C ALA A 20 -2.18 -13.97 -2.85
N PRO A 21 -2.37 -12.78 -2.31
CA PRO A 21 -1.23 -11.85 -2.04
C PRO A 21 -0.07 -12.54 -1.33
N ALA A 22 -0.35 -13.57 -0.60
CA ALA A 22 0.75 -14.29 0.12
C ALA A 22 1.59 -15.09 -0.89
N ASP A 23 1.06 -15.31 -2.06
CA ASP A 23 1.82 -16.11 -3.08
C ASP A 23 2.38 -15.17 -4.17
N VAL A 24 2.25 -13.88 -4.00
CA VAL A 24 2.79 -12.96 -5.03
C VAL A 24 4.18 -12.49 -4.62
N ASP A 25 5.05 -12.30 -5.56
CA ASP A 25 6.43 -11.86 -5.22
C ASP A 25 6.38 -10.41 -4.74
N VAL A 26 6.17 -10.20 -3.46
CA VAL A 26 6.11 -8.81 -2.94
C VAL A 26 7.45 -8.12 -3.17
N ASP A 27 8.35 -8.76 -3.87
CA ASP A 27 9.68 -8.13 -4.14
C ASP A 27 9.65 -7.51 -5.54
N LEU A 28 8.50 -7.51 -6.16
CA LEU A 28 8.39 -6.92 -7.53
C LEU A 28 7.88 -5.50 -7.44
N ASP A 29 8.47 -4.59 -8.17
CA ASP A 29 7.99 -3.19 -8.12
C ASP A 29 6.57 -3.16 -8.67
N LEU A 30 5.63 -2.69 -7.89
CA LEU A 30 4.23 -2.66 -8.36
C LEU A 30 4.08 -1.61 -9.47
N VAL A 31 5.17 -1.07 -9.95
CA VAL A 31 5.07 -0.06 -11.04
C VAL A 31 4.26 -0.65 -12.19
N ASP A 32 4.47 -1.89 -12.49
CA ASP A 32 3.68 -2.53 -13.59
C ASP A 32 2.21 -2.40 -13.24
N ASN A 33 1.89 -2.51 -11.98
CA ASN A 33 0.49 -2.38 -11.52
C ASN A 33 0.18 -0.90 -11.32
N GLY A 34 1.02 -0.04 -11.85
CA GLY A 34 0.80 1.43 -11.69
C GLY A 34 -0.68 1.75 -11.89
N VAL A 35 -1.43 0.84 -12.45
CA VAL A 35 -2.88 1.11 -12.64
C VAL A 35 -3.48 1.52 -11.29
N ILE A 36 -3.01 0.92 -10.23
CA ILE A 36 -3.54 1.26 -8.88
C ILE A 36 -3.06 2.66 -8.47
N ASP A 37 -1.96 3.10 -9.02
CA ASP A 37 -1.43 4.44 -8.65
C ASP A 37 -2.42 5.53 -9.03
N SER A 38 -3.21 5.34 -10.05
CA SER A 38 -4.17 6.40 -10.46
C SER A 38 -5.60 6.04 -10.04
N LEU A 39 -6.14 5.00 -10.59
CA LEU A 39 -7.54 4.62 -10.25
C LEU A 39 -7.61 4.01 -8.85
N GLY A 40 -6.81 3.02 -8.58
CA GLY A 40 -6.84 2.39 -7.24
C GLY A 40 -6.41 3.40 -6.19
N LEU A 41 -5.47 4.25 -6.53
CA LEU A 41 -5.00 5.27 -5.56
C LEU A 41 -6.17 6.19 -5.21
N LEU A 42 -6.97 6.54 -6.16
CA LEU A 42 -8.12 7.42 -5.87
C LEU A 42 -9.02 6.74 -4.84
N LYS A 43 -9.27 5.47 -5.02
CA LYS A 43 -10.11 4.73 -4.05
C LYS A 43 -9.38 4.62 -2.71
N VAL A 44 -8.09 4.38 -2.75
CA VAL A 44 -7.31 4.25 -1.48
C VAL A 44 -7.30 5.59 -0.74
N ILE A 45 -7.06 6.66 -1.43
CA ILE A 45 -7.03 7.99 -0.77
C ILE A 45 -8.41 8.31 -0.18
N ALA A 46 -9.45 8.01 -0.90
CA ALA A 46 -10.82 8.30 -0.39
C ALA A 46 -11.07 7.48 0.87
N TRP A 47 -10.65 6.24 0.88
CA TRP A 47 -10.87 5.38 2.09
C TRP A 47 -9.83 5.73 3.16
N LEU A 48 -8.58 5.78 2.79
CA LEU A 48 -7.52 6.09 3.78
C LEU A 48 -7.74 7.46 4.41
N GLU A 49 -8.09 8.45 3.64
CA GLU A 49 -8.32 9.79 4.22
C GLU A 49 -9.54 9.75 5.13
N ASP A 50 -10.52 8.98 4.75
CA ASP A 50 -11.76 8.88 5.59
C ASP A 50 -11.46 8.08 6.86
N ARG A 51 -10.78 6.99 6.73
CA ARG A 51 -10.48 6.13 7.92
C ARG A 51 -9.66 6.90 8.95
N PHE A 52 -8.70 7.68 8.53
CA PHE A 52 -7.86 8.43 9.50
C PHE A 52 -8.29 9.89 9.54
N GLY A 53 -9.17 10.30 8.69
CA GLY A 53 -9.62 11.72 8.69
C GLY A 53 -8.45 12.61 8.30
N ILE A 54 -7.60 12.15 7.43
CA ILE A 54 -6.42 12.97 7.02
C ILE A 54 -6.73 13.66 5.69
N ALA A 55 -6.45 14.93 5.59
CA ALA A 55 -6.74 15.65 4.31
C ALA A 55 -5.89 15.04 3.19
N ALA A 56 -6.47 14.85 2.04
CA ALA A 56 -5.71 14.25 0.90
C ALA A 56 -4.65 15.24 0.41
N ASP A 57 -4.89 16.50 0.54
CA ASP A 57 -3.90 17.52 0.06
C ASP A 57 -2.84 17.77 1.11
N ASP A 58 -2.90 17.09 2.22
CA ASP A 58 -1.87 17.31 3.29
C ASP A 58 -0.48 16.99 2.73
N VAL A 59 -0.39 15.97 1.92
CA VAL A 59 0.94 15.60 1.35
C VAL A 59 0.80 15.39 -0.17
N GLU A 60 1.88 15.46 -0.89
CA GLU A 60 1.80 15.28 -2.36
C GLU A 60 2.14 13.82 -2.70
N LEU A 61 1.41 13.24 -3.62
CA LEU A 61 1.67 11.82 -3.99
C LEU A 61 2.44 11.77 -5.31
N SER A 62 3.39 10.88 -5.42
CA SER A 62 4.17 10.77 -6.69
C SER A 62 4.33 9.29 -7.05
N PRO A 63 4.57 9.01 -8.30
CA PRO A 63 4.75 7.61 -8.79
C PRO A 63 5.96 6.93 -8.15
N GLU A 64 6.98 7.67 -7.82
CA GLU A 64 8.18 7.08 -7.19
C GLU A 64 7.82 6.49 -5.82
N HIS A 65 6.88 7.09 -5.14
CA HIS A 65 6.49 6.57 -3.81
C HIS A 65 5.82 5.21 -3.95
N PHE A 66 5.20 4.96 -5.07
CA PHE A 66 4.52 3.65 -5.26
C PHE A 66 5.42 2.71 -6.07
N ARG A 67 6.63 3.12 -6.33
CA ARG A 67 7.56 2.26 -7.11
C ARG A 67 7.69 0.90 -6.42
N SER A 68 7.73 0.89 -5.11
CA SER A 68 7.85 -0.41 -4.37
C SER A 68 6.87 -0.44 -3.20
N ILE A 69 6.45 -1.61 -2.80
CA ILE A 69 5.50 -1.71 -1.67
C ILE A 69 6.15 -1.19 -0.38
N ARG A 70 7.42 -1.42 -0.22
CA ARG A 70 8.11 -0.95 1.01
C ARG A 70 8.01 0.57 1.13
N SER A 71 8.13 1.27 0.03
CA SER A 71 8.06 2.75 0.09
C SER A 71 6.72 3.19 0.71
N ILE A 72 5.65 2.55 0.32
CA ILE A 72 4.33 2.92 0.90
C ILE A 72 4.35 2.66 2.41
N ASP A 73 4.95 1.59 2.83
CA ASP A 73 5.01 1.28 4.28
C ASP A 73 5.67 2.45 5.02
N ALA A 74 6.65 3.06 4.43
CA ALA A 74 7.33 4.19 5.11
C ALA A 74 6.32 5.32 5.34
N PHE A 75 5.48 5.59 4.39
CA PHE A 75 4.47 6.68 4.57
C PHE A 75 3.55 6.32 5.74
N VAL A 76 3.05 5.11 5.76
CA VAL A 76 2.14 4.70 6.86
C VAL A 76 2.89 4.74 8.19
N VAL A 77 4.10 4.25 8.22
CA VAL A 77 4.88 4.26 9.49
C VAL A 77 5.07 5.70 9.98
N GLY A 78 5.35 6.60 9.07
CA GLY A 78 5.56 8.02 9.47
C GLY A 78 4.31 8.59 10.14
N ALA A 79 3.14 8.14 9.76
CA ALA A 79 1.90 8.71 10.37
C ALA A 79 1.31 7.73 11.38
N THR A 80 1.18 6.49 11.03
CA THR A 80 0.60 5.49 11.98
C THR A 80 1.55 4.29 12.07
N THR A 81 1.52 3.57 13.14
CA THR A 81 2.41 2.38 13.27
C THR A 81 1.66 1.22 13.91
N PRO A 82 1.01 0.40 13.11
CA PRO A 82 0.25 -0.78 13.59
C PRO A 82 1.16 -1.83 14.23
N PRO A 83 0.62 -2.95 14.63
CA PRO A 83 1.42 -4.05 15.26
C PRO A 83 2.53 -4.55 14.32
N VAL A 84 3.61 -5.02 14.86
CA VAL A 84 4.72 -5.51 13.99
C VAL A 84 4.52 -6.99 13.67
N GLU A 85 4.56 -7.34 12.42
CA GLU A 85 4.39 -8.76 12.02
C GLU A 85 5.39 -9.10 10.92
N ALA A 86 5.87 -10.32 10.89
CA ALA A 86 6.84 -10.70 9.82
C ALA A 86 6.22 -10.44 8.45
N LYS A 87 6.98 -9.93 7.52
CA LYS A 87 6.43 -9.66 6.17
C LYS A 87 5.92 -10.97 5.55
N LEU A 88 6.61 -12.05 5.80
CA LEU A 88 6.16 -13.36 5.24
C LEU A 88 5.26 -14.06 6.25
N GLN A 89 4.23 -14.73 5.78
CA GLN A 89 3.32 -15.45 6.72
C GLN A 89 3.86 -16.85 6.98
N MET A 1 8.17 -2.21 7.13
CA MET A 1 7.36 -3.36 6.63
C MET A 1 6.54 -3.93 7.78
N GLN A 2 6.30 -3.14 8.80
CA GLN A 2 5.49 -3.64 9.94
C GLN A 2 4.10 -4.06 9.46
N HIS A 3 3.55 -3.32 8.53
CA HIS A 3 2.19 -3.68 8.00
C HIS A 3 2.28 -3.87 6.49
N ALA A 4 3.44 -4.17 5.99
CA ALA A 4 3.60 -4.37 4.52
C ALA A 4 2.69 -5.51 4.06
N SER A 5 2.50 -6.50 4.86
CA SER A 5 1.62 -7.63 4.46
C SER A 5 0.22 -7.10 4.15
N VAL A 6 -0.28 -6.21 4.95
CA VAL A 6 -1.63 -5.63 4.70
C VAL A 6 -1.59 -4.83 3.40
N ILE A 7 -0.52 -4.12 3.17
CA ILE A 7 -0.42 -3.31 1.93
C ILE A 7 -0.55 -4.21 0.70
N ALA A 8 0.21 -5.26 0.66
CA ALA A 8 0.12 -6.18 -0.51
C ALA A 8 -1.26 -6.81 -0.54
N GLN A 9 -1.75 -7.22 0.60
CA GLN A 9 -3.10 -7.83 0.67
C GLN A 9 -4.16 -6.78 0.30
N PHE A 10 -3.97 -5.58 0.75
CA PHE A 10 -4.96 -4.51 0.44
C PHE A 10 -5.06 -4.29 -1.07
N VAL A 11 -3.94 -4.10 -1.73
CA VAL A 11 -3.96 -3.88 -3.20
C VAL A 11 -4.28 -5.18 -3.94
N VAL A 12 -3.61 -6.25 -3.62
CA VAL A 12 -3.85 -7.55 -4.33
C VAL A 12 -5.30 -8.02 -4.15
N GLU A 13 -5.87 -7.79 -3.01
CA GLU A 13 -7.28 -8.25 -2.78
C GLU A 13 -8.21 -7.61 -3.81
N GLU A 14 -7.93 -6.39 -4.19
CA GLU A 14 -8.81 -5.70 -5.17
C GLU A 14 -8.73 -6.38 -6.55
N PHE A 15 -7.59 -6.87 -6.93
CA PHE A 15 -7.48 -7.51 -8.28
C PHE A 15 -7.52 -9.03 -8.17
N LEU A 16 -6.61 -9.62 -7.43
CA LEU A 16 -6.59 -11.11 -7.32
C LEU A 16 -6.69 -11.55 -5.86
N PRO A 17 -7.88 -11.70 -5.35
CA PRO A 17 -8.14 -12.15 -3.97
C PRO A 17 -8.29 -13.68 -3.88
N ASP A 18 -8.53 -14.33 -4.99
CA ASP A 18 -8.70 -15.81 -4.97
C ASP A 18 -7.33 -16.46 -4.82
N VAL A 19 -6.30 -15.68 -4.85
CA VAL A 19 -4.92 -16.22 -4.69
C VAL A 19 -4.35 -15.70 -3.37
N ALA A 20 -3.56 -16.48 -2.68
CA ALA A 20 -3.03 -15.98 -1.38
C ALA A 20 -2.21 -14.72 -1.65
N PRO A 21 -2.62 -13.58 -1.15
CA PRO A 21 -1.87 -12.32 -1.37
C PRO A 21 -0.47 -12.37 -0.74
N ALA A 22 -0.29 -13.20 0.25
CA ALA A 22 1.04 -13.31 0.90
C ALA A 22 2.04 -14.00 -0.04
N ASP A 23 1.56 -14.65 -1.07
CA ASP A 23 2.49 -15.33 -2.01
C ASP A 23 2.91 -14.37 -3.12
N VAL A 24 2.48 -13.14 -3.05
CA VAL A 24 2.88 -12.16 -4.10
C VAL A 24 4.32 -11.71 -3.83
N ASP A 25 5.10 -11.55 -4.85
CA ASP A 25 6.50 -11.12 -4.63
C ASP A 25 6.52 -9.70 -4.07
N VAL A 26 6.34 -9.55 -2.78
CA VAL A 26 6.34 -8.19 -2.18
C VAL A 26 7.71 -7.55 -2.39
N ASP A 27 8.58 -8.19 -3.13
CA ASP A 27 9.92 -7.61 -3.39
C ASP A 27 9.95 -7.04 -4.80
N LEU A 28 8.83 -7.01 -5.46
CA LEU A 28 8.78 -6.47 -6.84
C LEU A 28 8.27 -5.03 -6.81
N ASP A 29 8.88 -4.17 -7.58
CA ASP A 29 8.43 -2.76 -7.60
C ASP A 29 6.98 -2.73 -8.08
N LEU A 30 6.08 -2.20 -7.28
CA LEU A 30 4.66 -2.18 -7.69
C LEU A 30 4.45 -1.16 -8.82
N VAL A 31 5.51 -0.62 -9.36
CA VAL A 31 5.33 0.36 -10.46
C VAL A 31 4.50 -0.29 -11.56
N ASP A 32 4.80 -1.51 -11.88
CA ASP A 32 4.02 -2.22 -12.92
C ASP A 32 2.55 -2.18 -12.49
N ASN A 33 2.32 -2.27 -11.21
CA ASN A 33 0.93 -2.21 -10.68
C ASN A 33 0.53 -0.74 -10.54
N GLY A 34 1.28 0.13 -11.17
CA GLY A 34 0.96 1.59 -11.08
C GLY A 34 -0.54 1.79 -11.21
N VAL A 35 -1.25 0.78 -11.67
CA VAL A 35 -2.72 0.92 -11.80
C VAL A 35 -3.28 1.42 -10.48
N ILE A 36 -2.74 0.95 -9.39
CA ILE A 36 -3.23 1.40 -8.05
C ILE A 36 -2.80 2.84 -7.82
N ASP A 37 -1.76 3.26 -8.48
CA ASP A 37 -1.25 4.66 -8.28
C ASP A 37 -2.33 5.69 -8.63
N SER A 38 -3.17 5.40 -9.59
CA SER A 38 -4.21 6.41 -9.98
C SER A 38 -5.59 5.99 -9.47
N LEU A 39 -6.11 4.90 -9.95
CA LEU A 39 -7.47 4.47 -9.51
C LEU A 39 -7.45 3.95 -8.07
N GLY A 40 -6.57 3.03 -7.79
CA GLY A 40 -6.52 2.49 -6.39
C GLY A 40 -6.09 3.58 -5.42
N LEU A 41 -5.19 4.43 -5.83
CA LEU A 41 -4.73 5.51 -4.93
C LEU A 41 -5.92 6.37 -4.53
N LEU A 42 -6.80 6.66 -5.46
CA LEU A 42 -7.98 7.48 -5.11
C LEU A 42 -8.82 6.73 -4.06
N LYS A 43 -9.00 5.46 -4.25
CA LYS A 43 -9.78 4.66 -3.27
C LYS A 43 -9.01 4.56 -1.95
N VAL A 44 -7.71 4.39 -2.03
CA VAL A 44 -6.89 4.26 -0.80
C VAL A 44 -6.93 5.57 0.00
N ILE A 45 -6.78 6.68 -0.66
CA ILE A 45 -6.80 7.99 0.05
C ILE A 45 -8.17 8.17 0.71
N ALA A 46 -9.22 7.94 -0.01
CA ALA A 46 -10.58 8.10 0.57
C ALA A 46 -10.79 7.08 1.70
N TRP A 47 -10.37 5.86 1.47
CA TRP A 47 -10.54 4.82 2.52
C TRP A 47 -9.58 5.08 3.69
N LEU A 48 -8.38 5.49 3.38
CA LEU A 48 -7.40 5.77 4.46
C LEU A 48 -7.95 6.84 5.40
N GLU A 49 -8.46 7.91 4.85
CA GLU A 49 -9.03 8.99 5.70
C GLU A 49 -10.27 8.45 6.42
N ASP A 50 -11.05 7.67 5.73
CA ASP A 50 -12.28 7.10 6.38
C ASP A 50 -11.90 6.13 7.50
N ARG A 51 -10.85 5.40 7.34
CA ARG A 51 -10.46 4.41 8.39
C ARG A 51 -9.62 5.04 9.50
N PHE A 52 -8.56 5.73 9.18
CA PHE A 52 -7.71 6.32 10.25
C PHE A 52 -8.10 7.78 10.53
N GLY A 53 -8.99 8.34 9.77
CA GLY A 53 -9.38 9.75 10.02
C GLY A 53 -8.22 10.66 9.64
N ILE A 54 -7.37 10.22 8.75
CA ILE A 54 -6.21 11.04 8.33
C ILE A 54 -6.58 11.85 7.08
N ALA A 55 -6.07 13.04 6.96
CA ALA A 55 -6.40 13.87 5.77
C ALA A 55 -5.95 13.15 4.50
N ALA A 56 -6.62 13.37 3.41
CA ALA A 56 -6.24 12.69 2.14
C ALA A 56 -4.78 13.00 1.82
N ASP A 57 -4.30 14.16 2.21
CA ASP A 57 -2.88 14.53 1.93
C ASP A 57 -2.62 14.42 0.43
N ASP A 58 -3.49 14.95 -0.38
CA ASP A 58 -3.29 14.88 -1.85
C ASP A 58 -2.62 16.16 -2.35
N VAL A 59 -2.05 16.92 -1.47
CA VAL A 59 -1.38 18.19 -1.89
C VAL A 59 -0.32 17.88 -2.95
N GLU A 60 0.46 16.85 -2.74
CA GLU A 60 1.51 16.49 -3.75
C GLU A 60 1.54 14.98 -3.93
N LEU A 61 1.55 14.51 -5.16
CA LEU A 61 1.59 13.05 -5.40
C LEU A 61 2.67 12.74 -6.44
N SER A 62 3.41 11.68 -6.25
CA SER A 62 4.47 11.31 -7.24
C SER A 62 4.65 9.79 -7.26
N PRO A 63 4.97 9.23 -8.40
CA PRO A 63 5.18 7.76 -8.55
C PRO A 63 6.35 7.25 -7.70
N GLU A 64 7.26 8.13 -7.36
CA GLU A 64 8.44 7.70 -6.55
C GLU A 64 7.97 7.20 -5.19
N HIS A 65 6.89 7.73 -4.68
CA HIS A 65 6.40 7.27 -3.35
C HIS A 65 5.89 5.83 -3.45
N PHE A 66 5.45 5.44 -4.62
CA PHE A 66 4.94 4.05 -4.79
C PHE A 66 5.98 3.19 -5.54
N ARG A 67 7.17 3.70 -5.70
CA ARG A 67 8.22 2.92 -6.42
C ARG A 67 8.37 1.55 -5.77
N SER A 68 8.29 1.47 -4.47
CA SER A 68 8.43 0.15 -3.79
C SER A 68 7.60 0.12 -2.51
N ILE A 69 7.22 -1.04 -2.06
CA ILE A 69 6.41 -1.15 -0.82
C ILE A 69 7.21 -0.60 0.37
N ARG A 70 8.49 -0.82 0.39
CA ARG A 70 9.32 -0.33 1.53
C ARG A 70 9.23 1.20 1.60
N SER A 71 9.25 1.87 0.49
CA SER A 71 9.17 3.36 0.53
C SER A 71 7.85 3.78 1.18
N ILE A 72 6.76 3.13 0.81
CA ILE A 72 5.45 3.48 1.40
C ILE A 72 5.44 3.12 2.89
N ASP A 73 6.05 2.02 3.24
CA ASP A 73 6.06 1.60 4.67
C ASP A 73 6.70 2.69 5.53
N ALA A 74 7.75 3.30 5.06
CA ALA A 74 8.40 4.36 5.87
C ALA A 74 7.46 5.56 6.00
N PHE A 75 6.86 5.97 4.92
CA PHE A 75 5.93 7.12 4.97
C PHE A 75 4.73 6.76 5.85
N VAL A 76 4.17 5.61 5.63
CA VAL A 76 3.00 5.18 6.45
C VAL A 76 3.41 5.01 7.90
N VAL A 77 4.56 4.44 8.16
CA VAL A 77 5.00 4.25 9.56
C VAL A 77 5.18 5.61 10.24
N GLY A 78 5.72 6.56 9.54
CA GLY A 78 5.93 7.91 10.14
C GLY A 78 4.60 8.49 10.61
N ALA A 79 3.52 8.22 9.91
CA ALA A 79 2.20 8.78 10.32
C ALA A 79 1.38 7.72 11.05
N THR A 80 1.28 6.54 10.49
CA THR A 80 0.47 5.47 11.15
C THR A 80 1.30 4.19 11.24
N THR A 81 1.23 3.51 12.36
CA THR A 81 2.00 2.24 12.51
C THR A 81 1.05 1.12 12.98
N PRO A 82 0.45 0.42 12.05
CA PRO A 82 -0.49 -0.69 12.38
C PRO A 82 0.21 -1.85 13.10
N PRO A 83 -0.53 -2.89 13.44
CA PRO A 83 0.04 -4.07 14.14
C PRO A 83 1.14 -4.75 13.32
N VAL A 84 2.08 -5.37 13.97
CA VAL A 84 3.20 -6.03 13.24
C VAL A 84 2.95 -7.55 13.22
N GLU A 85 3.01 -8.15 12.06
CA GLU A 85 2.79 -9.61 11.96
C GLU A 85 3.84 -10.24 11.04
N ALA A 86 4.09 -11.51 11.16
CA ALA A 86 5.10 -12.16 10.28
C ALA A 86 4.67 -12.02 8.82
N LYS A 87 5.61 -11.86 7.93
CA LYS A 87 5.25 -11.71 6.48
C LYS A 87 6.09 -12.69 5.65
N LEU A 88 5.47 -13.40 4.75
CA LEU A 88 6.23 -14.36 3.90
C LEU A 88 6.68 -13.67 2.62
N GLN A 89 7.87 -13.99 2.15
CA GLN A 89 8.36 -13.35 0.90
C GLN A 89 7.24 -13.29 -0.13
N MET A 1 9.73 -2.90 7.01
CA MET A 1 8.55 -3.71 6.59
C MET A 1 7.65 -3.96 7.80
N GLN A 2 7.61 -3.05 8.72
CA GLN A 2 6.77 -3.24 9.93
C GLN A 2 5.30 -3.42 9.50
N HIS A 3 4.85 -2.67 8.54
CA HIS A 3 3.45 -2.80 8.07
C HIS A 3 3.41 -3.02 6.56
N ALA A 4 4.56 -3.30 5.97
CA ALA A 4 4.60 -3.51 4.49
C ALA A 4 3.70 -4.67 4.11
N SER A 5 3.55 -5.65 4.96
CA SER A 5 2.68 -6.82 4.61
C SER A 5 1.27 -6.33 4.33
N VAL A 6 0.81 -5.35 5.06
CA VAL A 6 -0.57 -4.83 4.83
C VAL A 6 -0.60 -4.12 3.47
N ILE A 7 0.46 -3.43 3.13
CA ILE A 7 0.50 -2.71 1.84
C ILE A 7 0.34 -3.71 0.68
N ALA A 8 1.12 -4.75 0.68
CA ALA A 8 1.00 -5.77 -0.40
C ALA A 8 -0.38 -6.42 -0.33
N GLN A 9 -0.78 -6.82 0.84
CA GLN A 9 -2.10 -7.47 1.00
C GLN A 9 -3.19 -6.47 0.62
N PHE A 10 -3.06 -5.26 1.08
CA PHE A 10 -4.08 -4.22 0.75
C PHE A 10 -4.05 -3.91 -0.74
N VAL A 11 -2.88 -3.76 -1.29
CA VAL A 11 -2.76 -3.45 -2.75
C VAL A 11 -3.25 -4.63 -3.58
N VAL A 12 -2.77 -5.81 -3.30
CA VAL A 12 -3.19 -7.01 -4.08
C VAL A 12 -4.69 -7.27 -3.89
N GLU A 13 -5.19 -7.01 -2.72
CA GLU A 13 -6.64 -7.25 -2.47
C GLU A 13 -7.48 -6.48 -3.47
N GLU A 14 -7.05 -5.32 -3.86
CA GLU A 14 -7.83 -4.51 -4.84
C GLU A 14 -7.88 -5.20 -6.20
N PHE A 15 -6.86 -5.95 -6.55
CA PHE A 15 -6.85 -6.61 -7.89
C PHE A 15 -7.01 -8.13 -7.76
N LEU A 16 -6.14 -8.79 -7.03
CA LEU A 16 -6.24 -10.27 -6.91
C LEU A 16 -6.33 -10.72 -5.45
N PRO A 17 -7.51 -10.75 -4.90
CA PRO A 17 -7.75 -11.20 -3.51
C PRO A 17 -8.03 -12.70 -3.43
N ASP A 18 -8.40 -13.31 -4.54
CA ASP A 18 -8.67 -14.77 -4.54
C ASP A 18 -7.36 -15.54 -4.51
N VAL A 19 -6.26 -14.82 -4.57
CA VAL A 19 -4.93 -15.48 -4.52
C VAL A 19 -4.25 -15.07 -3.23
N ALA A 20 -3.50 -15.93 -2.61
CA ALA A 20 -2.85 -15.55 -1.33
C ALA A 20 -1.91 -14.37 -1.61
N PRO A 21 -2.18 -13.21 -1.04
CA PRO A 21 -1.31 -12.02 -1.25
C PRO A 21 0.11 -12.24 -0.72
N ALA A 22 0.25 -13.11 0.25
CA ALA A 22 1.61 -13.39 0.81
C ALA A 22 2.43 -14.17 -0.21
N ASP A 23 1.78 -14.72 -1.21
CA ASP A 23 2.52 -15.49 -2.24
C ASP A 23 2.98 -14.54 -3.35
N VAL A 24 2.82 -13.27 -3.14
CA VAL A 24 3.25 -12.29 -4.18
C VAL A 24 4.68 -11.85 -3.87
N ASP A 25 5.51 -11.75 -4.87
CA ASP A 25 6.91 -11.34 -4.61
C ASP A 25 6.94 -9.91 -4.09
N VAL A 26 6.78 -9.74 -2.80
CA VAL A 26 6.81 -8.37 -2.21
C VAL A 26 8.15 -7.70 -2.52
N ASP A 27 8.99 -8.35 -3.29
CA ASP A 27 10.31 -7.74 -3.63
C ASP A 27 10.22 -7.15 -5.04
N LEU A 28 9.06 -7.17 -5.62
CA LEU A 28 8.89 -6.62 -7.00
C LEU A 28 8.32 -5.22 -6.93
N ASP A 29 8.87 -4.29 -7.66
CA ASP A 29 8.34 -2.91 -7.63
C ASP A 29 6.95 -2.93 -8.26
N LEU A 30 5.95 -2.50 -7.53
CA LEU A 30 4.57 -2.52 -8.09
C LEU A 30 4.44 -1.46 -9.18
N VAL A 31 5.53 -0.90 -9.64
CA VAL A 31 5.44 0.13 -10.70
C VAL A 31 4.64 -0.45 -11.86
N ASP A 32 4.91 -1.67 -12.22
CA ASP A 32 4.13 -2.30 -13.31
C ASP A 32 2.66 -2.25 -12.93
N ASN A 33 2.39 -2.39 -11.66
CA ASN A 33 0.99 -2.33 -11.16
C ASN A 33 0.60 -0.87 -10.97
N GLY A 34 1.38 0.02 -11.53
CA GLY A 34 1.09 1.48 -11.40
C GLY A 34 -0.40 1.73 -11.57
N VAL A 35 -1.12 0.76 -12.06
CA VAL A 35 -2.58 0.95 -12.23
C VAL A 35 -3.17 1.47 -10.92
N ILE A 36 -2.66 0.99 -9.82
CA ILE A 36 -3.17 1.46 -8.49
C ILE A 36 -2.73 2.90 -8.25
N ASP A 37 -1.68 3.31 -8.88
CA ASP A 37 -1.17 4.71 -8.66
C ASP A 37 -2.21 5.74 -9.07
N SER A 38 -3.02 5.46 -10.07
CA SER A 38 -4.02 6.46 -10.51
C SER A 38 -5.44 6.09 -10.07
N LEU A 39 -5.97 5.01 -10.56
CA LEU A 39 -7.36 4.62 -10.18
C LEU A 39 -7.41 4.10 -8.74
N GLY A 40 -6.58 3.16 -8.41
CA GLY A 40 -6.60 2.62 -7.03
C GLY A 40 -6.14 3.69 -6.04
N LEU A 41 -5.20 4.50 -6.44
CA LEU A 41 -4.70 5.56 -5.54
C LEU A 41 -5.86 6.48 -5.16
N LEU A 42 -6.68 6.83 -6.11
CA LEU A 42 -7.82 7.73 -5.78
C LEU A 42 -8.69 7.03 -4.73
N LYS A 43 -8.93 5.77 -4.91
CA LYS A 43 -9.75 5.03 -3.91
C LYS A 43 -8.99 4.95 -2.58
N VAL A 44 -7.70 4.80 -2.64
CA VAL A 44 -6.89 4.69 -1.39
C VAL A 44 -6.94 6.01 -0.60
N ILE A 45 -6.70 7.11 -1.24
CA ILE A 45 -6.73 8.41 -0.52
C ILE A 45 -8.14 8.66 0.02
N ALA A 46 -9.14 8.37 -0.75
CA ALA A 46 -10.53 8.58 -0.28
C ALA A 46 -10.83 7.67 0.91
N TRP A 47 -10.42 6.43 0.82
CA TRP A 47 -10.67 5.48 1.94
C TRP A 47 -9.71 5.79 3.10
N LEU A 48 -8.49 6.10 2.80
CA LEU A 48 -7.51 6.40 3.88
C LEU A 48 -8.03 7.56 4.74
N GLU A 49 -8.58 8.57 4.12
CA GLU A 49 -9.10 9.72 4.90
C GLU A 49 -10.24 9.25 5.79
N ASP A 50 -11.09 8.39 5.30
CA ASP A 50 -12.23 7.90 6.12
C ASP A 50 -11.72 7.03 7.27
N ARG A 51 -10.84 6.11 6.99
CA ARG A 51 -10.33 5.20 8.06
C ARG A 51 -9.47 5.94 9.09
N PHE A 52 -8.59 6.80 8.66
CA PHE A 52 -7.71 7.51 9.63
C PHE A 52 -8.18 8.95 9.85
N GLY A 53 -9.15 9.42 9.12
CA GLY A 53 -9.61 10.82 9.33
C GLY A 53 -8.51 11.78 8.86
N ILE A 54 -7.70 11.36 7.92
CA ILE A 54 -6.61 12.25 7.43
C ILE A 54 -7.05 12.92 6.13
N ALA A 55 -6.69 14.16 5.93
CA ALA A 55 -7.11 14.87 4.69
C ALA A 55 -6.55 14.14 3.47
N ALA A 56 -7.29 14.11 2.40
CA ALA A 56 -6.82 13.41 1.17
C ALA A 56 -5.52 14.07 0.68
N ASP A 57 -5.39 15.35 0.84
CA ASP A 57 -4.17 16.05 0.38
C ASP A 57 -3.12 16.06 1.50
N ASP A 58 -3.33 15.29 2.53
CA ASP A 58 -2.36 15.26 3.66
C ASP A 58 -0.95 14.98 3.12
N VAL A 59 -0.85 14.17 2.09
CA VAL A 59 0.49 13.84 1.53
C VAL A 59 0.48 14.05 0.01
N GLU A 60 1.57 14.51 -0.54
CA GLU A 60 1.63 14.74 -2.01
C GLU A 60 1.66 13.40 -2.74
N LEU A 61 1.02 13.32 -3.87
CA LEU A 61 1.00 12.03 -4.63
C LEU A 61 2.09 12.04 -5.71
N SER A 62 2.81 10.96 -5.84
CA SER A 62 3.87 10.91 -6.88
C SER A 62 4.21 9.44 -7.18
N PRO A 63 4.51 9.12 -8.42
CA PRO A 63 4.85 7.72 -8.82
C PRO A 63 6.13 7.22 -8.13
N GLU A 64 6.99 8.12 -7.75
CA GLU A 64 8.25 7.72 -7.08
C GLU A 64 7.94 7.09 -5.72
N HIS A 65 6.88 7.52 -5.09
CA HIS A 65 6.51 6.96 -3.76
C HIS A 65 6.08 5.50 -3.89
N PHE A 66 5.56 5.11 -5.03
CA PHE A 66 5.10 3.71 -5.18
C PHE A 66 6.15 2.85 -5.89
N ARG A 67 7.34 3.35 -6.08
CA ARG A 67 8.38 2.54 -6.77
C ARG A 67 8.62 1.25 -5.99
N SER A 68 8.53 1.29 -4.69
CA SER A 68 8.75 0.04 -3.89
C SER A 68 7.80 0.03 -2.69
N ILE A 69 7.38 -1.13 -2.28
CA ILE A 69 6.45 -1.24 -1.12
C ILE A 69 7.17 -0.79 0.15
N ARG A 70 8.43 -1.10 0.29
CA ARG A 70 9.17 -0.72 1.52
C ARG A 70 9.19 0.81 1.68
N SER A 71 9.32 1.53 0.62
CA SER A 71 9.36 3.02 0.74
C SER A 71 8.03 3.53 1.32
N ILE A 72 6.94 2.96 0.90
CA ILE A 72 5.62 3.41 1.42
C ILE A 72 5.49 3.04 2.90
N ASP A 73 5.92 1.88 3.27
CA ASP A 73 5.80 1.45 4.69
C ASP A 73 6.54 2.44 5.59
N ALA A 74 7.69 2.90 5.18
CA ALA A 74 8.45 3.86 6.03
C ALA A 74 7.65 5.14 6.22
N PHE A 75 7.10 5.68 5.17
CA PHE A 75 6.32 6.93 5.29
C PHE A 75 5.08 6.67 6.17
N VAL A 76 4.38 5.60 5.90
CA VAL A 76 3.17 5.29 6.70
C VAL A 76 3.57 4.99 8.15
N VAL A 77 4.63 4.27 8.35
CA VAL A 77 5.07 3.95 9.73
C VAL A 77 5.37 5.24 10.50
N GLY A 78 6.00 6.18 9.86
CA GLY A 78 6.33 7.46 10.55
C GLY A 78 5.06 8.18 11.01
N ALA A 79 3.99 8.04 10.28
CA ALA A 79 2.74 8.76 10.69
C ALA A 79 1.74 7.77 11.31
N THR A 80 1.50 6.66 10.68
CA THR A 80 0.53 5.67 11.23
C THR A 80 1.18 4.29 11.31
N THR A 81 0.94 3.58 12.37
CA THR A 81 1.54 2.23 12.51
C THR A 81 0.44 1.21 12.87
N PRO A 82 -0.20 0.64 11.88
CA PRO A 82 -1.29 -0.37 12.09
C PRO A 82 -0.74 -1.69 12.63
N PRO A 83 -1.60 -2.66 12.82
CA PRO A 83 -1.18 -4.00 13.33
C PRO A 83 -0.15 -4.67 12.41
N VAL A 84 0.70 -5.49 12.96
CA VAL A 84 1.74 -6.15 12.12
C VAL A 84 1.42 -7.64 11.97
N GLU A 85 1.47 -8.14 10.77
CA GLU A 85 1.18 -9.59 10.55
C GLU A 85 2.34 -10.22 9.77
N ALA A 86 2.60 -11.48 9.98
CA ALA A 86 3.72 -12.15 9.25
C ALA A 86 3.29 -12.40 7.81
N LYS A 87 4.15 -12.10 6.86
CA LYS A 87 3.79 -12.34 5.43
C LYS A 87 4.46 -13.63 4.96
N LEU A 88 3.73 -14.48 4.30
CA LEU A 88 4.33 -15.76 3.82
C LEU A 88 5.19 -16.36 4.92
N GLN A 89 4.59 -16.76 6.01
CA GLN A 89 5.37 -17.36 7.13
C GLN A 89 6.07 -18.63 6.64
N MET A 1 10.30 -2.93 7.14
CA MET A 1 9.19 -3.76 6.54
C MET A 1 8.17 -4.09 7.63
N GLN A 2 8.06 -3.26 8.62
CA GLN A 2 7.08 -3.52 9.71
C GLN A 2 5.67 -3.62 9.12
N HIS A 3 5.34 -2.77 8.19
CA HIS A 3 3.99 -2.81 7.57
C HIS A 3 4.10 -3.09 6.08
N ALA A 4 5.29 -3.33 5.60
CA ALA A 4 5.45 -3.60 4.14
C ALA A 4 4.60 -4.80 3.74
N SER A 5 4.50 -5.79 4.58
CA SER A 5 3.68 -6.98 4.23
C SER A 5 2.22 -6.56 4.05
N VAL A 6 1.72 -5.74 4.93
CA VAL A 6 0.29 -5.30 4.79
C VAL A 6 0.17 -4.47 3.51
N ILE A 7 1.14 -3.65 3.22
CA ILE A 7 1.07 -2.82 1.99
C ILE A 7 0.96 -3.73 0.77
N ALA A 8 1.82 -4.70 0.67
CA ALA A 8 1.76 -5.63 -0.48
C ALA A 8 0.43 -6.38 -0.45
N GLN A 9 0.09 -6.92 0.68
CA GLN A 9 -1.20 -7.66 0.81
C GLN A 9 -2.37 -6.72 0.55
N PHE A 10 -2.27 -5.52 1.04
CA PHE A 10 -3.37 -4.53 0.85
C PHE A 10 -3.52 -4.15 -0.63
N VAL A 11 -2.45 -3.75 -1.26
CA VAL A 11 -2.52 -3.37 -2.69
C VAL A 11 -2.69 -4.61 -3.57
N VAL A 12 -2.01 -5.67 -3.26
CA VAL A 12 -2.12 -6.90 -4.09
C VAL A 12 -3.54 -7.47 -4.00
N GLU A 13 -4.16 -7.39 -2.85
CA GLU A 13 -5.53 -7.94 -2.70
C GLU A 13 -6.46 -7.29 -3.73
N GLU A 14 -6.25 -6.04 -4.04
CA GLU A 14 -7.12 -5.37 -5.03
C GLU A 14 -6.94 -6.01 -6.41
N PHE A 15 -5.77 -6.50 -6.70
CA PHE A 15 -5.53 -7.12 -8.03
C PHE A 15 -4.70 -8.40 -7.87
N LEU A 16 -5.02 -9.22 -6.90
CA LEU A 16 -4.23 -10.47 -6.71
C LEU A 16 -4.70 -11.54 -7.70
N PRO A 17 -3.79 -12.24 -8.33
CA PRO A 17 -4.14 -13.33 -9.28
C PRO A 17 -4.54 -14.60 -8.52
N ASP A 18 -4.33 -15.75 -9.08
CA ASP A 18 -4.68 -17.00 -8.35
C ASP A 18 -3.58 -17.29 -7.32
N VAL A 19 -2.71 -16.35 -7.08
CA VAL A 19 -1.61 -16.56 -6.10
C VAL A 19 -1.80 -15.63 -4.90
N ALA A 20 -1.62 -16.15 -3.70
CA ALA A 20 -1.77 -15.28 -2.50
C ALA A 20 -0.53 -14.38 -2.38
N PRO A 21 -0.69 -13.14 -2.00
CA PRO A 21 0.46 -12.21 -1.85
C PRO A 21 1.61 -12.83 -1.05
N ALA A 22 1.30 -13.74 -0.17
CA ALA A 22 2.36 -14.40 0.64
C ALA A 22 3.26 -15.22 -0.28
N ASP A 23 2.74 -15.63 -1.40
CA ASP A 23 3.56 -16.44 -2.36
C ASP A 23 4.08 -15.52 -3.46
N VAL A 24 3.83 -14.24 -3.33
CA VAL A 24 4.31 -13.29 -4.36
C VAL A 24 5.53 -12.55 -3.82
N ASP A 25 6.55 -12.38 -4.63
CA ASP A 25 7.77 -11.68 -4.13
C ASP A 25 7.44 -10.22 -3.84
N VAL A 26 7.14 -9.90 -2.62
CA VAL A 26 6.83 -8.48 -2.27
C VAL A 26 8.03 -7.60 -2.59
N ASP A 27 9.04 -8.15 -3.19
CA ASP A 27 10.23 -7.33 -3.55
C ASP A 27 10.08 -6.84 -5.00
N LEU A 28 8.92 -7.05 -5.56
CA LEU A 28 8.67 -6.61 -6.96
C LEU A 28 8.13 -5.19 -6.95
N ASP A 29 8.58 -4.37 -7.87
CA ASP A 29 8.08 -2.98 -7.91
C ASP A 29 6.58 -3.01 -8.20
N LEU A 30 5.78 -2.47 -7.33
CA LEU A 30 4.31 -2.49 -7.56
C LEU A 30 3.97 -1.56 -8.71
N VAL A 31 4.96 -0.97 -9.33
CA VAL A 31 4.68 -0.04 -10.46
C VAL A 31 3.81 -0.74 -11.50
N ASP A 32 4.01 -2.01 -11.71
CA ASP A 32 3.17 -2.74 -12.71
C ASP A 32 1.71 -2.59 -12.32
N ASN A 33 1.43 -2.66 -11.04
CA ASN A 33 0.03 -2.50 -10.58
C ASN A 33 -0.20 -1.02 -10.25
N GLY A 34 0.67 -0.17 -10.73
CA GLY A 34 0.54 1.30 -10.48
C GLY A 34 -0.92 1.73 -10.62
N VAL A 35 -1.74 0.91 -11.20
CA VAL A 35 -3.17 1.29 -11.36
C VAL A 35 -3.69 1.79 -10.00
N ILE A 36 -3.20 1.22 -8.95
CA ILE A 36 -3.65 1.64 -7.59
C ILE A 36 -3.12 3.04 -7.28
N ASP A 37 -2.06 3.43 -7.91
CA ASP A 37 -1.47 4.77 -7.63
C ASP A 37 -2.45 5.89 -7.98
N SER A 38 -3.25 5.71 -9.00
CA SER A 38 -4.20 6.80 -9.39
C SER A 38 -5.63 6.48 -8.98
N LEU A 39 -6.21 5.46 -9.55
CA LEU A 39 -7.62 5.13 -9.22
C LEU A 39 -7.74 4.54 -7.80
N GLY A 40 -6.94 3.56 -7.48
CA GLY A 40 -7.04 2.95 -6.13
C GLY A 40 -6.58 3.92 -5.05
N LEU A 41 -5.51 4.64 -5.31
CA LEU A 41 -5.01 5.59 -4.29
C LEU A 41 -6.04 6.68 -4.02
N LEU A 42 -6.65 7.21 -5.04
CA LEU A 42 -7.65 8.29 -4.80
C LEU A 42 -8.76 7.77 -3.89
N LYS A 43 -9.24 6.58 -4.13
CA LYS A 43 -10.30 6.02 -3.26
C LYS A 43 -9.72 5.72 -1.87
N VAL A 44 -8.50 5.26 -1.82
CA VAL A 44 -7.88 4.92 -0.51
C VAL A 44 -7.67 6.17 0.34
N ILE A 45 -7.12 7.21 -0.20
CA ILE A 45 -6.89 8.44 0.61
C ILE A 45 -8.21 8.96 1.16
N ALA A 46 -9.22 9.03 0.36
CA ALA A 46 -10.53 9.55 0.85
C ALA A 46 -11.15 8.57 1.87
N TRP A 47 -11.14 7.30 1.57
CA TRP A 47 -11.72 6.30 2.51
C TRP A 47 -10.77 6.05 3.68
N LEU A 48 -9.51 5.86 3.40
CA LEU A 48 -8.53 5.60 4.48
C LEU A 48 -8.56 6.75 5.49
N GLU A 49 -8.64 7.97 5.01
CA GLU A 49 -8.68 9.12 5.96
C GLU A 49 -9.94 9.04 6.82
N ASP A 50 -11.02 8.59 6.27
CA ASP A 50 -12.27 8.50 7.08
C ASP A 50 -12.05 7.56 8.27
N ARG A 51 -11.35 6.48 8.06
CA ARG A 51 -11.13 5.52 9.17
C ARG A 51 -10.06 6.01 10.16
N PHE A 52 -8.96 6.54 9.67
CA PHE A 52 -7.89 7.00 10.59
C PHE A 52 -7.91 8.52 10.75
N GLY A 53 -8.74 9.19 10.00
CA GLY A 53 -8.80 10.68 10.13
C GLY A 53 -7.47 11.29 9.67
N ILE A 54 -6.81 10.66 8.73
CA ILE A 54 -5.51 11.20 8.26
C ILE A 54 -5.75 12.24 7.16
N ALA A 55 -4.92 13.23 7.08
CA ALA A 55 -5.11 14.28 6.03
C ALA A 55 -5.01 13.64 4.66
N ALA A 56 -5.73 14.16 3.70
CA ALA A 56 -5.69 13.57 2.34
C ALA A 56 -4.26 13.61 1.80
N ASP A 57 -3.50 14.60 2.18
CA ASP A 57 -2.10 14.69 1.68
C ASP A 57 -2.09 14.60 0.15
N ASP A 58 -3.00 15.27 -0.49
CA ASP A 58 -3.05 15.23 -1.99
C ASP A 58 -2.26 16.40 -2.57
N VAL A 59 -1.42 17.02 -1.77
CA VAL A 59 -0.63 18.18 -2.28
C VAL A 59 0.13 17.77 -3.54
N GLU A 60 0.74 16.62 -3.54
CA GLU A 60 1.49 16.19 -4.75
C GLU A 60 1.98 14.75 -4.59
N LEU A 61 1.54 13.86 -5.44
CA LEU A 61 1.97 12.44 -5.35
C LEU A 61 2.90 12.12 -6.52
N SER A 62 3.97 11.41 -6.28
CA SER A 62 4.91 11.07 -7.39
C SER A 62 5.05 9.54 -7.49
N PRO A 63 5.15 9.00 -8.68
CA PRO A 63 5.29 7.53 -8.88
C PRO A 63 6.60 7.00 -8.30
N GLU A 64 7.57 7.85 -8.13
CA GLU A 64 8.88 7.39 -7.59
C GLU A 64 8.71 6.79 -6.19
N HIS A 65 7.78 7.31 -5.44
CA HIS A 65 7.56 6.78 -4.05
C HIS A 65 6.88 5.40 -4.10
N PHE A 66 6.12 5.13 -5.12
CA PHE A 66 5.41 3.82 -5.20
C PHE A 66 6.23 2.81 -5.99
N ARG A 67 7.44 3.12 -6.35
CA ARG A 67 8.27 2.15 -7.12
C ARG A 67 8.42 0.85 -6.34
N SER A 68 8.50 0.92 -5.03
CA SER A 68 8.67 -0.33 -4.23
C SER A 68 7.73 -0.30 -3.02
N ILE A 69 7.29 -1.45 -2.57
CA ILE A 69 6.39 -1.50 -1.40
C ILE A 69 7.11 -0.99 -0.15
N ARG A 70 8.37 -1.28 -0.02
CA ARG A 70 9.13 -0.83 1.19
C ARG A 70 9.14 0.70 1.29
N SER A 71 9.23 1.38 0.18
CA SER A 71 9.25 2.87 0.23
C SER A 71 7.99 3.39 0.91
N ILE A 72 6.85 2.84 0.56
CA ILE A 72 5.59 3.29 1.18
C ILE A 72 5.59 2.95 2.67
N ASP A 73 6.13 1.82 3.03
CA ASP A 73 6.15 1.42 4.46
C ASP A 73 6.86 2.48 5.28
N ALA A 74 7.94 3.02 4.79
CA ALA A 74 8.68 4.06 5.56
C ALA A 74 7.83 5.32 5.70
N PHE A 75 7.23 5.77 4.64
CA PHE A 75 6.40 7.00 4.73
C PHE A 75 5.22 6.75 5.67
N VAL A 76 4.55 5.64 5.51
CA VAL A 76 3.39 5.34 6.38
C VAL A 76 3.84 5.14 7.83
N VAL A 77 4.91 4.40 8.04
CA VAL A 77 5.38 4.18 9.43
C VAL A 77 5.80 5.51 10.07
N GLY A 78 6.46 6.35 9.32
CA GLY A 78 6.91 7.65 9.89
C GLY A 78 5.71 8.46 10.39
N ALA A 79 4.57 8.33 9.75
CA ALA A 79 3.39 9.12 10.19
C ALA A 79 2.40 8.23 10.95
N THR A 80 2.07 7.09 10.42
CA THR A 80 1.11 6.18 11.11
C THR A 80 1.67 4.77 11.20
N THR A 81 1.49 4.12 12.31
CA THR A 81 1.99 2.72 12.47
C THR A 81 0.85 1.82 12.93
N PRO A 82 0.12 1.26 12.00
CA PRO A 82 -1.02 0.36 12.30
C PRO A 82 -0.59 -1.10 12.50
N PRO A 83 -1.42 -1.89 13.14
CA PRO A 83 -1.13 -3.32 13.40
C PRO A 83 -0.91 -4.10 12.10
N VAL A 84 -0.12 -5.13 12.13
CA VAL A 84 0.12 -5.92 10.87
C VAL A 84 -0.73 -7.20 10.90
N GLU A 85 -1.50 -7.42 9.88
CA GLU A 85 -2.34 -8.64 9.83
C GLU A 85 -1.45 -9.87 9.67
N ALA A 86 -0.34 -9.73 8.99
CA ALA A 86 0.57 -10.90 8.79
C ALA A 86 0.01 -11.80 7.68
N LYS A 87 0.69 -11.89 6.58
CA LYS A 87 0.19 -12.74 5.46
C LYS A 87 0.02 -14.18 5.95
N LEU A 88 0.88 -14.62 6.83
CA LEU A 88 0.76 -16.01 7.35
C LEU A 88 -0.04 -16.00 8.65
N GLN A 89 -0.87 -16.98 8.85
CA GLN A 89 -1.69 -17.04 10.10
C GLN A 89 -1.10 -18.09 11.05
N MET A 1 10.87 -1.40 9.01
CA MET A 1 10.11 -2.54 8.44
C MET A 1 9.42 -3.33 9.56
N GLN A 2 8.73 -2.64 10.44
CA GLN A 2 8.05 -3.34 11.55
C GLN A 2 7.05 -4.36 10.99
N HIS A 3 6.43 -4.04 9.89
CA HIS A 3 5.45 -4.98 9.28
C HIS A 3 5.43 -4.77 7.76
N ALA A 4 6.57 -4.65 7.16
CA ALA A 4 6.63 -4.43 5.69
C ALA A 4 5.98 -5.62 4.96
N SER A 5 6.10 -6.79 5.51
CA SER A 5 5.50 -7.99 4.85
C SER A 5 4.00 -7.77 4.65
N VAL A 6 3.34 -7.16 5.60
CA VAL A 6 1.87 -6.93 5.46
C VAL A 6 1.61 -5.99 4.29
N ILE A 7 2.44 -5.00 4.14
CA ILE A 7 2.23 -4.05 3.02
C ILE A 7 2.30 -4.79 1.69
N ALA A 8 3.19 -5.73 1.55
CA ALA A 8 3.29 -6.49 0.28
C ALA A 8 1.99 -7.27 0.07
N GLN A 9 1.55 -7.97 1.07
CA GLN A 9 0.28 -8.75 0.94
C GLN A 9 -0.90 -7.78 0.85
N PHE A 10 -0.81 -6.66 1.50
CA PHE A 10 -1.94 -5.68 1.47
C PHE A 10 -2.22 -5.28 0.01
N VAL A 11 -1.22 -4.88 -0.72
CA VAL A 11 -1.46 -4.47 -2.13
C VAL A 11 -1.71 -5.71 -3.01
N VAL A 12 -0.91 -6.73 -2.86
CA VAL A 12 -1.08 -7.96 -3.70
C VAL A 12 -2.42 -8.65 -3.43
N GLU A 13 -2.87 -8.63 -2.21
CA GLU A 13 -4.17 -9.30 -1.89
C GLU A 13 -5.29 -8.70 -2.74
N GLU A 14 -5.21 -7.44 -3.04
CA GLU A 14 -6.27 -6.79 -3.85
C GLU A 14 -6.30 -7.36 -5.27
N PHE A 15 -5.18 -7.77 -5.80
CA PHE A 15 -5.15 -8.30 -7.19
C PHE A 15 -4.90 -9.82 -7.22
N LEU A 16 -3.83 -10.27 -6.63
CA LEU A 16 -3.52 -11.73 -6.67
C LEU A 16 -3.35 -12.30 -5.26
N PRO A 17 -4.43 -12.73 -4.64
CA PRO A 17 -4.41 -13.34 -3.31
C PRO A 17 -4.31 -14.87 -3.38
N ASP A 18 -4.54 -15.43 -4.54
CA ASP A 18 -4.46 -16.91 -4.68
C ASP A 18 -3.01 -17.35 -4.72
N VAL A 19 -2.10 -16.41 -4.70
CA VAL A 19 -0.65 -16.75 -4.72
C VAL A 19 -0.06 -16.30 -3.39
N ALA A 20 0.91 -17.00 -2.87
CA ALA A 20 1.47 -16.57 -1.56
C ALA A 20 2.07 -15.16 -1.74
N PRO A 21 1.52 -14.16 -1.07
CA PRO A 21 2.03 -12.77 -1.19
C PRO A 21 3.46 -12.64 -0.64
N ALA A 22 3.79 -13.41 0.37
CA ALA A 22 5.16 -13.34 0.94
C ALA A 22 6.14 -14.00 -0.05
N ASP A 23 5.61 -14.73 -0.99
CA ASP A 23 6.48 -15.42 -1.98
C ASP A 23 6.64 -14.52 -3.20
N VAL A 24 6.15 -13.31 -3.12
CA VAL A 24 6.27 -12.38 -4.27
C VAL A 24 7.49 -11.49 -4.04
N ASP A 25 8.27 -11.26 -5.06
CA ASP A 25 9.48 -10.41 -4.89
C ASP A 25 9.06 -9.01 -4.46
N VAL A 26 8.97 -8.77 -3.17
CA VAL A 26 8.57 -7.41 -2.70
C VAL A 26 9.57 -6.37 -3.21
N ASP A 27 10.49 -6.77 -4.04
CA ASP A 27 11.47 -5.79 -4.59
C ASP A 27 11.00 -5.33 -5.97
N LEU A 28 9.79 -5.65 -6.33
CA LEU A 28 9.27 -5.25 -7.67
C LEU A 28 8.62 -3.87 -7.57
N ASP A 29 8.92 -3.00 -8.48
CA ASP A 29 8.31 -1.65 -8.46
C ASP A 29 6.81 -1.78 -8.68
N LEU A 30 6.02 -1.30 -7.75
CA LEU A 30 4.55 -1.40 -7.92
C LEU A 30 4.13 -0.62 -9.17
N VAL A 31 5.05 0.10 -9.77
CA VAL A 31 4.69 0.89 -10.97
C VAL A 31 3.97 -0.01 -11.96
N ASP A 32 4.42 -1.22 -12.11
CA ASP A 32 3.72 -2.16 -13.04
C ASP A 32 2.28 -2.29 -12.56
N ASN A 33 2.11 -2.29 -11.27
CA ASN A 33 0.76 -2.40 -10.67
C ASN A 33 0.15 -1.00 -10.60
N GLY A 34 0.72 -0.07 -11.34
CA GLY A 34 0.20 1.32 -11.31
C GLY A 34 -1.32 1.31 -11.31
N VAL A 35 -1.92 0.20 -11.63
CA VAL A 35 -3.40 0.14 -11.61
C VAL A 35 -3.87 0.61 -10.23
N ILE A 36 -3.16 0.22 -9.20
CA ILE A 36 -3.53 0.64 -7.82
C ILE A 36 -3.25 2.13 -7.62
N ASP A 37 -2.34 2.67 -8.38
CA ASP A 37 -1.99 4.11 -8.21
C ASP A 37 -3.19 5.01 -8.52
N SER A 38 -4.07 4.60 -9.40
CA SER A 38 -5.24 5.48 -9.73
C SER A 38 -6.52 4.96 -9.08
N LEU A 39 -6.97 3.80 -9.48
CA LEU A 39 -8.24 3.27 -8.91
C LEU A 39 -8.04 2.78 -7.48
N GLY A 40 -7.07 1.93 -7.27
CA GLY A 40 -6.84 1.41 -5.90
C GLY A 40 -6.40 2.55 -4.98
N LEU A 41 -5.64 3.47 -5.51
CA LEU A 41 -5.17 4.62 -4.67
C LEU A 41 -6.38 5.40 -4.18
N LEU A 42 -7.36 5.58 -5.02
CA LEU A 42 -8.56 6.35 -4.60
C LEU A 42 -9.22 5.60 -3.43
N LYS A 43 -9.33 4.31 -3.54
CA LYS A 43 -9.96 3.53 -2.44
C LYS A 43 -9.02 3.49 -1.22
N VAL A 44 -7.74 3.36 -1.45
CA VAL A 44 -6.78 3.30 -0.32
C VAL A 44 -6.75 4.64 0.42
N ILE A 45 -6.68 5.72 -0.29
CA ILE A 45 -6.64 7.05 0.39
C ILE A 45 -7.93 7.27 1.18
N ALA A 46 -9.06 6.96 0.59
CA ALA A 46 -10.35 7.16 1.30
C ALA A 46 -10.39 6.26 2.54
N TRP A 47 -9.97 5.03 2.41
CA TRP A 47 -9.99 4.10 3.58
C TRP A 47 -8.84 4.44 4.52
N LEU A 48 -7.68 4.69 4.00
CA LEU A 48 -6.51 5.00 4.88
C LEU A 48 -6.82 6.23 5.74
N GLU A 49 -7.33 7.27 5.15
CA GLU A 49 -7.66 8.48 5.96
C GLU A 49 -8.82 8.15 6.88
N ASP A 50 -9.77 7.42 6.38
CA ASP A 50 -10.95 7.04 7.22
C ASP A 50 -10.50 6.15 8.39
N ARG A 51 -9.60 5.24 8.14
CA ARG A 51 -9.15 4.31 9.22
C ARG A 51 -8.48 5.08 10.36
N PHE A 52 -7.62 6.03 10.07
CA PHE A 52 -6.95 6.78 11.16
C PHE A 52 -7.38 8.25 11.17
N GLY A 53 -8.21 8.65 10.26
CA GLY A 53 -8.66 10.07 10.24
C GLY A 53 -7.48 10.97 9.85
N ILE A 54 -6.66 10.53 8.94
CA ILE A 54 -5.49 11.36 8.52
C ILE A 54 -5.86 12.14 7.26
N ALA A 55 -5.41 13.35 7.13
CA ALA A 55 -5.74 14.15 5.93
C ALA A 55 -5.18 13.46 4.69
N ALA A 56 -5.94 13.44 3.62
CA ALA A 56 -5.45 12.78 2.38
C ALA A 56 -4.21 13.50 1.87
N ASP A 57 -4.13 14.79 2.07
CA ASP A 57 -2.96 15.56 1.60
C ASP A 57 -1.67 14.97 2.21
N ASP A 58 -1.73 14.56 3.44
CA ASP A 58 -0.50 13.99 4.08
C ASP A 58 0.02 12.84 3.23
N VAL A 59 -0.85 12.06 2.65
CA VAL A 59 -0.39 10.93 1.80
C VAL A 59 0.36 11.46 0.58
N GLU A 60 -0.08 12.57 0.04
CA GLU A 60 0.61 13.16 -1.14
C GLU A 60 0.60 12.15 -2.30
N LEU A 61 0.14 12.54 -3.45
CA LEU A 61 0.09 11.61 -4.60
C LEU A 61 1.24 11.90 -5.57
N SER A 62 1.94 10.90 -6.01
CA SER A 62 3.06 11.12 -6.96
C SER A 62 3.56 9.75 -7.45
N PRO A 63 3.88 9.63 -8.72
CA PRO A 63 4.38 8.34 -9.29
C PRO A 63 5.70 7.91 -8.66
N GLU A 64 6.46 8.87 -8.18
CA GLU A 64 7.77 8.53 -7.55
C GLU A 64 7.53 7.77 -6.25
N HIS A 65 6.43 8.04 -5.60
CA HIS A 65 6.13 7.37 -4.31
C HIS A 65 5.83 5.88 -4.54
N PHE A 66 5.36 5.51 -5.70
CA PHE A 66 5.00 4.09 -5.95
C PHE A 66 6.10 3.37 -6.77
N ARG A 67 7.21 4.01 -7.02
CA ARG A 67 8.28 3.33 -7.80
C ARG A 67 8.74 2.07 -7.06
N SER A 68 8.76 2.09 -5.76
CA SER A 68 9.20 0.88 -5.00
C SER A 68 8.38 0.71 -3.73
N ILE A 69 8.14 -0.51 -3.32
CA ILE A 69 7.36 -0.76 -2.08
C ILE A 69 8.13 -0.25 -0.87
N ARG A 70 9.43 -0.41 -0.88
CA ARG A 70 10.25 0.04 0.30
C ARG A 70 10.08 1.55 0.50
N SER A 71 10.05 2.31 -0.55
CA SER A 71 9.89 3.79 -0.38
C SER A 71 8.57 4.08 0.35
N ILE A 72 7.52 3.42 -0.05
CA ILE A 72 6.20 3.65 0.60
C ILE A 72 6.23 3.12 2.04
N ASP A 73 6.88 2.01 2.26
CA ASP A 73 6.94 1.43 3.62
C ASP A 73 7.55 2.42 4.60
N ALA A 74 8.60 3.09 4.21
CA ALA A 74 9.25 4.07 5.13
C ALA A 74 8.31 5.24 5.42
N PHE A 75 7.61 5.71 4.43
CA PHE A 75 6.70 6.86 4.65
C PHE A 75 5.62 6.48 5.67
N VAL A 76 4.96 5.38 5.47
CA VAL A 76 3.90 4.95 6.42
C VAL A 76 4.54 4.58 7.77
N VAL A 77 5.62 3.84 7.74
CA VAL A 77 6.28 3.45 9.00
C VAL A 77 6.77 4.69 9.75
N GLY A 78 7.29 5.65 9.02
CA GLY A 78 7.80 6.89 9.67
C GLY A 78 6.68 7.56 10.46
N ALA A 79 5.45 7.48 10.00
CA ALA A 79 4.34 8.14 10.72
C ALA A 79 3.51 7.10 11.48
N THR A 80 3.12 6.04 10.83
CA THR A 80 2.30 5.00 11.53
C THR A 80 2.43 3.66 10.82
N THR A 81 2.56 2.60 11.56
CA THR A 81 2.68 1.25 10.94
C THR A 81 1.53 0.36 11.44
N PRO A 82 0.42 0.38 10.75
CA PRO A 82 -0.78 -0.42 11.11
C PRO A 82 -0.82 -1.79 10.43
N PRO A 83 -0.61 -2.86 11.16
CA PRO A 83 -0.64 -4.24 10.58
C PRO A 83 -2.09 -4.74 10.41
N VAL A 84 -2.41 -5.27 9.25
CA VAL A 84 -3.80 -5.77 9.03
C VAL A 84 -3.75 -7.21 8.54
N GLU A 85 -4.57 -8.07 9.10
CA GLU A 85 -4.57 -9.50 8.66
C GLU A 85 -5.01 -9.60 7.20
N ALA A 86 -5.91 -8.76 6.78
CA ALA A 86 -6.37 -8.82 5.37
C ALA A 86 -6.70 -7.41 4.87
N LYS A 87 -6.69 -7.20 3.58
CA LYS A 87 -7.01 -5.86 3.03
C LYS A 87 -8.50 -5.58 3.22
N LEU A 88 -8.84 -4.42 3.73
CA LEU A 88 -10.27 -4.09 3.93
C LEU A 88 -10.80 -3.30 2.73
N GLN A 89 -12.01 -3.55 2.33
CA GLN A 89 -12.59 -2.82 1.17
C GLN A 89 -12.32 -1.32 1.33
N MET A 1 10.22 -3.05 7.20
CA MET A 1 8.99 -3.76 6.80
C MET A 1 8.11 -4.01 8.03
N GLN A 2 8.04 -3.05 8.91
CA GLN A 2 7.20 -3.21 10.13
C GLN A 2 5.75 -3.46 9.74
N HIS A 3 5.29 -2.79 8.71
CA HIS A 3 3.87 -2.98 8.27
C HIS A 3 3.83 -3.15 6.76
N ALA A 4 4.96 -3.36 6.13
CA ALA A 4 4.99 -3.52 4.65
C ALA A 4 4.14 -4.71 4.24
N SER A 5 4.13 -5.76 5.02
CA SER A 5 3.31 -6.95 4.65
C SER A 5 1.84 -6.57 4.57
N VAL A 6 1.39 -5.70 5.45
CA VAL A 6 -0.04 -5.28 5.41
C VAL A 6 -0.28 -4.51 4.12
N ILE A 7 0.66 -3.72 3.70
CA ILE A 7 0.49 -2.94 2.45
C ILE A 7 0.42 -3.87 1.24
N ALA A 8 1.24 -4.88 1.19
CA ALA A 8 1.23 -5.80 0.03
C ALA A 8 -0.11 -6.52 -0.06
N GLN A 9 -0.55 -7.12 1.01
CA GLN A 9 -1.86 -7.83 0.98
C GLN A 9 -3.00 -6.82 0.86
N PHE A 10 -2.94 -5.76 1.62
CA PHE A 10 -4.02 -4.73 1.56
C PHE A 10 -4.09 -4.17 0.14
N VAL A 11 -2.98 -3.80 -0.41
CA VAL A 11 -2.96 -3.22 -1.79
C VAL A 11 -3.31 -4.32 -2.80
N VAL A 12 -2.69 -5.45 -2.68
CA VAL A 12 -2.98 -6.56 -3.64
C VAL A 12 -4.43 -7.03 -3.49
N GLU A 13 -4.93 -7.03 -2.28
CA GLU A 13 -6.34 -7.48 -2.07
C GLU A 13 -7.29 -6.63 -2.91
N GLU A 14 -6.92 -5.42 -3.19
CA GLU A 14 -7.81 -4.54 -4.01
C GLU A 14 -7.94 -5.13 -5.42
N PHE A 15 -6.94 -5.82 -5.87
CA PHE A 15 -7.00 -6.42 -7.23
C PHE A 15 -6.05 -7.63 -7.29
N LEU A 16 -6.20 -8.57 -6.41
CA LEU A 16 -5.30 -9.75 -6.42
C LEU A 16 -5.74 -10.75 -7.48
N PRO A 17 -4.82 -11.31 -8.24
CA PRO A 17 -5.15 -12.31 -9.28
C PRO A 17 -5.55 -13.64 -8.65
N ASP A 18 -5.36 -14.72 -9.34
CA ASP A 18 -5.70 -16.04 -8.76
C ASP A 18 -4.57 -16.49 -7.86
N VAL A 19 -3.68 -15.59 -7.52
CA VAL A 19 -2.52 -15.96 -6.65
C VAL A 19 -2.65 -15.24 -5.30
N ALA A 20 -2.39 -15.94 -4.22
CA ALA A 20 -2.47 -15.29 -2.89
C ALA A 20 -1.25 -14.38 -2.69
N PRO A 21 -1.40 -13.21 -2.10
CA PRO A 21 -0.26 -12.28 -1.87
C PRO A 21 0.94 -12.99 -1.23
N ALA A 22 0.69 -14.00 -0.46
CA ALA A 22 1.81 -14.74 0.19
C ALA A 22 2.62 -15.50 -0.86
N ASP A 23 2.06 -15.65 -2.03
CA ASP A 23 2.78 -16.39 -3.11
C ASP A 23 3.35 -15.37 -4.09
N VAL A 24 3.23 -14.12 -3.80
CA VAL A 24 3.77 -13.06 -4.71
C VAL A 24 5.04 -12.50 -4.09
N ASP A 25 6.06 -12.30 -4.88
CA ASP A 25 7.33 -11.76 -4.33
C ASP A 25 7.13 -10.29 -3.96
N VAL A 26 6.84 -10.01 -2.72
CA VAL A 26 6.64 -8.60 -2.30
C VAL A 26 7.92 -7.80 -2.54
N ASP A 27 8.90 -8.41 -3.16
CA ASP A 27 10.18 -7.67 -3.43
C ASP A 27 10.14 -7.11 -4.85
N LEU A 28 9.01 -7.22 -5.51
CA LEU A 28 8.90 -6.70 -6.89
C LEU A 28 8.29 -5.30 -6.87
N ASP A 29 8.84 -4.39 -7.62
CA ASP A 29 8.28 -3.01 -7.64
C ASP A 29 6.83 -3.09 -8.12
N LEU A 30 5.90 -2.64 -7.33
CA LEU A 30 4.48 -2.70 -7.73
C LEU A 30 4.21 -1.75 -8.90
N VAL A 31 5.24 -1.28 -9.55
CA VAL A 31 5.03 -0.35 -10.69
C VAL A 31 4.10 -1.03 -11.70
N ASP A 32 4.29 -2.28 -11.92
CA ASP A 32 3.40 -3.02 -12.86
C ASP A 32 1.96 -2.81 -12.40
N ASN A 33 1.77 -2.76 -11.10
CA ASN A 33 0.41 -2.53 -10.55
C ASN A 33 0.12 -1.04 -10.57
N GLY A 34 0.91 -0.29 -11.28
CA GLY A 34 0.72 1.18 -11.35
C GLY A 34 -0.77 1.49 -11.50
N VAL A 35 -1.55 0.50 -11.83
CA VAL A 35 -3.01 0.73 -11.99
C VAL A 35 -3.53 1.45 -10.74
N ILE A 36 -3.00 1.09 -9.60
CA ILE A 36 -3.45 1.73 -8.33
C ILE A 36 -2.96 3.18 -8.26
N ASP A 37 -1.90 3.49 -8.96
CA ASP A 37 -1.35 4.87 -8.92
C ASP A 37 -2.38 5.91 -9.37
N SER A 38 -3.23 5.58 -10.30
CA SER A 38 -4.22 6.58 -10.79
C SER A 38 -5.63 6.27 -10.29
N LEU A 39 -6.20 5.17 -10.70
CA LEU A 39 -7.59 4.84 -10.28
C LEU A 39 -7.63 4.45 -8.81
N GLY A 40 -6.82 3.52 -8.40
CA GLY A 40 -6.83 3.10 -6.98
C GLY A 40 -6.33 4.24 -6.10
N LEU A 41 -5.38 4.98 -6.58
CA LEU A 41 -4.84 6.10 -5.77
C LEU A 41 -5.97 7.06 -5.43
N LEU A 42 -6.82 7.34 -6.37
CA LEU A 42 -7.96 8.26 -6.08
C LEU A 42 -8.81 7.65 -4.97
N LYS A 43 -9.07 6.38 -5.06
CA LYS A 43 -9.87 5.70 -4.02
C LYS A 43 -9.07 5.64 -2.71
N VAL A 44 -7.78 5.48 -2.81
CA VAL A 44 -6.92 5.40 -1.59
C VAL A 44 -7.03 6.69 -0.78
N ILE A 45 -6.93 7.82 -1.43
CA ILE A 45 -7.03 9.11 -0.69
C ILE A 45 -8.40 9.22 -0.03
N ALA A 46 -9.44 8.83 -0.72
CA ALA A 46 -10.80 8.92 -0.14
C ALA A 46 -10.93 7.96 1.04
N TRP A 47 -10.47 6.75 0.88
CA TRP A 47 -10.56 5.75 1.98
C TRP A 47 -9.51 6.06 3.04
N LEU A 48 -8.30 6.33 2.63
CA LEU A 48 -7.23 6.64 3.60
C LEU A 48 -7.65 7.82 4.48
N GLU A 49 -8.25 8.81 3.90
CA GLU A 49 -8.69 9.98 4.72
C GLU A 49 -9.69 9.50 5.77
N ASP A 50 -10.60 8.65 5.39
CA ASP A 50 -11.59 8.14 6.37
C ASP A 50 -10.90 7.22 7.39
N ARG A 51 -10.03 6.37 6.93
CA ARG A 51 -9.34 5.42 7.84
C ARG A 51 -8.45 6.18 8.84
N PHE A 52 -7.70 7.15 8.40
CA PHE A 52 -6.79 7.88 9.33
C PHE A 52 -7.33 9.28 9.62
N GLY A 53 -8.40 9.68 8.98
CA GLY A 53 -8.94 11.04 9.25
C GLY A 53 -8.02 12.09 8.64
N ILE A 54 -7.34 11.77 7.57
CA ILE A 54 -6.41 12.75 6.94
C ILE A 54 -7.13 13.45 5.80
N ALA A 55 -6.94 14.73 5.65
CA ALA A 55 -7.64 15.46 4.56
C ALA A 55 -7.19 14.91 3.20
N ALA A 56 -8.12 14.69 2.30
CA ALA A 56 -7.76 14.16 0.97
C ALA A 56 -6.95 15.20 0.20
N ASP A 57 -7.12 16.45 0.54
CA ASP A 57 -6.38 17.53 -0.17
C ASP A 57 -4.88 17.27 -0.11
N ASP A 58 -4.41 16.64 0.93
CA ASP A 58 -2.95 16.38 1.05
C ASP A 58 -2.50 15.47 -0.10
N VAL A 59 -1.58 15.93 -0.91
CA VAL A 59 -1.08 15.11 -2.05
C VAL A 59 0.39 14.77 -1.83
N GLU A 60 0.82 14.72 -0.60
CA GLU A 60 2.25 14.41 -0.31
C GLU A 60 2.67 13.15 -1.05
N LEU A 61 1.74 12.28 -1.35
CA LEU A 61 2.11 11.02 -2.07
C LEU A 61 2.46 11.34 -3.53
N SER A 62 3.48 10.71 -4.05
CA SER A 62 3.91 10.97 -5.45
C SER A 62 4.04 9.62 -6.18
N PRO A 63 4.05 9.65 -7.49
CA PRO A 63 4.19 8.42 -8.31
C PRO A 63 5.46 7.64 -7.95
N GLU A 64 6.51 8.34 -7.64
CA GLU A 64 7.78 7.66 -7.27
C GLU A 64 7.59 6.95 -5.92
N HIS A 65 6.68 7.44 -5.12
CA HIS A 65 6.44 6.82 -3.79
C HIS A 65 5.84 5.42 -3.97
N PHE A 66 5.17 5.19 -5.06
CA PHE A 66 4.55 3.86 -5.29
C PHE A 66 5.53 2.95 -6.03
N ARG A 67 6.76 3.37 -6.15
CA ARG A 67 7.76 2.53 -6.86
C ARG A 67 7.86 1.15 -6.21
N SER A 68 7.82 1.10 -4.90
CA SER A 68 7.91 -0.24 -4.22
C SER A 68 7.03 -0.26 -2.97
N ILE A 69 6.59 -1.42 -2.58
CA ILE A 69 5.73 -1.53 -1.36
C ILE A 69 6.54 -1.17 -0.12
N ARG A 70 7.79 -1.53 -0.08
CA ARG A 70 8.63 -1.23 1.12
C ARG A 70 8.72 0.28 1.34
N SER A 71 8.90 1.04 0.30
CA SER A 71 9.00 2.51 0.45
C SER A 71 7.73 3.05 1.11
N ILE A 72 6.59 2.54 0.73
CA ILE A 72 5.33 3.04 1.32
C ILE A 72 5.32 2.76 2.83
N ASP A 73 5.80 1.62 3.22
CA ASP A 73 5.82 1.29 4.68
C ASP A 73 6.65 2.33 5.43
N ALA A 74 7.72 2.79 4.85
CA ALA A 74 8.57 3.80 5.56
C ALA A 74 7.76 5.08 5.79
N PHE A 75 7.09 5.56 4.79
CA PHE A 75 6.29 6.80 4.97
C PHE A 75 5.11 6.52 5.90
N VAL A 76 4.48 5.39 5.75
CA VAL A 76 3.35 5.05 6.64
C VAL A 76 3.83 4.89 8.07
N VAL A 77 4.96 4.25 8.27
CA VAL A 77 5.49 4.07 9.64
C VAL A 77 5.82 5.44 10.26
N GLY A 78 6.39 6.32 9.49
CA GLY A 78 6.76 7.66 10.01
C GLY A 78 5.51 8.40 10.51
N ALA A 79 4.37 8.17 9.93
CA ALA A 79 3.15 8.89 10.37
C ALA A 79 2.28 7.99 11.25
N THR A 80 2.02 6.79 10.80
CA THR A 80 1.17 5.86 11.62
C THR A 80 1.85 4.49 11.72
N THR A 81 1.55 3.75 12.75
CA THR A 81 2.17 2.42 12.89
C THR A 81 1.13 1.43 13.42
N PRO A 82 0.40 0.79 12.54
CA PRO A 82 -0.64 -0.20 12.93
C PRO A 82 -0.07 -1.60 13.15
N PRO A 83 -0.81 -2.44 13.83
CA PRO A 83 -0.38 -3.84 14.11
C PRO A 83 -0.15 -4.63 12.82
N VAL A 84 0.76 -5.57 12.84
CA VAL A 84 1.03 -6.37 11.60
C VAL A 84 1.03 -7.87 11.94
N GLU A 85 0.48 -8.67 11.06
CA GLU A 85 0.45 -10.13 11.31
C GLU A 85 1.35 -10.82 10.29
N ALA A 86 1.77 -12.03 10.56
CA ALA A 86 2.66 -12.74 9.60
C ALA A 86 2.00 -12.75 8.21
N LYS A 87 2.75 -12.47 7.18
CA LYS A 87 2.16 -12.45 5.81
C LYS A 87 1.59 -13.84 5.50
N LEU A 88 2.23 -14.88 5.97
CA LEU A 88 1.74 -16.25 5.68
C LEU A 88 0.67 -16.63 6.70
N GLN A 89 -0.35 -17.34 6.29
CA GLN A 89 -1.42 -17.74 7.24
C GLN A 89 -1.10 -19.11 7.83
N MET A 1 10.72 -2.07 8.59
CA MET A 1 9.84 -3.07 7.94
C MET A 1 9.05 -3.82 9.01
N GLN A 2 8.50 -3.11 9.96
CA GLN A 2 7.72 -3.78 11.03
C GLN A 2 6.55 -4.55 10.41
N HIS A 3 5.94 -4.01 9.38
CA HIS A 3 4.79 -4.70 8.74
C HIS A 3 4.83 -4.46 7.23
N ALA A 4 6.00 -4.37 6.67
CA ALA A 4 6.11 -4.13 5.20
C ALA A 4 5.40 -5.25 4.43
N SER A 5 5.42 -6.44 4.97
CA SER A 5 4.75 -7.58 4.27
C SER A 5 3.27 -7.27 4.05
N VAL A 6 2.64 -6.63 5.00
CA VAL A 6 1.19 -6.29 4.83
C VAL A 6 1.04 -5.33 3.66
N ILE A 7 1.93 -4.38 3.55
CA ILE A 7 1.83 -3.41 2.42
C ILE A 7 1.92 -4.16 1.10
N ALA A 8 2.88 -5.04 0.96
CA ALA A 8 2.99 -5.81 -0.30
C ALA A 8 1.73 -6.66 -0.46
N GLN A 9 1.30 -7.27 0.61
CA GLN A 9 0.07 -8.10 0.54
C GLN A 9 -1.13 -7.19 0.25
N PHE A 10 -1.12 -6.02 0.81
CA PHE A 10 -2.26 -5.07 0.61
C PHE A 10 -2.39 -4.74 -0.89
N VAL A 11 -1.33 -4.32 -1.50
CA VAL A 11 -1.40 -3.99 -2.96
C VAL A 11 -1.47 -5.27 -3.79
N VAL A 12 -0.71 -6.26 -3.43
CA VAL A 12 -0.72 -7.54 -4.19
C VAL A 12 -2.08 -8.24 -4.08
N GLU A 13 -2.72 -8.15 -2.95
CA GLU A 13 -4.04 -8.85 -2.78
C GLU A 13 -5.02 -8.40 -3.86
N GLU A 14 -4.97 -7.16 -4.26
CA GLU A 14 -5.91 -6.69 -5.32
C GLU A 14 -5.59 -7.37 -6.64
N PHE A 15 -4.35 -7.70 -6.88
CA PHE A 15 -3.98 -8.37 -8.16
C PHE A 15 -3.04 -9.55 -7.89
N LEU A 16 -3.31 -10.34 -6.88
CA LEU A 16 -2.40 -11.49 -6.58
C LEU A 16 -2.71 -12.66 -7.52
N PRO A 17 -1.70 -13.29 -8.06
CA PRO A 17 -1.89 -14.47 -8.96
C PRO A 17 -2.21 -15.72 -8.12
N ASP A 18 -1.85 -16.88 -8.59
CA ASP A 18 -2.12 -18.10 -7.79
C ASP A 18 -1.08 -18.22 -6.68
N VAL A 19 -0.31 -17.17 -6.48
CA VAL A 19 0.75 -17.21 -5.43
C VAL A 19 0.40 -16.21 -4.31
N ALA A 20 0.56 -16.61 -3.08
CA ALA A 20 0.24 -15.67 -1.96
C ALA A 20 1.37 -14.63 -1.86
N PRO A 21 1.05 -13.38 -1.58
CA PRO A 21 2.09 -12.32 -1.47
C PRO A 21 3.25 -12.74 -0.56
N ALA A 22 2.99 -13.59 0.39
CA ALA A 22 4.07 -14.06 1.31
C ALA A 22 5.08 -14.88 0.50
N ASP A 23 4.66 -15.40 -0.62
CA ASP A 23 5.59 -16.22 -1.46
C ASP A 23 6.06 -15.38 -2.64
N VAL A 24 5.66 -14.14 -2.68
CA VAL A 24 6.09 -13.25 -3.79
C VAL A 24 7.16 -12.30 -3.26
N ASP A 25 8.18 -12.05 -4.03
CA ASP A 25 9.24 -11.13 -3.55
C ASP A 25 8.69 -9.71 -3.46
N VAL A 26 8.38 -9.26 -2.29
CA VAL A 26 7.83 -7.88 -2.12
C VAL A 26 8.85 -6.85 -2.66
N ASP A 27 9.92 -7.31 -3.25
CA ASP A 27 10.92 -6.35 -3.79
C ASP A 27 10.55 -6.03 -5.24
N LEU A 28 9.38 -6.43 -5.66
CA LEU A 28 8.94 -6.16 -7.06
C LEU A 28 8.28 -4.78 -7.12
N ASP A 29 8.63 -3.99 -8.09
CA ASP A 29 7.99 -2.66 -8.21
C ASP A 29 6.53 -2.86 -8.57
N LEU A 30 5.63 -2.37 -7.76
CA LEU A 30 4.19 -2.54 -8.06
C LEU A 30 3.79 -1.63 -9.23
N VAL A 31 4.76 -1.03 -9.87
CA VAL A 31 4.44 -0.13 -11.01
C VAL A 31 3.55 -0.88 -11.99
N ASP A 32 3.84 -2.14 -12.21
CA ASP A 32 2.99 -2.92 -13.15
C ASP A 32 1.55 -2.87 -12.63
N ASN A 33 1.41 -2.88 -11.33
CA ASN A 33 0.06 -2.80 -10.72
C ASN A 33 -0.35 -1.33 -10.63
N GLY A 34 0.36 -0.48 -11.34
CA GLY A 34 0.05 0.98 -11.30
C GLY A 34 -1.46 1.18 -11.36
N VAL A 35 -2.20 0.17 -11.73
CA VAL A 35 -3.68 0.34 -11.79
C VAL A 35 -4.15 0.91 -10.44
N ILE A 36 -3.55 0.47 -9.38
CA ILE A 36 -3.93 0.97 -8.03
C ILE A 36 -3.48 2.42 -7.86
N ASP A 37 -2.48 2.84 -8.58
CA ASP A 37 -1.98 4.23 -8.44
C ASP A 37 -3.06 5.26 -8.78
N SER A 38 -3.95 4.95 -9.68
CA SER A 38 -5.00 5.95 -10.05
C SER A 38 -6.37 5.58 -9.46
N LEU A 39 -6.93 4.48 -9.90
CA LEU A 39 -8.28 4.09 -9.39
C LEU A 39 -8.19 3.60 -7.95
N GLY A 40 -7.33 2.66 -7.68
CA GLY A 40 -7.21 2.14 -6.29
C GLY A 40 -6.69 3.23 -5.38
N LEU A 41 -5.80 4.04 -5.87
CA LEU A 41 -5.23 5.14 -5.03
C LEU A 41 -6.36 6.04 -4.55
N LEU A 42 -7.29 6.33 -5.41
CA LEU A 42 -8.42 7.21 -4.98
C LEU A 42 -9.19 6.51 -3.86
N LYS A 43 -9.46 5.25 -4.02
CA LYS A 43 -10.20 4.50 -2.97
C LYS A 43 -9.29 4.29 -1.75
N VAL A 44 -8.04 4.03 -1.97
CA VAL A 44 -7.10 3.79 -0.83
C VAL A 44 -6.96 5.07 0.01
N ILE A 45 -6.79 6.19 -0.63
CA ILE A 45 -6.64 7.46 0.13
C ILE A 45 -7.91 7.72 0.94
N ALA A 46 -9.06 7.50 0.35
CA ALA A 46 -10.33 7.75 1.10
C ALA A 46 -10.43 6.80 2.29
N TRP A 47 -10.08 5.55 2.10
CA TRP A 47 -10.16 4.59 3.23
C TRP A 47 -8.99 4.79 4.18
N LEU A 48 -7.80 4.99 3.65
CA LEU A 48 -6.62 5.18 4.53
C LEU A 48 -6.82 6.42 5.40
N GLU A 49 -7.34 7.48 4.84
CA GLU A 49 -7.57 8.71 5.65
C GLU A 49 -8.65 8.43 6.69
N ASP A 50 -9.68 7.73 6.30
CA ASP A 50 -10.77 7.40 7.26
C ASP A 50 -10.24 6.46 8.33
N ARG A 51 -9.38 5.55 7.96
CA ARG A 51 -8.85 4.55 8.94
C ARG A 51 -8.13 5.26 10.09
N PHE A 52 -7.35 6.29 9.81
CA PHE A 52 -6.63 7.00 10.92
C PHE A 52 -7.07 8.46 10.98
N GLY A 53 -7.91 8.90 10.08
CA GLY A 53 -8.36 10.32 10.11
C GLY A 53 -7.25 11.24 9.62
N ILE A 54 -6.57 10.87 8.57
CA ILE A 54 -5.47 11.74 8.05
C ILE A 54 -5.96 12.52 6.83
N ALA A 55 -5.59 13.76 6.71
CA ALA A 55 -6.05 14.55 5.55
C ALA A 55 -5.54 13.92 4.25
N ALA A 56 -6.39 13.83 3.25
CA ALA A 56 -5.95 13.22 1.97
C ALA A 56 -4.85 14.08 1.34
N ASP A 57 -4.92 15.37 1.53
CA ASP A 57 -3.88 16.26 0.94
C ASP A 57 -2.77 16.53 1.97
N ASP A 58 -2.81 15.84 3.08
CA ASP A 58 -1.77 16.07 4.13
C ASP A 58 -0.38 15.92 3.48
N VAL A 59 -0.24 15.01 2.57
CA VAL A 59 1.08 14.81 1.90
C VAL A 59 0.86 14.71 0.39
N GLU A 60 1.78 15.22 -0.39
CA GLU A 60 1.61 15.15 -1.86
C GLU A 60 1.98 13.74 -2.35
N LEU A 61 1.19 13.19 -3.24
CA LEU A 61 1.48 11.83 -3.75
C LEU A 61 2.09 11.91 -5.14
N SER A 62 3.09 11.10 -5.41
CA SER A 62 3.72 11.13 -6.76
C SER A 62 3.93 9.69 -7.24
N PRO A 63 4.00 9.49 -8.53
CA PRO A 63 4.19 8.13 -9.13
C PRO A 63 5.53 7.51 -8.72
N GLU A 64 6.52 8.31 -8.50
CA GLU A 64 7.85 7.77 -8.10
C GLU A 64 7.76 7.11 -6.72
N HIS A 65 6.92 7.61 -5.87
CA HIS A 65 6.78 7.03 -4.51
C HIS A 65 6.16 5.62 -4.56
N PHE A 66 5.38 5.34 -5.57
CA PHE A 66 4.74 4.00 -5.64
C PHE A 66 5.57 3.03 -6.49
N ARG A 67 6.73 3.44 -6.93
CA ARG A 67 7.56 2.52 -7.76
C ARG A 67 7.87 1.25 -6.98
N SER A 68 8.18 1.37 -5.72
CA SER A 68 8.51 0.15 -4.91
C SER A 68 7.67 0.14 -3.63
N ILE A 69 7.29 -1.03 -3.19
CA ILE A 69 6.48 -1.14 -1.94
C ILE A 69 7.31 -0.65 -0.75
N ARG A 70 8.59 -0.90 -0.75
CA ARG A 70 9.45 -0.46 0.39
C ARG A 70 9.41 1.06 0.53
N SER A 71 9.37 1.77 -0.57
CA SER A 71 9.34 3.26 -0.47
C SER A 71 8.13 3.70 0.37
N ILE A 72 7.00 3.11 0.14
CA ILE A 72 5.79 3.48 0.91
C ILE A 72 5.96 3.04 2.37
N ASP A 73 6.55 1.90 2.59
CA ASP A 73 6.74 1.41 3.98
C ASP A 73 7.54 2.43 4.80
N ALA A 74 8.54 3.02 4.22
CA ALA A 74 9.34 4.01 4.99
C ALA A 74 8.49 5.23 5.31
N PHE A 75 7.76 5.72 4.36
CA PHE A 75 6.89 6.90 4.62
C PHE A 75 5.83 6.53 5.66
N VAL A 76 5.20 5.41 5.49
CA VAL A 76 4.16 4.99 6.46
C VAL A 76 4.78 4.73 7.83
N VAL A 77 5.90 4.05 7.87
CA VAL A 77 6.55 3.78 9.18
C VAL A 77 6.99 5.10 9.83
N GLY A 78 7.48 6.01 9.04
CA GLY A 78 7.93 7.32 9.61
C GLY A 78 6.77 8.00 10.35
N ALA A 79 5.56 7.83 9.89
CA ALA A 79 4.42 8.50 10.57
C ALA A 79 3.62 7.49 11.40
N THR A 80 3.28 6.37 10.81
CA THR A 80 2.49 5.35 11.56
C THR A 80 2.57 4.00 10.85
N THR A 81 2.71 2.94 11.59
CA THR A 81 2.79 1.59 10.96
C THR A 81 1.62 0.72 11.46
N PRO A 82 0.51 0.76 10.77
CA PRO A 82 -0.70 -0.02 11.14
C PRO A 82 -0.72 -1.43 10.52
N PRO A 83 -0.55 -2.47 11.31
CA PRO A 83 -0.56 -3.86 10.79
C PRO A 83 -1.98 -4.37 10.53
N VAL A 84 -2.23 -4.92 9.38
CA VAL A 84 -3.60 -5.45 9.08
C VAL A 84 -3.50 -6.87 8.53
N GLU A 85 -4.25 -7.79 9.08
CA GLU A 85 -4.19 -9.19 8.58
C GLU A 85 -4.72 -9.24 7.15
N ALA A 86 -5.75 -8.48 6.85
CA ALA A 86 -6.31 -8.49 5.48
C ALA A 86 -7.16 -7.23 5.27
N LYS A 87 -7.38 -6.85 4.05
CA LYS A 87 -8.20 -5.63 3.79
C LYS A 87 -9.57 -5.79 4.43
N LEU A 88 -10.08 -6.99 4.48
CA LEU A 88 -11.41 -7.22 5.09
C LEU A 88 -11.40 -6.73 6.54
N GLN A 89 -10.30 -6.90 7.22
CA GLN A 89 -10.21 -6.44 8.64
C GLN A 89 -9.39 -5.15 8.72
N MET A 1 5.79 -6.14 11.58
CA MET A 1 6.19 -5.52 10.28
C MET A 1 5.21 -4.39 9.94
N GLN A 2 4.68 -3.73 10.94
CA GLN A 2 3.72 -2.63 10.66
C GLN A 2 2.56 -3.18 9.82
N HIS A 3 2.06 -4.34 10.16
CA HIS A 3 0.94 -4.92 9.36
C HIS A 3 1.27 -4.81 7.87
N ALA A 4 2.52 -4.99 7.52
CA ALA A 4 2.91 -4.88 6.09
C ALA A 4 2.15 -5.94 5.28
N SER A 5 1.94 -7.10 5.84
CA SER A 5 1.21 -8.15 5.09
C SER A 5 -0.19 -7.64 4.72
N VAL A 6 -0.82 -6.93 5.62
CA VAL A 6 -2.17 -6.38 5.32
C VAL A 6 -2.05 -5.34 4.22
N ILE A 7 -1.01 -4.56 4.23
CA ILE A 7 -0.83 -3.52 3.19
C ILE A 7 -0.76 -4.20 1.81
N ALA A 8 0.09 -5.19 1.68
CA ALA A 8 0.20 -5.91 0.38
C ALA A 8 -1.12 -6.63 0.09
N GLN A 9 -1.62 -7.34 1.05
CA GLN A 9 -2.90 -8.07 0.84
C GLN A 9 -4.03 -7.07 0.57
N PHE A 10 -4.06 -6.01 1.32
CA PHE A 10 -5.12 -4.98 1.12
C PHE A 10 -4.93 -4.31 -0.24
N VAL A 11 -3.74 -3.89 -0.52
CA VAL A 11 -3.48 -3.23 -1.84
C VAL A 11 -3.64 -4.24 -2.96
N VAL A 12 -3.09 -5.42 -2.80
CA VAL A 12 -3.21 -6.47 -3.84
C VAL A 12 -4.68 -6.86 -4.02
N GLU A 13 -5.42 -6.87 -2.95
CA GLU A 13 -6.87 -7.26 -3.04
C GLU A 13 -7.58 -6.37 -4.07
N GLU A 14 -7.14 -5.15 -4.23
CA GLU A 14 -7.80 -4.25 -5.21
C GLU A 14 -7.60 -4.78 -6.62
N PHE A 15 -6.51 -5.44 -6.88
CA PHE A 15 -6.26 -5.98 -8.24
C PHE A 15 -5.55 -7.33 -8.14
N LEU A 16 -6.01 -8.20 -7.28
CA LEU A 16 -5.36 -9.53 -7.14
C LEU A 16 -5.83 -10.47 -8.26
N PRO A 17 -4.94 -11.20 -8.88
CA PRO A 17 -5.30 -12.18 -9.94
C PRO A 17 -5.89 -13.45 -9.32
N ASP A 18 -5.74 -14.57 -9.96
CA ASP A 18 -6.27 -15.83 -9.39
C ASP A 18 -5.31 -16.32 -8.30
N VAL A 19 -4.38 -15.48 -7.90
CA VAL A 19 -3.39 -15.89 -6.86
C VAL A 19 -3.61 -15.06 -5.59
N ALA A 20 -3.57 -15.69 -4.45
CA ALA A 20 -3.76 -14.94 -3.18
C ALA A 20 -2.51 -14.06 -2.93
N PRO A 21 -2.68 -12.84 -2.46
CA PRO A 21 -1.52 -11.94 -2.18
C PRO A 21 -0.43 -12.63 -1.37
N ALA A 22 -0.80 -13.56 -0.54
CA ALA A 22 0.21 -14.29 0.28
C ALA A 22 1.10 -15.14 -0.63
N ASP A 23 0.60 -15.48 -1.79
CA ASP A 23 1.39 -16.32 -2.74
C ASP A 23 1.97 -15.43 -3.84
N VAL A 24 1.85 -14.13 -3.69
CA VAL A 24 2.39 -13.23 -4.73
C VAL A 24 3.72 -12.65 -4.24
N ASP A 25 4.70 -12.59 -5.08
CA ASP A 25 6.02 -12.05 -4.65
C ASP A 25 5.88 -10.56 -4.38
N VAL A 26 5.54 -10.19 -3.18
CA VAL A 26 5.40 -8.74 -2.86
C VAL A 26 6.74 -8.03 -3.06
N ASP A 27 7.72 -8.72 -3.58
CA ASP A 27 9.05 -8.08 -3.82
C ASP A 27 9.09 -7.56 -5.25
N LEU A 28 7.97 -7.57 -5.93
CA LEU A 28 7.94 -7.07 -7.33
C LEU A 28 7.57 -5.60 -7.34
N ASP A 29 8.24 -4.81 -8.14
CA ASP A 29 7.89 -3.37 -8.19
C ASP A 29 6.46 -3.24 -8.69
N LEU A 30 5.61 -2.63 -7.92
CA LEU A 30 4.19 -2.49 -8.33
C LEU A 30 4.06 -1.42 -9.41
N VAL A 31 5.15 -0.95 -9.95
CA VAL A 31 5.07 0.10 -11.01
C VAL A 31 4.18 -0.41 -12.14
N ASP A 32 4.33 -1.64 -12.51
CA ASP A 32 3.47 -2.19 -13.59
C ASP A 32 2.01 -1.99 -13.18
N ASN A 33 1.74 -2.11 -11.91
CA ASN A 33 0.36 -1.91 -11.41
C ASN A 33 0.14 -0.43 -11.17
N GLY A 34 1.01 0.40 -11.69
CA GLY A 34 0.87 1.87 -11.50
C GLY A 34 -0.60 2.27 -11.67
N VAL A 35 -1.40 1.40 -12.22
CA VAL A 35 -2.84 1.74 -12.39
C VAL A 35 -3.41 2.16 -11.03
N ILE A 36 -2.96 1.53 -9.98
CA ILE A 36 -3.46 1.88 -8.62
C ILE A 36 -2.93 3.26 -8.20
N ASP A 37 -1.83 3.67 -8.76
CA ASP A 37 -1.24 4.98 -8.38
C ASP A 37 -2.20 6.13 -8.69
N SER A 38 -2.99 6.00 -9.72
CA SER A 38 -3.92 7.11 -10.08
C SER A 38 -5.37 6.77 -9.70
N LEU A 39 -5.94 5.78 -10.32
CA LEU A 39 -7.36 5.44 -10.02
C LEU A 39 -7.49 4.78 -8.65
N GLY A 40 -6.73 3.76 -8.40
CA GLY A 40 -6.82 3.08 -7.08
C GLY A 40 -6.35 4.03 -5.98
N LEU A 41 -5.34 4.81 -6.27
CA LEU A 41 -4.82 5.76 -5.25
C LEU A 41 -5.94 6.71 -4.83
N LEU A 42 -6.73 7.16 -5.77
CA LEU A 42 -7.84 8.09 -5.42
C LEU A 42 -8.80 7.36 -4.48
N LYS A 43 -9.11 6.13 -4.78
CA LYS A 43 -10.03 5.36 -3.91
C LYS A 43 -9.35 5.13 -2.55
N VAL A 44 -8.06 4.94 -2.56
CA VAL A 44 -7.33 4.71 -1.27
C VAL A 44 -7.51 5.91 -0.34
N ILE A 45 -7.40 7.10 -0.85
CA ILE A 45 -7.56 8.30 0.01
C ILE A 45 -8.96 8.31 0.62
N ALA A 46 -9.96 8.04 -0.17
CA ALA A 46 -11.35 8.04 0.37
C ALA A 46 -11.53 6.96 1.43
N TRP A 47 -11.01 5.78 1.18
CA TRP A 47 -11.14 4.68 2.17
C TRP A 47 -10.19 4.91 3.34
N LEU A 48 -9.01 5.39 3.07
CA LEU A 48 -8.02 5.63 4.17
C LEU A 48 -8.62 6.59 5.20
N GLU A 49 -9.25 7.65 4.76
CA GLU A 49 -9.85 8.60 5.73
C GLU A 49 -10.99 7.92 6.48
N ASP A 50 -11.77 7.15 5.79
CA ASP A 50 -12.92 6.46 6.45
C ASP A 50 -12.41 5.45 7.49
N ARG A 51 -11.41 4.70 7.15
CA ARG A 51 -10.88 3.67 8.09
C ARG A 51 -10.27 4.32 9.35
N PHE A 52 -9.50 5.37 9.19
CA PHE A 52 -8.87 5.99 10.38
C PHE A 52 -9.56 7.32 10.72
N GLY A 53 -10.45 7.78 9.89
CA GLY A 53 -11.12 9.07 10.20
C GLY A 53 -10.10 10.21 10.10
N ILE A 54 -9.15 10.09 9.21
CA ILE A 54 -8.11 11.16 9.07
C ILE A 54 -8.33 11.92 7.76
N ALA A 55 -7.91 13.16 7.72
CA ALA A 55 -8.10 13.97 6.49
C ALA A 55 -7.36 13.31 5.33
N ALA A 56 -7.84 13.51 4.13
CA ALA A 56 -7.19 12.89 2.94
C ALA A 56 -5.72 13.32 2.86
N ASP A 57 -5.43 14.54 3.23
CA ASP A 57 -4.02 15.01 3.17
C ASP A 57 -3.46 14.75 1.77
N ASP A 58 -4.19 15.15 0.76
CA ASP A 58 -3.73 14.91 -0.63
C ASP A 58 -2.59 15.87 -0.98
N VAL A 59 -1.44 15.34 -1.28
CA VAL A 59 -0.27 16.20 -1.65
C VAL A 59 0.33 15.67 -2.94
N GLU A 60 1.15 16.45 -3.61
CA GLU A 60 1.74 15.95 -4.87
C GLU A 60 2.55 14.68 -4.61
N LEU A 61 2.28 13.63 -5.34
CA LEU A 61 3.01 12.36 -5.13
C LEU A 61 3.85 12.04 -6.37
N SER A 62 5.00 11.44 -6.19
CA SER A 62 5.86 11.09 -7.35
C SER A 62 5.81 9.57 -7.57
N PRO A 63 6.08 9.13 -8.77
CA PRO A 63 6.06 7.68 -9.11
C PRO A 63 7.11 6.89 -8.32
N GLU A 64 8.15 7.55 -7.90
CA GLU A 64 9.21 6.84 -7.12
C GLU A 64 8.62 6.30 -5.82
N HIS A 65 7.62 6.97 -5.29
CA HIS A 65 7.00 6.50 -4.02
C HIS A 65 6.28 5.17 -4.26
N PHE A 66 5.84 4.93 -5.46
CA PHE A 66 5.12 3.65 -5.73
C PHE A 66 6.08 2.65 -6.38
N ARG A 67 7.34 2.96 -6.43
CA ARG A 67 8.32 2.03 -7.05
C ARG A 67 8.23 0.66 -6.37
N SER A 68 8.04 0.63 -5.08
CA SER A 68 7.94 -0.69 -4.38
C SER A 68 6.87 -0.63 -3.29
N ILE A 69 6.34 -1.77 -2.92
CA ILE A 69 5.30 -1.81 -1.86
C ILE A 69 5.87 -1.27 -0.55
N ARG A 70 7.11 -1.54 -0.27
CA ARG A 70 7.72 -1.05 0.99
C ARG A 70 7.65 0.48 1.06
N SER A 71 7.86 1.14 -0.04
CA SER A 71 7.80 2.63 -0.03
C SER A 71 6.42 3.07 0.45
N ILE A 72 5.39 2.38 0.02
CA ILE A 72 4.02 2.72 0.44
C ILE A 72 3.92 2.59 1.97
N ASP A 73 4.55 1.59 2.51
CA ASP A 73 4.51 1.40 3.99
C ASP A 73 5.02 2.68 4.67
N ALA A 74 6.00 3.32 4.09
CA ALA A 74 6.53 4.57 4.69
C ALA A 74 5.40 5.60 4.76
N PHE A 75 4.60 5.67 3.73
CA PHE A 75 3.48 6.65 3.75
C PHE A 75 2.55 6.31 4.92
N VAL A 76 2.23 5.06 5.08
CA VAL A 76 1.34 4.64 6.20
C VAL A 76 2.06 4.93 7.51
N VAL A 77 3.34 4.66 7.57
CA VAL A 77 4.10 4.92 8.81
C VAL A 77 3.99 6.39 9.18
N GLY A 78 4.05 7.25 8.20
CA GLY A 78 3.96 8.72 8.49
C GLY A 78 2.60 9.06 9.14
N ALA A 79 1.55 8.37 8.77
CA ALA A 79 0.22 8.69 9.38
C ALA A 79 -0.11 7.71 10.49
N THR A 80 0.03 6.44 10.24
CA THR A 80 -0.27 5.43 11.30
C THR A 80 0.91 4.47 11.41
N THR A 81 1.12 3.89 12.56
CA THR A 81 2.27 2.96 12.72
C THR A 81 1.84 1.72 13.51
N PRO A 82 1.38 0.70 12.83
CA PRO A 82 0.96 -0.57 13.48
C PRO A 82 2.14 -1.27 14.16
N PRO A 83 1.92 -2.44 14.72
CA PRO A 83 3.00 -3.22 15.40
C PRO A 83 4.16 -3.53 14.45
N VAL A 84 5.35 -3.62 14.98
CA VAL A 84 6.54 -3.92 14.12
C VAL A 84 7.10 -5.30 14.45
N GLU A 85 7.43 -6.07 13.45
CA GLU A 85 7.98 -7.43 13.69
C GLU A 85 9.01 -7.75 12.61
N ALA A 86 8.60 -8.36 11.53
CA ALA A 86 9.56 -8.70 10.45
C ALA A 86 8.79 -8.98 9.15
N LYS A 87 9.08 -8.25 8.11
CA LYS A 87 8.37 -8.49 6.82
C LYS A 87 8.59 -9.92 6.37
N LEU A 88 9.77 -10.45 6.60
CA LEU A 88 10.05 -11.85 6.18
C LEU A 88 9.85 -12.79 7.35
N GLN A 89 9.13 -13.86 7.17
CA GLN A 89 8.89 -14.81 8.29
C GLN A 89 9.07 -16.25 7.77
N MET A 1 7.29 -6.72 7.47
CA MET A 1 7.75 -5.46 8.11
C MET A 1 6.71 -5.02 9.14
N GLN A 2 6.68 -3.76 9.45
CA GLN A 2 5.68 -3.26 10.44
C GLN A 2 4.27 -3.57 9.91
N HIS A 3 4.10 -3.51 8.62
CA HIS A 3 2.77 -3.80 8.03
C HIS A 3 2.90 -3.85 6.50
N ALA A 4 4.07 -4.18 6.02
CA ALA A 4 4.26 -4.24 4.54
C ALA A 4 3.33 -5.29 3.95
N SER A 5 3.09 -6.37 4.66
CA SER A 5 2.20 -7.42 4.12
C SER A 5 0.82 -6.83 3.84
N VAL A 6 0.32 -5.99 4.72
CA VAL A 6 -1.01 -5.37 4.48
C VAL A 6 -0.92 -4.46 3.25
N ILE A 7 0.16 -3.76 3.11
CA ILE A 7 0.31 -2.85 1.94
C ILE A 7 0.22 -3.67 0.65
N ALA A 8 0.99 -4.72 0.56
CA ALA A 8 0.93 -5.57 -0.66
C ALA A 8 -0.46 -6.18 -0.78
N GLN A 9 -0.99 -6.65 0.32
CA GLN A 9 -2.34 -7.26 0.30
C GLN A 9 -3.38 -6.20 -0.06
N PHE A 10 -3.22 -5.01 0.46
CA PHE A 10 -4.20 -3.92 0.19
C PHE A 10 -4.22 -3.62 -1.32
N VAL A 11 -3.08 -3.38 -1.90
CA VAL A 11 -3.04 -3.08 -3.36
C VAL A 11 -3.31 -4.36 -4.16
N VAL A 12 -2.73 -5.46 -3.75
CA VAL A 12 -2.94 -6.74 -4.49
C VAL A 12 -4.42 -7.16 -4.40
N GLU A 13 -5.04 -6.96 -3.28
CA GLU A 13 -6.47 -7.36 -3.14
C GLU A 13 -7.32 -6.68 -4.22
N GLU A 14 -6.91 -5.54 -4.68
CA GLU A 14 -7.72 -4.84 -5.72
C GLU A 14 -7.72 -5.68 -6.99
N PHE A 15 -6.67 -6.43 -7.22
CA PHE A 15 -6.61 -7.28 -8.44
C PHE A 15 -5.67 -8.47 -8.18
N LEU A 16 -5.93 -9.23 -7.15
CA LEU A 16 -5.05 -10.39 -6.84
C LEU A 16 -5.42 -11.59 -7.73
N PRO A 17 -4.44 -12.27 -8.27
CA PRO A 17 -4.71 -13.46 -9.13
C PRO A 17 -5.20 -14.64 -8.30
N ASP A 18 -4.98 -15.84 -8.75
CA ASP A 18 -5.43 -17.02 -7.97
C ASP A 18 -4.40 -17.32 -6.89
N VAL A 19 -3.53 -16.38 -6.62
CA VAL A 19 -2.48 -16.61 -5.59
C VAL A 19 -2.72 -15.68 -4.39
N ALA A 20 -2.58 -16.19 -3.20
CA ALA A 20 -2.79 -15.33 -1.99
C ALA A 20 -1.65 -14.30 -1.90
N PRO A 21 -1.94 -13.06 -1.58
CA PRO A 21 -0.88 -12.01 -1.47
C PRO A 21 0.30 -12.47 -0.61
N ALA A 22 0.04 -13.31 0.36
CA ALA A 22 1.14 -13.80 1.24
C ALA A 22 2.08 -14.68 0.42
N ASP A 23 1.65 -15.13 -0.72
CA ASP A 23 2.51 -15.99 -1.58
C ASP A 23 3.10 -15.16 -2.71
N VAL A 24 2.91 -13.86 -2.66
CA VAL A 24 3.45 -12.99 -3.73
C VAL A 24 4.76 -12.36 -3.23
N ASP A 25 5.76 -12.32 -4.07
CA ASP A 25 7.05 -11.73 -3.63
C ASP A 25 6.89 -10.22 -3.45
N VAL A 26 6.53 -9.78 -2.28
CA VAL A 26 6.36 -8.32 -2.05
C VAL A 26 7.68 -7.59 -2.34
N ASP A 27 8.66 -8.29 -2.84
CA ASP A 27 9.96 -7.62 -3.15
C ASP A 27 9.92 -7.11 -4.59
N LEU A 28 8.79 -7.22 -5.23
CA LEU A 28 8.66 -6.75 -6.63
C LEU A 28 8.13 -5.32 -6.65
N ASP A 29 8.69 -4.47 -7.46
CA ASP A 29 8.19 -3.08 -7.52
C ASP A 29 6.74 -3.12 -8.00
N LEU A 30 5.83 -2.61 -7.23
CA LEU A 30 4.40 -2.64 -7.64
C LEU A 30 4.18 -1.72 -8.83
N VAL A 31 5.23 -1.28 -9.48
CA VAL A 31 5.06 -0.38 -10.65
C VAL A 31 4.14 -1.07 -11.66
N ASP A 32 4.33 -2.34 -11.87
CA ASP A 32 3.45 -3.07 -12.82
C ASP A 32 2.00 -2.86 -12.37
N ASN A 33 1.80 -2.81 -11.08
CA ASN A 33 0.43 -2.60 -10.54
C ASN A 33 0.14 -1.10 -10.53
N GLY A 34 0.95 -0.33 -11.22
CA GLY A 34 0.75 1.14 -11.25
C GLY A 34 -0.75 1.45 -11.42
N VAL A 35 -1.51 0.46 -11.79
CA VAL A 35 -2.98 0.70 -11.97
C VAL A 35 -3.52 1.37 -10.71
N ILE A 36 -2.98 1.03 -9.57
CA ILE A 36 -3.46 1.64 -8.30
C ILE A 36 -3.05 3.11 -8.23
N ASP A 37 -2.02 3.47 -8.94
CA ASP A 37 -1.54 4.89 -8.90
C ASP A 37 -2.64 5.86 -9.30
N SER A 38 -3.50 5.49 -10.21
CA SER A 38 -4.57 6.44 -10.65
C SER A 38 -5.93 6.05 -10.08
N LEU A 39 -6.45 4.92 -10.47
CA LEU A 39 -7.79 4.52 -9.97
C LEU A 39 -7.74 4.13 -8.51
N GLY A 40 -6.85 3.26 -8.15
CA GLY A 40 -6.76 2.84 -6.71
C GLY A 40 -6.31 4.01 -5.85
N LEU A 41 -5.43 4.83 -6.37
CA LEU A 41 -4.93 5.98 -5.57
C LEU A 41 -6.11 6.87 -5.19
N LEU A 42 -7.01 7.10 -6.10
CA LEU A 42 -8.18 7.96 -5.76
C LEU A 42 -8.96 7.29 -4.63
N LYS A 43 -9.18 6.00 -4.73
CA LYS A 43 -9.91 5.28 -3.67
C LYS A 43 -9.07 5.22 -2.39
N VAL A 44 -7.79 5.03 -2.53
CA VAL A 44 -6.90 4.93 -1.33
C VAL A 44 -6.90 6.26 -0.58
N ILE A 45 -6.78 7.35 -1.27
CA ILE A 45 -6.76 8.67 -0.59
C ILE A 45 -8.08 8.88 0.16
N ALA A 46 -9.18 8.57 -0.47
CA ALA A 46 -10.50 8.77 0.20
C ALA A 46 -10.61 7.84 1.42
N TRP A 47 -10.16 6.62 1.30
CA TRP A 47 -10.25 5.66 2.44
C TRP A 47 -9.15 5.99 3.47
N LEU A 48 -7.96 6.24 3.02
CA LEU A 48 -6.86 6.55 3.97
C LEU A 48 -7.24 7.75 4.84
N GLU A 49 -7.78 8.78 4.24
CA GLU A 49 -8.18 9.97 5.04
C GLU A 49 -9.30 9.58 5.99
N ASP A 50 -10.19 8.74 5.56
CA ASP A 50 -11.32 8.32 6.44
C ASP A 50 -10.81 7.39 7.55
N ARG A 51 -10.05 6.39 7.19
CA ARG A 51 -9.55 5.42 8.20
C ARG A 51 -8.65 6.11 9.24
N PHE A 52 -7.78 6.99 8.81
CA PHE A 52 -6.88 7.66 9.79
C PHE A 52 -7.39 9.07 10.10
N GLY A 53 -8.40 9.52 9.42
CA GLY A 53 -8.92 10.88 9.69
C GLY A 53 -7.87 11.92 9.28
N ILE A 54 -7.05 11.59 8.32
CA ILE A 54 -6.00 12.55 7.88
C ILE A 54 -6.45 13.22 6.57
N ALA A 55 -6.25 14.50 6.47
CA ALA A 55 -6.68 15.20 5.22
C ALA A 55 -5.92 14.63 4.03
N ALA A 56 -6.57 14.49 2.90
CA ALA A 56 -5.89 13.93 1.71
C ALA A 56 -4.71 14.82 1.33
N ASP A 57 -4.87 16.11 1.47
CA ASP A 57 -3.77 17.06 1.12
C ASP A 57 -2.54 16.77 2.00
N ASP A 58 -2.74 16.36 3.21
CA ASP A 58 -1.58 16.08 4.12
C ASP A 58 -0.59 15.17 3.41
N VAL A 59 -1.06 14.26 2.60
CA VAL A 59 -0.14 13.35 1.88
C VAL A 59 0.05 13.81 0.44
N GLU A 60 1.26 13.82 -0.04
CA GLU A 60 1.50 14.27 -1.44
C GLU A 60 1.39 13.08 -2.39
N LEU A 61 0.82 13.29 -3.55
CA LEU A 61 0.68 12.17 -4.52
C LEU A 61 1.82 12.21 -5.54
N SER A 62 2.43 11.09 -5.81
CA SER A 62 3.55 11.07 -6.80
C SER A 62 3.85 9.61 -7.18
N PRO A 63 4.37 9.40 -8.36
CA PRO A 63 4.72 8.02 -8.85
C PRO A 63 5.79 7.36 -7.97
N GLU A 64 6.63 8.15 -7.36
CA GLU A 64 7.69 7.57 -6.49
C GLU A 64 7.05 6.88 -5.29
N HIS A 65 5.91 7.35 -4.87
CA HIS A 65 5.23 6.72 -3.70
C HIS A 65 4.77 5.31 -4.06
N PHE A 66 4.49 5.08 -5.31
CA PHE A 66 4.03 3.72 -5.72
C PHE A 66 5.16 2.94 -6.39
N ARG A 67 6.35 3.48 -6.37
CA ARG A 67 7.49 2.75 -7.01
C ARG A 67 7.66 1.37 -6.37
N SER A 68 7.54 1.28 -5.07
CA SER A 68 7.71 -0.05 -4.40
C SER A 68 6.92 -0.08 -3.08
N ILE A 69 6.61 -1.25 -2.60
CA ILE A 69 5.86 -1.36 -1.33
C ILE A 69 6.69 -0.78 -0.18
N ARG A 70 7.98 -0.97 -0.21
CA ARG A 70 8.85 -0.43 0.87
C ARG A 70 8.73 1.09 0.95
N SER A 71 8.70 1.75 -0.18
CA SER A 71 8.60 3.23 -0.15
C SER A 71 7.30 3.65 0.57
N ILE A 72 6.21 3.00 0.27
CA ILE A 72 4.93 3.35 0.93
C ILE A 72 5.01 3.03 2.42
N ASP A 73 5.62 1.92 2.77
CA ASP A 73 5.72 1.55 4.20
C ASP A 73 6.43 2.66 4.99
N ALA A 74 7.43 3.26 4.41
CA ALA A 74 8.16 4.35 5.13
C ALA A 74 7.22 5.53 5.36
N PHE A 75 6.50 5.94 4.35
CA PHE A 75 5.57 7.09 4.53
C PHE A 75 4.46 6.69 5.49
N VAL A 76 3.95 5.49 5.36
CA VAL A 76 2.86 5.04 6.26
C VAL A 76 3.38 4.95 7.69
N VAL A 77 4.57 4.43 7.88
CA VAL A 77 5.13 4.31 9.24
C VAL A 77 5.31 5.70 9.85
N GLY A 78 5.79 6.64 9.07
CA GLY A 78 6.00 8.01 9.60
C GLY A 78 4.69 8.60 10.12
N ALA A 79 3.58 8.21 9.55
CA ALA A 79 2.27 8.77 10.01
C ALA A 79 1.57 7.77 10.94
N THR A 80 1.49 6.53 10.55
CA THR A 80 0.82 5.53 11.41
C THR A 80 1.55 4.19 11.32
N THR A 81 1.43 3.36 12.32
CA THR A 81 2.12 2.04 12.28
C THR A 81 1.18 0.97 12.85
N PRO A 82 0.38 0.34 12.02
CA PRO A 82 -0.58 -0.71 12.45
C PRO A 82 0.14 -1.93 13.06
N PRO A 83 -0.61 -2.93 13.45
CA PRO A 83 -0.03 -4.18 14.06
C PRO A 83 0.96 -4.86 13.12
N VAL A 84 1.93 -5.55 13.66
CA VAL A 84 2.93 -6.23 12.79
C VAL A 84 2.60 -7.73 12.73
N GLU A 85 2.53 -8.27 11.53
CA GLU A 85 2.22 -9.71 11.39
C GLU A 85 3.15 -10.33 10.33
N ALA A 86 3.41 -11.60 10.43
CA ALA A 86 4.32 -12.25 9.43
C ALA A 86 3.64 -12.23 8.06
N LYS A 87 4.38 -12.03 7.01
CA LYS A 87 3.78 -12.01 5.66
C LYS A 87 3.08 -13.34 5.39
N LEU A 88 3.64 -14.42 5.85
CA LEU A 88 3.00 -15.75 5.61
C LEU A 88 1.61 -15.76 6.25
N GLN A 89 1.44 -15.09 7.35
CA GLN A 89 0.10 -15.06 8.00
C GLN A 89 -0.40 -16.49 8.22
N MET A 1 10.52 -0.74 9.30
CA MET A 1 9.89 -1.80 8.47
C MET A 1 9.16 -2.78 9.37
N GLN A 2 8.25 -2.29 10.17
CA GLN A 2 7.49 -3.21 11.07
C GLN A 2 6.34 -3.83 10.29
N HIS A 3 6.14 -5.12 10.42
CA HIS A 3 5.05 -5.78 9.66
C HIS A 3 5.23 -5.50 8.17
N ALA A 4 6.46 -5.50 7.71
CA ALA A 4 6.70 -5.22 6.27
C ALA A 4 5.97 -6.26 5.41
N SER A 5 5.86 -7.46 5.89
CA SER A 5 5.16 -8.51 5.09
C SER A 5 3.72 -8.08 4.82
N VAL A 6 3.09 -7.45 5.78
CA VAL A 6 1.68 -7.00 5.57
C VAL A 6 1.65 -5.93 4.47
N ILE A 7 2.63 -5.08 4.42
CA ILE A 7 2.64 -4.02 3.38
C ILE A 7 2.62 -4.67 1.99
N ALA A 8 3.50 -5.61 1.75
CA ALA A 8 3.52 -6.28 0.42
C ALA A 8 2.20 -7.02 0.23
N GLN A 9 1.76 -7.69 1.26
CA GLN A 9 0.48 -8.44 1.17
C GLN A 9 -0.69 -7.46 1.02
N PHE A 10 -0.59 -6.32 1.65
CA PHE A 10 -1.70 -5.33 1.58
C PHE A 10 -1.95 -4.92 0.12
N VAL A 11 -0.93 -4.49 -0.57
CA VAL A 11 -1.14 -4.08 -1.98
C VAL A 11 -1.32 -5.33 -2.87
N VAL A 12 -0.55 -6.35 -2.61
CA VAL A 12 -0.66 -7.59 -3.44
C VAL A 12 -2.03 -8.24 -3.25
N GLU A 13 -2.55 -8.22 -2.05
CA GLU A 13 -3.89 -8.85 -1.81
C GLU A 13 -4.93 -8.25 -2.74
N GLU A 14 -4.77 -7.01 -3.10
CA GLU A 14 -5.76 -6.37 -4.01
C GLU A 14 -5.72 -7.06 -5.39
N PHE A 15 -4.57 -7.55 -5.78
CA PHE A 15 -4.48 -8.23 -7.11
C PHE A 15 -3.53 -9.42 -7.02
N LEU A 16 -3.66 -10.23 -6.00
CA LEU A 16 -2.74 -11.40 -5.87
C LEU A 16 -3.22 -12.55 -6.76
N PRO A 17 -2.33 -13.19 -7.46
CA PRO A 17 -2.68 -14.35 -8.34
C PRO A 17 -2.90 -15.61 -7.49
N ASP A 18 -2.63 -16.76 -8.03
CA ASP A 18 -2.81 -18.00 -7.23
C ASP A 18 -1.60 -18.17 -6.30
N VAL A 19 -0.80 -17.15 -6.18
CA VAL A 19 0.40 -17.23 -5.30
C VAL A 19 0.24 -16.28 -4.11
N ALA A 20 0.58 -16.73 -2.93
CA ALA A 20 0.46 -15.85 -1.74
C ALA A 20 1.55 -14.76 -1.81
N PRO A 21 1.24 -13.53 -1.47
CA PRO A 21 2.24 -12.42 -1.51
C PRO A 21 3.57 -12.83 -0.83
N ALA A 22 3.49 -13.67 0.16
CA ALA A 22 4.73 -14.10 0.86
C ALA A 22 5.60 -14.92 -0.10
N ASP A 23 5.00 -15.49 -1.10
CA ASP A 23 5.78 -16.30 -2.08
C ASP A 23 6.06 -15.45 -3.32
N VAL A 24 5.66 -14.20 -3.29
CA VAL A 24 5.91 -13.32 -4.46
C VAL A 24 7.05 -12.36 -4.11
N ASP A 25 7.95 -12.14 -5.02
CA ASP A 25 9.09 -11.23 -4.73
C ASP A 25 8.55 -9.81 -4.48
N VAL A 26 8.41 -9.43 -3.24
CA VAL A 26 7.90 -8.06 -2.93
C VAL A 26 8.86 -7.01 -3.52
N ASP A 27 9.83 -7.45 -4.27
CA ASP A 27 10.79 -6.48 -4.88
C ASP A 27 10.23 -6.02 -6.23
N LEU A 28 9.00 -6.34 -6.51
CA LEU A 28 8.40 -5.94 -7.81
C LEU A 28 7.91 -4.50 -7.72
N ASP A 29 8.24 -3.69 -8.68
CA ASP A 29 7.80 -2.28 -8.64
C ASP A 29 6.28 -2.23 -8.83
N LEU A 30 5.58 -1.66 -7.89
CA LEU A 30 4.10 -1.59 -8.01
C LEU A 30 3.72 -0.75 -9.22
N VAL A 31 4.68 -0.08 -9.81
CA VAL A 31 4.36 0.76 -11.00
C VAL A 31 3.55 -0.06 -12.00
N ASP A 32 3.89 -1.30 -12.18
CA ASP A 32 3.11 -2.15 -13.12
C ASP A 32 1.66 -2.15 -12.67
N ASN A 33 1.44 -2.18 -11.38
CA ASN A 33 0.06 -2.16 -10.83
C ASN A 33 -0.37 -0.71 -10.68
N GLY A 34 0.32 0.19 -11.31
CA GLY A 34 -0.03 1.64 -11.19
C GLY A 34 -1.55 1.81 -11.26
N VAL A 35 -2.25 0.83 -11.74
CA VAL A 35 -3.73 0.96 -11.79
C VAL A 35 -4.23 1.35 -10.40
N ILE A 36 -3.59 0.82 -9.39
CA ILE A 36 -3.99 1.15 -7.99
C ILE A 36 -3.61 2.59 -7.65
N ASP A 37 -2.63 3.11 -8.32
CA ASP A 37 -2.19 4.51 -8.04
C ASP A 37 -3.31 5.52 -8.32
N SER A 38 -4.17 5.23 -9.25
CA SER A 38 -5.25 6.21 -9.58
C SER A 38 -6.59 5.75 -9.02
N LEU A 39 -7.12 4.66 -9.51
CA LEU A 39 -8.45 4.18 -9.03
C LEU A 39 -8.34 3.58 -7.63
N GLY A 40 -7.45 2.65 -7.44
CA GLY A 40 -7.30 2.02 -6.10
C GLY A 40 -6.85 3.06 -5.09
N LEU A 41 -5.97 3.93 -5.48
CA LEU A 41 -5.47 4.96 -4.54
C LEU A 41 -6.62 5.85 -4.09
N LEU A 42 -7.48 6.22 -4.99
CA LEU A 42 -8.62 7.09 -4.59
C LEU A 42 -9.43 6.36 -3.50
N LYS A 43 -9.67 5.10 -3.68
CA LYS A 43 -10.43 4.34 -2.65
C LYS A 43 -9.59 4.25 -1.38
N VAL A 44 -8.30 4.07 -1.52
CA VAL A 44 -7.43 3.94 -0.32
C VAL A 44 -7.37 5.26 0.46
N ILE A 45 -7.14 6.36 -0.20
CA ILE A 45 -7.07 7.65 0.53
C ILE A 45 -8.39 7.92 1.24
N ALA A 46 -9.50 7.70 0.58
CA ALA A 46 -10.80 7.96 1.23
C ALA A 46 -11.04 6.97 2.38
N TRP A 47 -10.76 5.72 2.16
CA TRP A 47 -10.97 4.71 3.24
C TRP A 47 -9.83 4.79 4.26
N LEU A 48 -8.61 4.84 3.79
CA LEU A 48 -7.46 4.92 4.72
C LEU A 48 -7.60 6.12 5.64
N GLU A 49 -8.03 7.24 5.12
CA GLU A 49 -8.19 8.44 5.99
C GLU A 49 -9.22 8.14 7.07
N ASP A 50 -10.29 7.49 6.72
CA ASP A 50 -11.33 7.15 7.73
C ASP A 50 -10.75 6.13 8.72
N ARG A 51 -9.96 5.22 8.24
CA ARG A 51 -9.38 4.17 9.14
C ARG A 51 -8.54 4.81 10.25
N PHE A 52 -7.68 5.74 9.93
CA PHE A 52 -6.84 6.38 10.98
C PHE A 52 -7.14 7.87 11.11
N GLY A 53 -8.05 8.38 10.34
CA GLY A 53 -8.38 9.83 10.44
C GLY A 53 -7.22 10.66 9.89
N ILE A 54 -6.62 10.22 8.81
CA ILE A 54 -5.49 10.98 8.22
C ILE A 54 -6.02 11.88 7.11
N ALA A 55 -5.48 13.07 6.99
CA ALA A 55 -5.97 14.00 5.93
C ALA A 55 -5.70 13.38 4.56
N ALA A 56 -6.62 13.53 3.64
CA ALA A 56 -6.42 12.95 2.29
C ALA A 56 -5.20 13.58 1.64
N ASP A 57 -4.94 14.83 1.94
CA ASP A 57 -3.76 15.51 1.35
C ASP A 57 -2.55 15.33 2.26
N ASP A 58 -2.66 14.49 3.24
CA ASP A 58 -1.51 14.27 4.17
C ASP A 58 -0.25 13.92 3.37
N VAL A 59 -0.42 13.23 2.27
CA VAL A 59 0.76 12.86 1.44
C VAL A 59 0.55 13.32 0.00
N GLU A 60 1.61 13.47 -0.75
CA GLU A 60 1.47 13.91 -2.16
C GLU A 60 1.39 12.69 -3.07
N LEU A 61 0.71 12.80 -4.18
CA LEU A 61 0.59 11.64 -5.11
C LEU A 61 1.61 11.76 -6.23
N SER A 62 2.33 10.71 -6.51
CA SER A 62 3.34 10.77 -7.60
C SER A 62 3.80 9.34 -7.93
N PRO A 63 4.05 9.04 -9.18
CA PRO A 63 4.50 7.68 -9.61
C PRO A 63 5.84 7.30 -9.00
N GLU A 64 6.64 8.29 -8.65
CA GLU A 64 7.97 7.99 -8.06
C GLU A 64 7.80 7.30 -6.70
N HIS A 65 6.77 7.64 -5.99
CA HIS A 65 6.55 7.02 -4.64
C HIS A 65 6.12 5.56 -4.75
N PHE A 66 5.49 5.18 -5.82
CA PHE A 66 5.01 3.77 -5.95
C PHE A 66 5.99 2.93 -6.76
N ARG A 67 7.16 3.45 -7.04
CA ARG A 67 8.15 2.66 -7.82
C ARG A 67 8.46 1.34 -7.10
N SER A 68 8.47 1.34 -5.80
CA SER A 68 8.77 0.08 -5.07
C SER A 68 7.96 0.02 -3.77
N ILE A 69 7.63 -1.16 -3.32
CA ILE A 69 6.85 -1.30 -2.06
C ILE A 69 7.69 -0.81 -0.87
N ARG A 70 8.96 -1.06 -0.90
CA ARG A 70 9.84 -0.64 0.23
C ARG A 70 9.80 0.87 0.40
N SER A 71 9.78 1.61 -0.68
CA SER A 71 9.76 3.09 -0.56
C SER A 71 8.54 3.54 0.24
N ILE A 72 7.40 2.94 -0.01
CA ILE A 72 6.18 3.32 0.74
C ILE A 72 6.31 2.90 2.21
N ASP A 73 6.88 1.75 2.46
CA ASP A 73 7.02 1.27 3.86
C ASP A 73 7.84 2.28 4.69
N ALA A 74 8.88 2.81 4.12
CA ALA A 74 9.72 3.78 4.89
C ALA A 74 8.92 5.05 5.19
N PHE A 75 8.20 5.55 4.23
CA PHE A 75 7.41 6.78 4.48
C PHE A 75 6.36 6.52 5.56
N VAL A 76 5.64 5.45 5.45
CA VAL A 76 4.61 5.14 6.48
C VAL A 76 5.28 4.84 7.82
N VAL A 77 6.31 4.04 7.81
CA VAL A 77 7.00 3.73 9.09
C VAL A 77 7.53 5.01 9.71
N GLY A 78 8.05 5.90 8.91
CA GLY A 78 8.59 7.17 9.45
C GLY A 78 7.50 7.92 10.23
N ALA A 79 6.26 7.81 9.83
CA ALA A 79 5.18 8.55 10.55
C ALA A 79 4.37 7.58 11.42
N THR A 80 3.94 6.48 10.86
CA THR A 80 3.15 5.51 11.66
C THR A 80 3.22 4.13 11.00
N THR A 81 3.14 3.08 11.77
CA THR A 81 3.19 1.71 11.19
C THR A 81 1.96 0.92 11.65
N PRO A 82 0.89 0.98 10.90
CA PRO A 82 -0.38 0.28 11.23
C PRO A 82 -0.47 -1.12 10.59
N PRO A 83 -0.38 -2.17 11.37
CA PRO A 83 -0.48 -3.55 10.83
C PRO A 83 -1.93 -3.96 10.56
N VAL A 84 -2.19 -4.54 9.41
CA VAL A 84 -3.59 -4.94 9.09
C VAL A 84 -3.62 -6.44 8.74
N GLU A 85 -4.53 -7.17 9.31
CA GLU A 85 -4.63 -8.63 9.00
C GLU A 85 -4.93 -8.82 7.51
N ALA A 86 -5.75 -7.97 6.96
CA ALA A 86 -6.10 -8.09 5.51
C ALA A 86 -6.45 -6.73 4.94
N LYS A 87 -6.25 -6.52 3.67
CA LYS A 87 -6.58 -5.20 3.06
C LYS A 87 -8.07 -4.90 3.28
N LEU A 88 -8.90 -5.89 3.19
CA LEU A 88 -10.36 -5.66 3.39
C LEU A 88 -10.73 -5.95 4.85
N GLN A 89 -11.61 -5.16 5.40
CA GLN A 89 -12.01 -5.39 6.83
C GLN A 89 -13.12 -6.44 6.88
N MET A 1 11.67 -4.29 7.40
CA MET A 1 11.38 -3.03 8.13
C MET A 1 10.32 -3.29 9.21
N GLN A 2 9.40 -2.38 9.38
CA GLN A 2 8.34 -2.59 10.41
C GLN A 2 7.07 -3.11 9.73
N HIS A 3 6.62 -4.28 10.10
CA HIS A 3 5.39 -4.83 9.47
C HIS A 3 5.49 -4.68 7.95
N ALA A 4 6.68 -4.72 7.42
CA ALA A 4 6.85 -4.56 5.95
C ALA A 4 6.14 -5.71 5.23
N SER A 5 6.16 -6.89 5.80
CA SER A 5 5.49 -8.04 5.14
C SER A 5 4.00 -7.74 4.95
N VAL A 6 3.40 -7.11 5.91
CA VAL A 6 1.95 -6.79 5.79
C VAL A 6 1.74 -5.83 4.62
N ILE A 7 2.60 -4.87 4.49
CA ILE A 7 2.47 -3.89 3.38
C ILE A 7 2.53 -4.62 2.04
N ALA A 8 3.42 -5.55 1.89
CA ALA A 8 3.51 -6.30 0.60
C ALA A 8 2.21 -7.07 0.38
N GLN A 9 1.76 -7.77 1.39
CA GLN A 9 0.50 -8.55 1.25
C GLN A 9 -0.68 -7.58 1.17
N PHE A 10 -0.61 -6.46 1.84
CA PHE A 10 -1.74 -5.50 1.81
C PHE A 10 -2.01 -5.03 0.38
N VAL A 11 -1.00 -4.56 -0.30
CA VAL A 11 -1.21 -4.10 -1.71
C VAL A 11 -1.36 -5.31 -2.63
N VAL A 12 -0.58 -6.34 -2.43
CA VAL A 12 -0.66 -7.53 -3.31
C VAL A 12 -2.03 -8.22 -3.15
N GLU A 13 -2.57 -8.24 -1.97
CA GLU A 13 -3.88 -8.91 -1.77
C GLU A 13 -4.93 -8.31 -2.71
N GLU A 14 -4.83 -7.04 -2.99
CA GLU A 14 -5.82 -6.41 -3.90
C GLU A 14 -5.67 -6.99 -5.30
N PHE A 15 -4.49 -7.36 -5.70
CA PHE A 15 -4.28 -7.93 -7.06
C PHE A 15 -3.34 -9.13 -6.99
N LEU A 16 -3.52 -10.02 -6.05
CA LEU A 16 -2.61 -11.18 -5.95
C LEU A 16 -3.03 -12.26 -6.97
N PRO A 17 -2.07 -12.83 -7.67
CA PRO A 17 -2.36 -13.91 -8.66
C PRO A 17 -2.62 -15.23 -7.94
N ASP A 18 -2.32 -16.34 -8.56
CA ASP A 18 -2.53 -17.64 -7.89
C ASP A 18 -1.38 -17.89 -6.91
N VAL A 19 -0.59 -16.88 -6.66
CA VAL A 19 0.56 -17.03 -5.73
C VAL A 19 0.34 -16.18 -4.48
N ALA A 20 0.62 -16.73 -3.31
CA ALA A 20 0.42 -15.94 -2.07
C ALA A 20 1.52 -14.86 -1.99
N PRO A 21 1.19 -13.65 -1.57
CA PRO A 21 2.19 -12.56 -1.46
C PRO A 21 3.47 -13.02 -0.74
N ALA A 22 3.34 -13.92 0.18
CA ALA A 22 4.54 -14.41 0.92
C ALA A 22 5.45 -15.17 -0.06
N ASP A 23 4.89 -15.72 -1.09
CA ASP A 23 5.72 -16.49 -2.07
C ASP A 23 5.92 -15.63 -3.32
N VAL A 24 5.45 -14.41 -3.29
CA VAL A 24 5.62 -13.52 -4.47
C VAL A 24 6.82 -12.59 -4.22
N ASP A 25 7.57 -12.29 -5.23
CA ASP A 25 8.75 -11.40 -5.03
C ASP A 25 8.26 -9.97 -4.77
N VAL A 26 8.14 -9.60 -3.52
CA VAL A 26 7.68 -8.21 -3.19
C VAL A 26 8.69 -7.20 -3.73
N ASP A 27 9.66 -7.65 -4.48
CA ASP A 27 10.67 -6.71 -5.05
C ASP A 27 10.18 -6.24 -6.42
N LEU A 28 8.96 -6.51 -6.75
CA LEU A 28 8.43 -6.09 -8.08
C LEU A 28 7.94 -4.65 -8.00
N ASP A 29 8.29 -3.84 -8.97
CA ASP A 29 7.85 -2.43 -8.95
C ASP A 29 6.33 -2.39 -9.09
N LEU A 30 5.64 -1.80 -8.15
CA LEU A 30 4.16 -1.74 -8.23
C LEU A 30 3.75 -0.90 -9.44
N VAL A 31 4.69 -0.28 -10.10
CA VAL A 31 4.32 0.56 -11.27
C VAL A 31 3.42 -0.26 -12.21
N ASP A 32 3.79 -1.48 -12.46
CA ASP A 32 2.94 -2.32 -13.34
C ASP A 32 1.55 -2.37 -12.73
N ASN A 33 1.49 -2.38 -11.43
CA ASN A 33 0.19 -2.41 -10.72
C ASN A 33 -0.30 -0.96 -10.56
N GLY A 34 0.29 -0.06 -11.30
CA GLY A 34 -0.10 1.38 -11.20
C GLY A 34 -1.62 1.50 -11.12
N VAL A 35 -2.33 0.46 -11.47
CA VAL A 35 -3.81 0.53 -11.39
C VAL A 35 -4.18 0.99 -9.98
N ILE A 36 -3.46 0.54 -9.00
CA ILE A 36 -3.77 0.94 -7.59
C ILE A 36 -3.39 2.40 -7.37
N ASP A 37 -2.47 2.91 -8.14
CA ASP A 37 -2.03 4.32 -7.94
C ASP A 37 -3.20 5.29 -8.11
N SER A 38 -4.11 5.02 -9.00
CA SER A 38 -5.24 5.96 -9.21
C SER A 38 -6.55 5.41 -8.63
N LEU A 39 -7.03 4.33 -9.16
CA LEU A 39 -8.33 3.78 -8.65
C LEU A 39 -8.19 3.21 -7.24
N GLY A 40 -7.23 2.35 -7.04
CA GLY A 40 -7.06 1.76 -5.68
C GLY A 40 -6.55 2.82 -4.70
N LEU A 41 -5.70 3.70 -5.15
CA LEU A 41 -5.16 4.74 -4.24
C LEU A 41 -6.31 5.55 -3.65
N LEU A 42 -7.22 5.99 -4.48
CA LEU A 42 -8.35 6.79 -3.95
C LEU A 42 -9.17 5.95 -2.96
N LYS A 43 -9.40 4.71 -3.28
CA LYS A 43 -10.18 3.86 -2.34
C LYS A 43 -9.40 3.70 -1.04
N VAL A 44 -8.11 3.54 -1.12
CA VAL A 44 -7.29 3.38 0.12
C VAL A 44 -7.24 4.68 0.91
N ILE A 45 -6.92 5.77 0.27
CA ILE A 45 -6.86 7.06 1.00
C ILE A 45 -8.23 7.41 1.58
N ALA A 46 -9.28 7.17 0.84
CA ALA A 46 -10.63 7.51 1.36
C ALA A 46 -10.98 6.59 2.54
N TRP A 47 -10.74 5.32 2.40
CA TRP A 47 -11.05 4.38 3.52
C TRP A 47 -9.97 4.48 4.60
N LEU A 48 -8.73 4.46 4.19
CA LEU A 48 -7.63 4.54 5.18
C LEU A 48 -7.78 5.82 6.01
N GLU A 49 -8.18 6.90 5.38
CA GLU A 49 -8.35 8.17 6.14
C GLU A 49 -9.42 7.98 7.22
N ASP A 50 -10.50 7.33 6.89
CA ASP A 50 -11.57 7.12 7.90
C ASP A 50 -11.03 6.24 9.04
N ARG A 51 -10.26 5.24 8.71
CA ARG A 51 -9.72 4.33 9.76
C ARG A 51 -8.74 5.05 10.70
N PHE A 52 -7.83 5.83 10.17
CA PHE A 52 -6.85 6.53 11.06
C PHE A 52 -7.09 8.04 11.07
N GLY A 53 -8.05 8.51 10.33
CA GLY A 53 -8.33 9.98 10.33
C GLY A 53 -7.20 10.72 9.60
N ILE A 54 -6.69 10.15 8.55
CA ILE A 54 -5.58 10.83 7.81
C ILE A 54 -6.17 11.77 6.75
N ALA A 55 -5.54 12.89 6.51
CA ALA A 55 -6.09 13.84 5.50
C ALA A 55 -6.14 13.16 4.13
N ALA A 56 -7.30 13.11 3.53
CA ALA A 56 -7.43 12.47 2.20
C ALA A 56 -6.91 13.43 1.12
N ASP A 57 -6.83 14.69 1.42
CA ASP A 57 -6.34 15.67 0.41
C ASP A 57 -4.82 15.67 0.37
N ASP A 58 -4.18 14.73 1.00
CA ASP A 58 -2.70 14.69 1.00
C ASP A 58 -2.20 14.10 -0.34
N VAL A 59 -1.59 14.92 -1.15
CA VAL A 59 -1.07 14.42 -2.47
C VAL A 59 0.46 14.52 -2.49
N GLU A 60 1.07 14.65 -1.34
CA GLU A 60 2.55 14.75 -1.30
C GLU A 60 3.18 13.56 -2.01
N LEU A 61 2.51 12.44 -2.03
CA LEU A 61 3.10 11.25 -2.70
C LEU A 61 2.95 11.38 -4.22
N SER A 62 3.95 10.94 -4.95
CA SER A 62 3.89 11.04 -6.44
C SER A 62 4.02 9.63 -7.03
N PRO A 63 3.69 9.47 -8.29
CA PRO A 63 3.78 8.15 -8.97
C PRO A 63 5.15 7.51 -8.79
N GLU A 64 6.18 8.31 -8.72
CA GLU A 64 7.55 7.76 -8.52
C GLU A 64 7.65 7.13 -7.14
N HIS A 65 6.87 7.60 -6.21
CA HIS A 65 6.92 7.04 -4.83
C HIS A 65 6.38 5.61 -4.84
N PHE A 66 5.54 5.28 -5.78
CA PHE A 66 4.99 3.89 -5.84
C PHE A 66 5.90 3.04 -6.72
N ARG A 67 7.05 3.53 -7.06
CA ARG A 67 7.99 2.76 -7.92
C ARG A 67 8.23 1.37 -7.31
N SER A 68 8.31 1.28 -6.01
CA SER A 68 8.55 -0.05 -5.38
C SER A 68 7.82 -0.12 -4.04
N ILE A 69 7.54 -1.32 -3.57
CA ILE A 69 6.84 -1.48 -2.28
C ILE A 69 7.71 -0.96 -1.13
N ARG A 70 8.99 -1.15 -1.22
CA ARG A 70 9.90 -0.68 -0.14
C ARG A 70 9.80 0.84 0.02
N SER A 71 9.72 1.56 -1.05
CA SER A 71 9.64 3.04 -0.94
C SER A 71 8.35 3.43 -0.21
N ILE A 72 7.28 2.73 -0.46
CA ILE A 72 6.00 3.04 0.23
C ILE A 72 6.11 2.70 1.71
N ASP A 73 6.75 1.62 2.03
CA ASP A 73 6.89 1.21 3.46
C ASP A 73 7.61 2.30 4.25
N ALA A 74 8.63 2.89 3.69
CA ALA A 74 9.37 3.95 4.43
C ALA A 74 8.48 5.18 4.64
N PHE A 75 7.75 5.58 3.64
CA PHE A 75 6.88 6.78 3.81
C PHE A 75 5.84 6.52 4.90
N VAL A 76 5.17 5.41 4.82
CA VAL A 76 4.14 5.10 5.84
C VAL A 76 4.81 4.89 7.20
N VAL A 77 5.88 4.14 7.24
CA VAL A 77 6.58 3.91 8.54
C VAL A 77 7.09 5.23 9.10
N GLY A 78 7.60 6.08 8.26
CA GLY A 78 8.13 7.38 8.75
C GLY A 78 7.04 8.15 9.49
N ALA A 79 5.81 8.03 9.07
CA ALA A 79 4.71 8.78 9.76
C ALA A 79 3.88 7.84 10.65
N THR A 80 3.47 6.72 10.13
CA THR A 80 2.66 5.77 10.96
C THR A 80 2.75 4.37 10.37
N THR A 81 2.90 3.37 11.21
CA THR A 81 2.98 1.98 10.70
C THR A 81 1.81 1.16 11.28
N PRO A 82 0.69 1.14 10.60
CA PRO A 82 -0.52 0.41 11.04
C PRO A 82 -0.62 -0.99 10.40
N PRO A 83 -0.48 -2.04 11.18
CA PRO A 83 -0.57 -3.43 10.66
C PRO A 83 -2.02 -3.86 10.44
N VAL A 84 -2.31 -4.47 9.32
CA VAL A 84 -3.71 -4.90 9.03
C VAL A 84 -3.72 -6.41 8.71
N GLU A 85 -4.62 -7.14 9.31
CA GLU A 85 -4.67 -8.61 9.03
C GLU A 85 -4.98 -8.83 7.55
N ALA A 86 -5.82 -8.01 6.97
CA ALA A 86 -6.16 -8.18 5.53
C ALA A 86 -6.55 -6.82 4.95
N LYS A 87 -6.32 -6.61 3.68
CA LYS A 87 -6.68 -5.31 3.06
C LYS A 87 -8.19 -5.08 3.19
N LEU A 88 -8.98 -6.12 3.09
CA LEU A 88 -10.45 -5.95 3.22
C LEU A 88 -10.86 -6.17 4.68
N GLN A 89 -11.80 -5.40 5.15
CA GLN A 89 -12.25 -5.56 6.57
C GLN A 89 -12.89 -6.94 6.74
N MET A 1 8.35 -2.04 8.06
CA MET A 1 7.41 -3.15 7.73
C MET A 1 6.57 -3.50 8.96
N GLN A 2 6.22 -2.52 9.74
CA GLN A 2 5.41 -2.78 10.95
C GLN A 2 4.10 -3.45 10.54
N HIS A 3 3.56 -3.06 9.42
CA HIS A 3 2.28 -3.67 8.95
C HIS A 3 2.28 -3.69 7.42
N ALA A 4 3.44 -3.78 6.83
CA ALA A 4 3.53 -3.80 5.34
C ALA A 4 2.75 -4.99 4.79
N SER A 5 2.71 -6.08 5.50
CA SER A 5 1.97 -7.27 4.99
C SER A 5 0.50 -6.90 4.75
N VAL A 6 -0.07 -6.12 5.62
CA VAL A 6 -1.49 -5.71 5.43
C VAL A 6 -1.56 -4.79 4.21
N ILE A 7 -0.59 -3.93 4.08
CA ILE A 7 -0.59 -3.00 2.92
C ILE A 7 -0.52 -3.81 1.63
N ALA A 8 0.40 -4.72 1.54
CA ALA A 8 0.51 -5.55 0.31
C ALA A 8 -0.75 -6.41 0.17
N GLN A 9 -1.16 -7.04 1.22
CA GLN A 9 -2.38 -7.88 1.17
C GLN A 9 -3.59 -7.00 0.85
N PHE A 10 -3.68 -5.88 1.51
CA PHE A 10 -4.81 -4.95 1.26
C PHE A 10 -4.71 -4.36 -0.15
N VAL A 11 -3.55 -3.87 -0.49
CA VAL A 11 -3.36 -3.27 -1.84
C VAL A 11 -3.47 -4.35 -2.91
N VAL A 12 -2.83 -5.48 -2.70
CA VAL A 12 -2.90 -6.57 -3.71
C VAL A 12 -4.34 -7.05 -3.83
N GLU A 13 -5.05 -7.12 -2.74
CA GLU A 13 -6.47 -7.58 -2.78
C GLU A 13 -7.27 -6.72 -3.75
N GLU A 14 -6.90 -5.48 -3.89
CA GLU A 14 -7.64 -4.59 -4.83
C GLU A 14 -7.47 -5.10 -6.26
N PHE A 15 -6.35 -5.68 -6.57
CA PHE A 15 -6.12 -6.22 -7.93
C PHE A 15 -5.24 -7.46 -7.85
N LEU A 16 -5.61 -8.42 -7.03
CA LEU A 16 -4.79 -9.65 -6.90
C LEU A 16 -5.06 -10.60 -8.07
N PRO A 17 -4.04 -11.19 -8.64
CA PRO A 17 -4.21 -12.16 -9.76
C PRO A 17 -4.79 -13.48 -9.23
N ASP A 18 -4.52 -14.57 -9.89
CA ASP A 18 -5.05 -15.86 -9.41
C ASP A 18 -4.19 -16.34 -8.25
N VAL A 19 -3.32 -15.50 -7.77
CA VAL A 19 -2.43 -15.88 -6.63
C VAL A 19 -2.77 -15.06 -5.40
N ALA A 20 -2.83 -15.69 -4.25
CA ALA A 20 -3.15 -14.93 -3.01
C ALA A 20 -1.95 -14.03 -2.67
N PRO A 21 -2.17 -12.83 -2.18
CA PRO A 21 -1.06 -11.91 -1.82
C PRO A 21 0.00 -12.62 -0.97
N ALA A 22 -0.41 -13.55 -0.16
CA ALA A 22 0.56 -14.28 0.70
C ALA A 22 1.46 -15.16 -0.19
N ASP A 23 0.98 -15.52 -1.35
CA ASP A 23 1.79 -16.37 -2.26
C ASP A 23 2.32 -15.51 -3.41
N VAL A 24 2.10 -14.23 -3.34
CA VAL A 24 2.60 -13.33 -4.43
C VAL A 24 3.94 -12.74 -3.99
N ASP A 25 4.84 -12.57 -4.92
CA ASP A 25 6.16 -12.00 -4.54
C ASP A 25 6.01 -10.51 -4.24
N VAL A 26 5.79 -10.17 -3.00
CA VAL A 26 5.63 -8.73 -2.63
C VAL A 26 6.93 -7.98 -2.94
N ASP A 27 7.88 -8.65 -3.55
CA ASP A 27 9.15 -7.97 -3.89
C ASP A 27 9.07 -7.47 -5.34
N LEU A 28 7.92 -7.53 -5.93
CA LEU A 28 7.76 -7.07 -7.34
C LEU A 28 7.39 -5.58 -7.35
N ASP A 29 8.02 -4.82 -8.20
CA ASP A 29 7.68 -3.38 -8.27
C ASP A 29 6.23 -3.24 -8.71
N LEU A 30 5.42 -2.60 -7.91
CA LEU A 30 3.98 -2.45 -8.29
C LEU A 30 3.83 -1.40 -9.38
N VAL A 31 4.92 -0.90 -9.92
CA VAL A 31 4.80 0.14 -10.98
C VAL A 31 3.88 -0.39 -12.08
N ASP A 32 4.03 -1.64 -12.45
CA ASP A 32 3.13 -2.21 -13.49
C ASP A 32 1.70 -2.01 -13.02
N ASN A 33 1.48 -2.12 -11.73
CA ASN A 33 0.13 -1.92 -11.16
C ASN A 33 -0.09 -0.43 -10.93
N GLY A 34 0.74 0.39 -11.52
CA GLY A 34 0.61 1.86 -11.34
C GLY A 34 -0.86 2.27 -11.42
N VAL A 35 -1.69 1.40 -11.92
CA VAL A 35 -3.14 1.74 -12.00
C VAL A 35 -3.61 2.21 -10.63
N ILE A 36 -3.11 1.61 -9.59
CA ILE A 36 -3.52 2.00 -8.22
C ILE A 36 -2.95 3.38 -7.87
N ASP A 37 -1.87 3.75 -8.48
CA ASP A 37 -1.24 5.07 -8.17
C ASP A 37 -2.22 6.21 -8.39
N SER A 38 -3.08 6.11 -9.37
CA SER A 38 -4.03 7.23 -9.65
C SER A 38 -5.45 6.90 -9.18
N LEU A 39 -6.07 5.91 -9.78
CA LEU A 39 -7.47 5.58 -9.39
C LEU A 39 -7.52 4.91 -8.01
N GLY A 40 -6.76 3.88 -7.81
CA GLY A 40 -6.77 3.18 -6.50
C GLY A 40 -6.22 4.09 -5.41
N LEU A 41 -5.24 4.89 -5.75
CA LEU A 41 -4.65 5.80 -4.73
C LEU A 41 -5.74 6.70 -4.16
N LEU A 42 -6.59 7.23 -4.99
CA LEU A 42 -7.67 8.09 -4.47
C LEU A 42 -8.60 7.26 -3.58
N LYS A 43 -8.90 6.07 -4.00
CA LYS A 43 -9.78 5.20 -3.17
C LYS A 43 -9.09 4.88 -1.85
N VAL A 44 -7.80 4.69 -1.87
CA VAL A 44 -7.07 4.37 -0.62
C VAL A 44 -7.19 5.52 0.38
N ILE A 45 -7.01 6.74 -0.06
CA ILE A 45 -7.11 7.89 0.86
C ILE A 45 -8.52 7.96 1.45
N ALA A 46 -9.53 7.79 0.63
CA ALA A 46 -10.92 7.84 1.14
C ALA A 46 -11.17 6.69 2.12
N TRP A 47 -10.72 5.51 1.78
CA TRP A 47 -10.92 4.35 2.68
C TRP A 47 -9.99 4.47 3.90
N LEU A 48 -8.78 4.91 3.68
CA LEU A 48 -7.82 5.04 4.81
C LEU A 48 -8.39 5.99 5.88
N GLU A 49 -8.95 7.09 5.46
CA GLU A 49 -9.53 8.05 6.45
C GLU A 49 -10.70 7.41 7.17
N ASP A 50 -11.48 6.61 6.50
CA ASP A 50 -12.64 5.98 7.17
C ASP A 50 -12.17 5.09 8.33
N ARG A 51 -11.08 4.41 8.17
CA ARG A 51 -10.59 3.51 9.26
C ARG A 51 -9.95 4.31 10.40
N PHE A 52 -9.12 5.28 10.12
CA PHE A 52 -8.45 6.04 11.21
C PHE A 52 -9.03 7.45 11.35
N GLY A 53 -9.88 7.86 10.45
CA GLY A 53 -10.46 9.24 10.55
C GLY A 53 -9.35 10.26 10.28
N ILE A 54 -8.41 9.93 9.44
CA ILE A 54 -7.30 10.89 9.14
C ILE A 54 -7.67 11.75 7.94
N ALA A 55 -7.14 12.94 7.86
CA ALA A 55 -7.46 13.83 6.71
C ALA A 55 -7.03 13.15 5.42
N ALA A 56 -7.71 13.42 4.34
CA ALA A 56 -7.35 12.77 3.06
C ALA A 56 -5.88 13.02 2.73
N ASP A 57 -5.40 14.21 2.98
CA ASP A 57 -3.97 14.50 2.68
C ASP A 57 -3.65 14.07 1.25
N ASP A 58 -4.46 14.47 0.31
CA ASP A 58 -4.20 14.07 -1.10
C ASP A 58 -3.02 14.86 -1.68
N VAL A 59 -1.96 14.18 -2.01
CA VAL A 59 -0.76 14.89 -2.57
C VAL A 59 -0.41 14.24 -3.92
N GLU A 60 0.00 15.04 -4.88
CA GLU A 60 0.34 14.47 -6.22
C GLU A 60 1.49 13.46 -6.10
N LEU A 61 2.38 13.66 -5.17
CA LEU A 61 3.51 12.71 -5.02
C LEU A 61 4.10 12.37 -6.40
N SER A 62 4.97 11.40 -6.46
CA SER A 62 5.56 11.01 -7.76
C SER A 62 5.55 9.48 -7.89
N PRO A 63 5.71 8.99 -9.09
CA PRO A 63 5.72 7.53 -9.36
C PRO A 63 6.86 6.81 -8.63
N GLU A 64 7.92 7.51 -8.36
CA GLU A 64 9.07 6.88 -7.65
C GLU A 64 8.62 6.38 -6.27
N HIS A 65 7.68 7.04 -5.66
CA HIS A 65 7.21 6.60 -4.32
C HIS A 65 6.47 5.27 -4.43
N PHE A 66 5.90 4.97 -5.56
CA PHE A 66 5.17 3.68 -5.71
C PHE A 66 6.07 2.65 -6.37
N ARG A 67 7.34 2.94 -6.51
CA ARG A 67 8.26 1.97 -7.15
C ARG A 67 8.20 0.62 -6.43
N SER A 68 8.09 0.64 -5.11
CA SER A 68 8.02 -0.65 -4.36
C SER A 68 6.96 -0.58 -3.26
N ILE A 69 6.41 -1.69 -2.87
CA ILE A 69 5.38 -1.70 -1.81
C ILE A 69 5.96 -1.18 -0.50
N ARG A 70 7.20 -1.50 -0.22
CA ARG A 70 7.82 -1.05 1.05
C ARG A 70 7.84 0.49 1.11
N SER A 71 8.06 1.14 0.00
CA SER A 71 8.09 2.63 0.01
C SER A 71 6.74 3.16 0.47
N ILE A 72 5.67 2.51 0.10
CA ILE A 72 4.32 2.96 0.51
C ILE A 72 4.21 2.86 2.03
N ASP A 73 4.76 1.82 2.60
CA ASP A 73 4.68 1.65 4.08
C ASP A 73 5.31 2.88 4.75
N ALA A 74 6.35 3.42 4.18
CA ALA A 74 6.99 4.60 4.80
C ALA A 74 5.99 5.75 4.85
N PHE A 75 5.26 5.96 3.79
CA PHE A 75 4.26 7.06 3.77
C PHE A 75 3.17 6.76 4.81
N VAL A 76 2.67 5.55 4.81
CA VAL A 76 1.61 5.17 5.78
C VAL A 76 2.17 5.23 7.20
N VAL A 77 3.39 4.76 7.38
CA VAL A 77 3.98 4.77 8.74
C VAL A 77 4.04 6.22 9.27
N GLY A 78 4.41 7.14 8.43
CA GLY A 78 4.50 8.56 8.88
C GLY A 78 3.12 9.07 9.30
N ALA A 79 2.07 8.64 8.65
CA ALA A 79 0.71 9.13 9.01
C ALA A 79 0.13 8.28 10.14
N THR A 80 0.21 6.99 10.00
CA THR A 80 -0.32 6.09 11.05
C THR A 80 0.67 4.94 11.24
N THR A 81 0.74 4.37 12.41
CA THR A 81 1.70 3.26 12.64
C THR A 81 1.02 2.13 13.42
N PRO A 82 0.41 1.20 12.71
CA PRO A 82 -0.27 0.03 13.34
C PRO A 82 0.70 -0.86 14.10
N PRO A 83 0.24 -1.97 14.62
CA PRO A 83 1.10 -2.93 15.38
C PRO A 83 2.27 -3.43 14.53
N VAL A 84 3.38 -3.75 15.14
CA VAL A 84 4.54 -4.22 14.35
C VAL A 84 4.48 -5.74 14.17
N GLU A 85 4.59 -6.20 12.95
CA GLU A 85 4.54 -7.66 12.69
C GLU A 85 5.58 -8.01 11.63
N ALA A 86 6.23 -9.14 11.76
CA ALA A 86 7.26 -9.52 10.74
C ALA A 86 6.58 -9.69 9.38
N LYS A 87 7.24 -9.28 8.33
CA LYS A 87 6.63 -9.42 6.96
C LYS A 87 6.84 -10.85 6.47
N LEU A 88 5.85 -11.43 5.85
CA LEU A 88 5.99 -12.82 5.35
C LEU A 88 7.18 -12.90 4.39
N GLN A 89 7.39 -11.87 3.61
CA GLN A 89 8.54 -11.89 2.66
C GLN A 89 9.14 -10.48 2.55
N MET A 1 11.37 -2.27 7.05
CA MET A 1 10.06 -2.83 6.61
C MET A 1 9.14 -3.01 7.82
N GLN A 2 8.63 -1.94 8.35
CA GLN A 2 7.72 -2.05 9.52
C GLN A 2 6.30 -2.25 9.01
N HIS A 3 5.65 -3.31 9.42
CA HIS A 3 4.27 -3.56 8.93
C HIS A 3 4.27 -3.56 7.41
N ALA A 4 5.43 -3.68 6.82
CA ALA A 4 5.52 -3.66 5.33
C ALA A 4 4.81 -4.89 4.75
N SER A 5 4.94 -6.03 5.38
CA SER A 5 4.28 -7.25 4.85
C SER A 5 2.75 -7.05 4.81
N VAL A 6 2.20 -6.41 5.80
CA VAL A 6 0.73 -6.19 5.81
C VAL A 6 0.35 -5.28 4.65
N ILE A 7 1.17 -4.32 4.35
CA ILE A 7 0.87 -3.38 3.24
C ILE A 7 0.84 -4.13 1.90
N ALA A 8 1.70 -5.10 1.73
CA ALA A 8 1.72 -5.85 0.43
C ALA A 8 0.40 -6.58 0.24
N GLN A 9 -0.02 -7.34 1.21
CA GLN A 9 -1.32 -8.07 1.07
C GLN A 9 -2.48 -7.07 1.13
N PHE A 10 -2.36 -6.06 1.94
CA PHE A 10 -3.45 -5.05 2.06
C PHE A 10 -3.60 -4.29 0.74
N VAL A 11 -2.52 -3.76 0.22
CA VAL A 11 -2.61 -3.01 -1.06
C VAL A 11 -2.93 -3.97 -2.20
N VAL A 12 -2.32 -5.13 -2.22
CA VAL A 12 -2.60 -6.11 -3.30
C VAL A 12 -4.06 -6.56 -3.21
N GLU A 13 -4.55 -6.76 -2.02
CA GLU A 13 -5.97 -7.21 -1.87
C GLU A 13 -6.90 -6.23 -2.57
N GLU A 14 -6.52 -4.99 -2.68
CA GLU A 14 -7.39 -4.00 -3.35
C GLU A 14 -7.51 -4.38 -4.83
N PHE A 15 -6.51 -5.01 -5.38
CA PHE A 15 -6.55 -5.43 -6.81
C PHE A 15 -5.71 -6.69 -6.99
N LEU A 16 -5.90 -7.68 -6.16
CA LEU A 16 -5.09 -8.92 -6.29
C LEU A 16 -5.64 -9.81 -7.41
N PRO A 17 -4.79 -10.37 -8.22
CA PRO A 17 -5.23 -11.27 -9.33
C PRO A 17 -5.70 -12.62 -8.76
N ASP A 18 -5.61 -13.66 -9.53
CA ASP A 18 -6.03 -14.99 -9.01
C ASP A 18 -4.90 -15.58 -8.16
N VAL A 19 -3.94 -14.76 -7.81
CA VAL A 19 -2.79 -15.25 -7.00
C VAL A 19 -2.82 -14.59 -5.61
N ALA A 20 -2.59 -15.36 -4.58
CA ALA A 20 -2.59 -14.77 -3.21
C ALA A 20 -1.30 -13.96 -3.01
N PRO A 21 -1.36 -12.82 -2.36
CA PRO A 21 -0.13 -12.01 -2.11
C PRO A 21 1.01 -12.85 -1.55
N ALA A 22 0.69 -13.86 -0.80
CA ALA A 22 1.74 -14.74 -0.22
C ALA A 22 2.44 -15.51 -1.35
N ASP A 23 1.78 -15.64 -2.47
CA ASP A 23 2.39 -16.38 -3.61
C ASP A 23 3.01 -15.38 -4.58
N VAL A 24 2.94 -14.12 -4.26
CA VAL A 24 3.53 -13.09 -5.14
C VAL A 24 4.80 -12.55 -4.49
N ASP A 25 5.83 -12.36 -5.24
CA ASP A 25 7.10 -11.86 -4.65
C ASP A 25 6.91 -10.39 -4.24
N VAL A 26 6.66 -10.14 -2.98
CA VAL A 26 6.47 -8.73 -2.52
C VAL A 26 7.73 -7.91 -2.82
N ASP A 27 8.68 -8.50 -3.50
CA ASP A 27 9.93 -7.74 -3.83
C ASP A 27 9.80 -7.18 -5.23
N LEU A 28 8.63 -7.27 -5.81
CA LEU A 28 8.42 -6.74 -7.18
C LEU A 28 7.97 -5.29 -7.11
N ASP A 29 8.49 -4.45 -7.97
CA ASP A 29 8.07 -3.03 -7.94
C ASP A 29 6.58 -2.97 -8.33
N LEU A 30 5.76 -2.44 -7.48
CA LEU A 30 4.32 -2.37 -7.80
C LEU A 30 4.08 -1.34 -8.91
N VAL A 31 5.15 -0.83 -9.50
CA VAL A 31 4.96 0.17 -10.59
C VAL A 31 4.09 -0.44 -11.67
N ASP A 32 4.31 -1.67 -12.00
CA ASP A 32 3.47 -2.32 -13.03
C ASP A 32 2.02 -2.19 -12.59
N ASN A 33 1.79 -2.22 -11.31
CA ASN A 33 0.42 -2.08 -10.76
C ASN A 33 0.12 -0.58 -10.65
N GLY A 34 0.93 0.23 -11.28
CA GLY A 34 0.73 1.71 -11.22
C GLY A 34 -0.75 2.05 -11.36
N VAL A 35 -1.55 1.13 -11.80
CA VAL A 35 -3.00 1.42 -11.93
C VAL A 35 -3.50 1.97 -10.60
N ILE A 36 -3.03 1.41 -9.52
CA ILE A 36 -3.46 1.89 -8.17
C ILE A 36 -2.86 3.26 -7.88
N ASP A 37 -1.76 3.58 -8.50
CA ASP A 37 -1.12 4.90 -8.24
C ASP A 37 -2.04 6.06 -8.64
N SER A 38 -2.85 5.87 -9.65
CA SER A 38 -3.75 6.98 -10.08
C SER A 38 -5.20 6.73 -9.65
N LEU A 39 -5.82 5.71 -10.17
CA LEU A 39 -7.24 5.46 -9.81
C LEU A 39 -7.37 4.94 -8.38
N GLY A 40 -6.64 3.92 -8.04
CA GLY A 40 -6.73 3.36 -6.66
C GLY A 40 -6.16 4.36 -5.64
N LEU A 41 -5.13 5.06 -6.01
CA LEU A 41 -4.51 6.04 -5.07
C LEU A 41 -5.56 7.07 -4.64
N LEU A 42 -6.33 7.55 -5.57
CA LEU A 42 -7.36 8.57 -5.20
C LEU A 42 -8.43 7.94 -4.33
N LYS A 43 -8.90 6.77 -4.67
CA LYS A 43 -9.94 6.11 -3.85
C LYS A 43 -9.40 5.77 -2.46
N VAL A 44 -8.16 5.42 -2.38
CA VAL A 44 -7.57 5.06 -1.06
C VAL A 44 -7.60 6.25 -0.09
N ILE A 45 -7.21 7.41 -0.54
CA ILE A 45 -7.21 8.59 0.37
C ILE A 45 -8.62 8.85 0.90
N ALA A 46 -9.61 8.79 0.04
CA ALA A 46 -11.00 9.04 0.51
C ALA A 46 -11.46 7.93 1.46
N TRP A 47 -11.21 6.70 1.11
CA TRP A 47 -11.64 5.58 1.99
C TRP A 47 -10.69 5.45 3.18
N LEU A 48 -9.42 5.53 2.94
CA LEU A 48 -8.44 5.43 4.06
C LEU A 48 -8.75 6.50 5.10
N GLU A 49 -9.12 7.68 4.67
CA GLU A 49 -9.44 8.76 5.64
C GLU A 49 -10.61 8.32 6.51
N ASP A 50 -11.61 7.72 5.92
CA ASP A 50 -12.78 7.27 6.73
C ASP A 50 -12.35 6.14 7.67
N ARG A 51 -11.53 5.25 7.21
CA ARG A 51 -11.09 4.11 8.08
C ARG A 51 -10.30 4.61 9.30
N PHE A 52 -9.37 5.51 9.11
CA PHE A 52 -8.57 6.00 10.26
C PHE A 52 -8.99 7.42 10.64
N GLY A 53 -9.86 8.03 9.88
CA GLY A 53 -10.28 9.42 10.22
C GLY A 53 -9.12 10.37 9.98
N ILE A 54 -8.32 10.10 8.98
CA ILE A 54 -7.15 10.98 8.70
C ILE A 54 -7.49 11.93 7.55
N ALA A 55 -7.01 13.14 7.61
CA ALA A 55 -7.32 14.12 6.52
C ALA A 55 -6.78 13.59 5.19
N ALA A 56 -7.44 13.92 4.11
CA ALA A 56 -6.98 13.44 2.79
C ALA A 56 -5.56 13.93 2.52
N ASP A 57 -5.20 15.07 3.06
CA ASP A 57 -3.83 15.60 2.82
C ASP A 57 -3.57 15.69 1.33
N ASP A 58 -4.48 16.27 0.59
CA ASP A 58 -4.30 16.39 -0.89
C ASP A 58 -2.84 16.72 -1.21
N VAL A 59 -2.04 15.70 -1.45
CA VAL A 59 -0.61 15.94 -1.78
C VAL A 59 -0.28 15.17 -3.06
N GLU A 60 0.76 15.57 -3.75
CA GLU A 60 1.13 14.85 -5.00
C GLU A 60 2.29 13.89 -4.73
N LEU A 61 2.17 12.66 -5.14
CA LEU A 61 3.26 11.67 -4.91
C LEU A 61 3.93 11.34 -6.25
N SER A 62 5.22 11.20 -6.27
CA SER A 62 5.93 10.87 -7.53
C SER A 62 5.94 9.35 -7.74
N PRO A 63 6.06 8.91 -8.96
CA PRO A 63 6.09 7.46 -9.29
C PRO A 63 7.27 6.73 -8.63
N GLU A 64 8.33 7.45 -8.35
CA GLU A 64 9.51 6.82 -7.70
C GLU A 64 9.12 6.30 -6.31
N HIS A 65 8.20 6.95 -5.67
CA HIS A 65 7.77 6.50 -4.31
C HIS A 65 7.06 5.15 -4.41
N PHE A 66 6.46 4.88 -5.53
CA PHE A 66 5.75 3.57 -5.69
C PHE A 66 6.70 2.56 -6.33
N ARG A 67 7.95 2.89 -6.45
CA ARG A 67 8.92 1.94 -7.07
C ARG A 67 8.88 0.59 -6.34
N SER A 68 8.76 0.61 -5.04
CA SER A 68 8.71 -0.67 -4.29
C SER A 68 7.71 -0.58 -3.13
N ILE A 69 7.16 -1.68 -2.71
CA ILE A 69 6.19 -1.68 -1.59
C ILE A 69 6.84 -1.09 -0.34
N ARG A 70 8.10 -1.37 -0.13
CA ARG A 70 8.79 -0.84 1.09
C ARG A 70 8.77 0.69 1.08
N SER A 71 8.94 1.30 -0.05
CA SER A 71 8.93 2.79 -0.09
C SER A 71 7.59 3.32 0.44
N ILE A 72 6.51 2.71 0.04
CA ILE A 72 5.18 3.17 0.53
C ILE A 72 5.11 2.97 2.04
N ASP A 73 5.65 1.89 2.54
CA ASP A 73 5.61 1.62 4.00
C ASP A 73 6.24 2.80 4.75
N ALA A 74 7.29 3.37 4.22
CA ALA A 74 7.95 4.51 4.91
C ALA A 74 6.97 5.68 4.99
N PHE A 75 6.27 5.96 3.93
CA PHE A 75 5.31 7.10 3.96
C PHE A 75 4.21 6.82 4.98
N VAL A 76 3.63 5.64 4.94
CA VAL A 76 2.56 5.29 5.91
C VAL A 76 3.13 5.23 7.33
N VAL A 77 4.29 4.65 7.49
CA VAL A 77 4.88 4.56 8.84
C VAL A 77 5.18 5.96 9.39
N GLY A 78 5.66 6.84 8.55
CA GLY A 78 5.98 8.21 9.01
C GLY A 78 4.72 8.89 9.57
N ALA A 79 3.58 8.60 9.03
CA ALA A 79 2.34 9.25 9.52
C ALA A 79 1.55 8.29 10.42
N THR A 80 1.36 7.07 9.98
CA THR A 80 0.59 6.10 10.81
C THR A 80 1.39 4.80 10.95
N THR A 81 1.41 4.23 12.12
CA THR A 81 2.16 2.96 12.33
C THR A 81 1.22 1.92 12.98
N PRO A 82 0.52 1.16 12.17
CA PRO A 82 -0.42 0.12 12.68
C PRO A 82 0.29 -1.20 13.03
N PRO A 83 -0.35 -2.02 13.82
CA PRO A 83 0.21 -3.33 14.25
C PRO A 83 0.53 -4.24 13.06
N VAL A 84 1.51 -5.10 13.19
CA VAL A 84 1.86 -5.99 12.06
C VAL A 84 1.27 -7.39 12.29
N GLU A 85 0.67 -7.95 11.28
CA GLU A 85 0.06 -9.30 11.41
C GLU A 85 0.66 -10.21 10.33
N ALA A 86 0.52 -11.50 10.48
CA ALA A 86 1.08 -12.42 9.45
C ALA A 86 0.53 -12.03 8.08
N LYS A 87 1.37 -12.04 7.07
CA LYS A 87 0.90 -11.66 5.70
C LYS A 87 -0.22 -12.60 5.27
N LEU A 88 -0.15 -13.84 5.67
CA LEU A 88 -1.22 -14.81 5.28
C LEU A 88 -2.58 -14.29 5.77
N GLN A 89 -2.61 -13.65 6.91
CA GLN A 89 -3.90 -13.14 7.43
C GLN A 89 -4.27 -11.85 6.69
#